data_7AD2
#
_entry.id   7AD2
#
_cell.length_a   221.984
_cell.length_b   110.763
_cell.length_c   108.590
_cell.angle_alpha   90.000
_cell.angle_beta   117.980
_cell.angle_gamma   90.000
#
_symmetry.space_group_name_H-M   'C 1 2 1'
#
loop_
_entity.id
_entity.type
_entity.pdbx_description
1 polymer 'Linalool dehydratase/isomerase'
2 non-polymer 'MALONATE ION'
3 water water
#
_entity_poly.entity_id   1
_entity_poly.type   'polypeptide(L)'
_entity_poly.pdbx_seq_one_letter_code
;MAELPPGRLATTEDYFAQQAKQAVTPDVMAQLAYMNYIDFISPFYSRGCSFEAWELKHTPQRVIKYSIAFYAYGLASVAL
IDPKLRALAGHDLDIAVSKMKCKRVWTDWEEDGFGTDPIEKENIMYKGHLNLMYGLYQLVTGSRRYEAEHAHLTRIIHDE
IAANPFAGIVCEPDNYFVQCNSVAYLSLWVYDRLHGTDYRAATRAWLDFIQKDLIDPERGAFYLSYHPESGAVKPWISAY
TTAWTLAMVHGMDPAFSERYYPRFKQTFVEVYDEGRKARVRETAGTDDADGGVGLASAFTLLLAREMGDQQLFDQLLNHL
EPPAKPSIVSASLRYEHPGSLLFDELLFLAKVHAGFGALLRMPPPAAKLAGK
;
_entity_poly.pdbx_strand_id   A,B,C,D,E
#
loop_
_chem_comp.id
_chem_comp.type
_chem_comp.name
_chem_comp.formula
MLI non-polymer 'MALONATE ION' 'C3 H2 O4 -2'
#
# COMPACT_ATOMS: atom_id res chain seq x y z
N ALA A 2 -41.14 32.40 10.10
CA ALA A 2 -41.25 33.57 9.18
C ALA A 2 -39.95 34.38 9.12
N GLU A 3 -39.21 34.54 10.22
CA GLU A 3 -37.86 35.16 10.18
C GLU A 3 -36.85 34.04 9.87
N LEU A 4 -35.92 34.28 8.95
CA LEU A 4 -34.85 33.31 8.61
C LEU A 4 -33.72 33.40 9.64
N PRO A 5 -33.51 32.36 10.48
CA PRO A 5 -32.47 32.42 11.52
C PRO A 5 -31.06 32.46 10.93
N PRO A 6 -30.04 32.94 11.69
CA PRO A 6 -28.69 33.06 11.16
C PRO A 6 -28.16 31.69 10.66
N GLY A 7 -27.52 31.68 9.49
CA GLY A 7 -26.90 30.48 8.90
C GLY A 7 -27.91 29.50 8.31
N ARG A 8 -29.21 29.79 8.37
CA ARG A 8 -30.26 28.88 7.83
C ARG A 8 -30.46 29.17 6.34
N LEU A 9 -30.86 28.17 5.57
CA LEU A 9 -31.13 28.33 4.11
C LEU A 9 -32.60 28.67 3.87
N ALA A 10 -33.52 28.14 4.67
CA ALA A 10 -34.97 28.40 4.57
C ALA A 10 -35.61 28.33 5.96
N THR A 11 -36.73 29.02 6.13
CA THR A 11 -37.48 29.04 7.39
C THR A 11 -38.12 27.67 7.61
N THR A 12 -38.37 27.35 8.86
CA THR A 12 -39.15 26.18 9.30
C THR A 12 -40.54 26.27 8.65
N GLU A 13 -41.16 27.44 8.63
CA GLU A 13 -42.46 27.65 7.96
C GLU A 13 -42.39 27.17 6.50
N ASP A 14 -41.32 27.55 5.78
CA ASP A 14 -41.11 27.17 4.35
C ASP A 14 -41.01 25.62 4.24
N TYR A 15 -40.30 24.93 5.12
CA TYR A 15 -40.20 23.44 5.05
C TYR A 15 -41.59 22.81 5.25
N PHE A 16 -42.35 23.31 6.24
CA PHE A 16 -43.65 22.71 6.63
C PHE A 16 -44.71 23.03 5.57
N ALA A 17 -44.50 24.05 4.74
CA ALA A 17 -45.48 24.50 3.73
C ALA A 17 -45.22 23.88 2.36
N GLN A 18 -44.18 23.05 2.21
CA GLN A 18 -43.78 22.53 0.88
C GLN A 18 -44.94 21.78 0.23
N GLN A 19 -45.56 20.85 0.96
CA GLN A 19 -46.62 19.97 0.41
C GLN A 19 -47.83 20.84 0.04
N ALA A 20 -48.26 21.78 0.91
CA ALA A 20 -49.39 22.71 0.62
C ALA A 20 -49.08 23.52 -0.65
N LYS A 21 -47.84 24.00 -0.82
CA LYS A 21 -47.44 24.83 -1.97
C LYS A 21 -47.12 23.95 -3.19
N GLN A 22 -47.03 22.63 -3.03
CA GLN A 22 -46.65 21.64 -4.07
C GLN A 22 -45.32 22.05 -4.72
N ALA A 23 -44.35 22.46 -3.91
CA ALA A 23 -42.98 22.81 -4.38
C ALA A 23 -41.98 22.56 -3.24
N VAL A 24 -40.82 21.99 -3.58
CA VAL A 24 -39.70 21.85 -2.62
C VAL A 24 -39.04 23.23 -2.51
N THR A 25 -38.43 23.55 -1.38
CA THR A 25 -37.66 24.82 -1.22
C THR A 25 -36.46 24.77 -2.16
N PRO A 26 -35.91 25.94 -2.56
CA PRO A 26 -34.70 25.96 -3.37
C PRO A 26 -33.53 25.14 -2.81
N ASP A 27 -33.31 25.11 -1.50
CA ASP A 27 -32.20 24.32 -0.93
C ASP A 27 -32.49 22.82 -1.03
N VAL A 28 -33.74 22.38 -0.91
CA VAL A 28 -34.11 20.95 -1.14
C VAL A 28 -33.82 20.63 -2.62
N MET A 29 -34.23 21.51 -3.54
CA MET A 29 -33.92 21.32 -4.99
C MET A 29 -32.39 21.22 -5.14
N ALA A 30 -31.59 22.03 -4.43
CA ALA A 30 -30.11 22.02 -4.57
C ALA A 30 -29.54 20.70 -4.00
N GLN A 31 -30.16 20.14 -2.96
CA GLN A 31 -29.84 18.80 -2.42
C GLN A 31 -30.10 17.73 -3.50
N LEU A 32 -31.24 17.80 -4.18
CA LEU A 32 -31.59 16.86 -5.27
C LEU A 32 -30.56 17.03 -6.41
N ALA A 33 -30.08 18.24 -6.67
CA ALA A 33 -29.00 18.48 -7.66
C ALA A 33 -27.70 17.80 -7.22
N TYR A 34 -27.29 17.95 -5.96
CA TYR A 34 -26.13 17.20 -5.43
C TYR A 34 -26.36 15.71 -5.74
N MET A 35 -27.58 15.20 -5.49
CA MET A 35 -27.87 13.75 -5.58
C MET A 35 -27.84 13.26 -7.05
N ASN A 36 -28.10 14.13 -8.03
CA ASN A 36 -28.42 13.75 -9.43
C ASN A 36 -27.49 14.34 -10.51
N TYR A 37 -26.76 15.42 -10.26
CA TYR A 37 -26.29 16.34 -11.35
C TYR A 37 -25.01 15.81 -12.02
N ILE A 38 -23.92 15.63 -11.27
CA ILE A 38 -22.57 15.50 -11.84
C ILE A 38 -22.38 14.06 -12.32
N ASP A 39 -21.91 13.92 -13.57
CA ASP A 39 -21.55 12.62 -14.19
C ASP A 39 -20.66 11.78 -13.25
N PHE A 40 -21.04 10.51 -13.07
CA PHE A 40 -20.22 9.43 -12.47
C PHE A 40 -20.15 9.52 -10.94
N ILE A 41 -20.05 10.73 -10.34
CA ILE A 41 -19.74 10.89 -8.89
C ILE A 41 -20.99 11.26 -8.07
N SER A 42 -22.11 11.63 -8.69
CA SER A 42 -23.38 11.88 -7.97
C SER A 42 -23.93 10.53 -7.50
N PRO A 43 -24.49 10.45 -6.26
CA PRO A 43 -24.91 9.16 -5.72
C PRO A 43 -25.96 8.45 -6.58
N PHE A 44 -26.84 9.19 -7.25
CA PHE A 44 -27.96 8.63 -8.07
C PHE A 44 -27.65 8.81 -9.56
N TYR A 45 -26.39 8.65 -9.94
CA TYR A 45 -25.98 8.76 -11.35
C TYR A 45 -26.42 7.50 -12.12
N SER A 46 -26.27 6.31 -11.56
CA SER A 46 -26.62 5.06 -12.30
C SER A 46 -26.98 3.91 -11.37
N ARG A 47 -27.64 2.92 -11.94
CA ARG A 47 -28.03 1.63 -11.30
C ARG A 47 -26.83 0.78 -10.96
N GLY A 48 -25.67 1.04 -11.58
CA GLY A 48 -24.47 0.19 -11.45
C GLY A 48 -23.97 0.11 -10.01
N CYS A 49 -23.09 -0.85 -9.74
CA CYS A 49 -22.48 -1.09 -8.42
C CYS A 49 -21.25 -0.21 -8.28
N SER A 50 -21.44 1.08 -8.53
CA SER A 50 -20.43 2.15 -8.40
C SER A 50 -20.73 2.96 -7.13
N PHE A 51 -19.76 3.18 -6.25
CA PHE A 51 -20.00 3.84 -4.93
C PHE A 51 -19.10 5.05 -4.78
N GLU A 52 -18.71 5.69 -5.89
CA GLU A 52 -17.80 6.87 -5.87
C GLU A 52 -18.34 7.93 -4.93
N ALA A 53 -19.65 8.20 -4.96
CA ALA A 53 -20.26 9.28 -4.16
C ALA A 53 -19.98 9.04 -2.66
N TRP A 54 -20.03 7.79 -2.25
CA TRP A 54 -19.86 7.37 -0.83
C TRP A 54 -18.37 7.33 -0.49
N GLU A 55 -17.51 6.95 -1.45
CA GLU A 55 -16.03 7.00 -1.27
C GLU A 55 -15.65 8.45 -0.98
N LEU A 56 -16.23 9.42 -1.72
CA LEU A 56 -15.83 10.85 -1.62
C LEU A 56 -16.27 11.45 -0.28
N LYS A 57 -17.39 10.99 0.29
CA LYS A 57 -17.94 11.42 1.60
C LYS A 57 -17.33 10.62 2.76
N HIS A 58 -16.49 9.63 2.45
CA HIS A 58 -15.82 8.75 3.45
C HIS A 58 -16.86 7.97 4.26
N THR A 59 -17.96 7.55 3.63
CA THR A 59 -18.98 6.70 4.28
C THR A 59 -18.36 5.36 4.64
N PRO A 60 -18.34 4.97 5.93
CA PRO A 60 -17.94 3.62 6.29
C PRO A 60 -18.83 2.59 5.57
N GLN A 61 -18.25 1.47 5.13
CA GLN A 61 -18.97 0.41 4.38
C GLN A 61 -20.29 0.08 5.10
N ARG A 62 -20.23 -0.13 6.41
CA ARG A 62 -21.38 -0.60 7.24
C ARG A 62 -22.54 0.41 7.19
N VAL A 63 -22.29 1.66 6.83
CA VAL A 63 -23.29 2.76 6.91
C VAL A 63 -23.94 3.00 5.52
N ILE A 64 -23.36 2.48 4.44
CA ILE A 64 -23.85 2.74 3.06
C ILE A 64 -25.33 2.32 2.97
N LYS A 65 -25.71 1.18 3.54
CA LYS A 65 -27.10 0.68 3.44
C LYS A 65 -28.06 1.71 4.06
N TYR A 66 -27.66 2.37 5.16
CA TYR A 66 -28.49 3.38 5.88
C TYR A 66 -28.55 4.66 5.05
N SER A 67 -27.45 5.06 4.42
CA SER A 67 -27.40 6.27 3.55
C SER A 67 -28.38 6.12 2.41
N ILE A 68 -28.36 4.97 1.75
CA ILE A 68 -29.26 4.69 0.60
C ILE A 68 -30.71 4.76 1.11
N ALA A 69 -31.00 4.07 2.20
CA ALA A 69 -32.39 3.95 2.71
C ALA A 69 -32.88 5.35 3.05
N PHE A 70 -32.11 6.13 3.80
CA PHE A 70 -32.58 7.46 4.28
C PHE A 70 -32.78 8.38 3.07
N TYR A 71 -31.93 8.31 2.05
CA TYR A 71 -32.16 9.02 0.76
C TYR A 71 -33.49 8.56 0.15
N ALA A 72 -33.71 7.25 0.09
CA ALA A 72 -34.96 6.68 -0.48
C ALA A 72 -36.16 7.23 0.30
N TYR A 73 -36.08 7.33 1.62
CA TYR A 73 -37.24 7.77 2.44
C TYR A 73 -37.55 9.23 2.10
N GLY A 74 -36.54 10.06 1.91
CA GLY A 74 -36.69 11.48 1.51
C GLY A 74 -37.29 11.58 0.11
N LEU A 75 -36.82 10.75 -0.80
CA LEU A 75 -37.31 10.77 -2.21
C LEU A 75 -38.81 10.46 -2.23
N ALA A 76 -39.30 9.57 -1.36
CA ALA A 76 -40.73 9.17 -1.31
C ALA A 76 -41.57 10.42 -0.94
N SER A 77 -41.11 11.25 -0.01
CA SER A 77 -41.81 12.50 0.37
C SER A 77 -41.73 13.55 -0.76
N VAL A 78 -40.59 13.65 -1.44
CA VAL A 78 -40.46 14.54 -2.64
C VAL A 78 -41.58 14.22 -3.63
N ALA A 79 -41.86 12.93 -3.88
CA ALA A 79 -42.90 12.45 -4.82
C ALA A 79 -44.27 13.01 -4.42
N LEU A 80 -44.50 13.11 -3.11
CA LEU A 80 -45.78 13.52 -2.51
C LEU A 80 -45.86 15.06 -2.53
N ILE A 81 -44.74 15.76 -2.35
CA ILE A 81 -44.71 17.24 -2.32
C ILE A 81 -44.97 17.81 -3.73
N ASP A 82 -44.22 17.38 -4.74
CA ASP A 82 -44.29 18.01 -6.09
C ASP A 82 -44.49 16.95 -7.15
N PRO A 83 -45.71 16.87 -7.73
CA PRO A 83 -46.01 15.92 -8.80
C PRO A 83 -45.05 16.00 -9.98
N LYS A 84 -44.51 17.19 -10.25
CA LYS A 84 -43.54 17.47 -11.34
C LYS A 84 -42.21 16.75 -11.07
N LEU A 85 -41.88 16.45 -9.81
CA LEU A 85 -40.62 15.76 -9.44
C LEU A 85 -40.90 14.28 -9.16
N ARG A 86 -42.13 13.81 -9.32
CA ARG A 86 -42.50 12.42 -8.92
C ARG A 86 -41.73 11.44 -9.81
N ALA A 87 -41.63 11.70 -11.10
CA ALA A 87 -40.93 10.82 -12.05
C ALA A 87 -39.44 10.76 -11.68
N LEU A 88 -38.82 11.90 -11.38
CA LEU A 88 -37.41 11.96 -10.91
C LEU A 88 -37.24 11.16 -9.61
N ALA A 89 -38.13 11.35 -8.64
CA ALA A 89 -38.09 10.59 -7.37
C ALA A 89 -38.19 9.08 -7.68
N GLY A 90 -39.09 8.68 -8.59
CA GLY A 90 -39.26 7.28 -9.01
C GLY A 90 -37.96 6.70 -9.57
N HIS A 91 -37.32 7.45 -10.46
CA HIS A 91 -36.04 7.09 -11.09
C HIS A 91 -34.95 6.91 -10.03
N ASP A 92 -34.85 7.85 -9.09
CA ASP A 92 -33.83 7.80 -8.01
C ASP A 92 -34.09 6.56 -7.15
N LEU A 93 -35.36 6.24 -6.86
CA LEU A 93 -35.74 5.09 -6.00
C LEU A 93 -35.39 3.79 -6.71
N ASP A 94 -35.55 3.74 -8.04
CA ASP A 94 -35.11 2.58 -8.88
C ASP A 94 -33.61 2.35 -8.66
N ILE A 95 -32.81 3.42 -8.76
CA ILE A 95 -31.34 3.38 -8.54
C ILE A 95 -31.07 2.97 -7.09
N ALA A 96 -31.81 3.53 -6.13
CA ALA A 96 -31.60 3.23 -4.70
C ALA A 96 -31.76 1.71 -4.49
N VAL A 97 -32.83 1.13 -5.05
CA VAL A 97 -33.10 -0.33 -4.91
C VAL A 97 -31.96 -1.10 -5.61
N SER A 98 -31.56 -0.72 -6.82
CA SER A 98 -30.49 -1.42 -7.57
C SER A 98 -29.21 -1.41 -6.72
N LYS A 99 -28.82 -0.23 -6.24
CA LYS A 99 -27.53 -0.09 -5.51
C LYS A 99 -27.60 -0.87 -4.20
N MET A 100 -28.76 -0.89 -3.54
CA MET A 100 -28.96 -1.54 -2.23
C MET A 100 -28.63 -3.03 -2.36
N LYS A 101 -28.81 -3.59 -3.54
CA LYS A 101 -28.58 -5.04 -3.81
C LYS A 101 -27.10 -5.32 -4.14
N CYS A 102 -26.27 -4.29 -4.34
CA CYS A 102 -24.84 -4.49 -4.67
C CYS A 102 -24.11 -5.09 -3.48
N LYS A 103 -23.16 -6.00 -3.72
CA LYS A 103 -22.43 -6.74 -2.65
C LYS A 103 -21.75 -5.76 -1.69
N ARG A 104 -21.22 -4.64 -2.18
CA ARG A 104 -20.53 -3.61 -1.37
C ARG A 104 -21.42 -3.17 -0.20
N VAL A 105 -22.73 -3.16 -0.40
CA VAL A 105 -23.71 -2.70 0.62
C VAL A 105 -23.87 -3.76 1.72
N TRP A 106 -23.90 -5.05 1.40
CA TRP A 106 -24.25 -6.12 2.37
C TRP A 106 -23.04 -6.99 2.75
N THR A 107 -21.85 -6.73 2.18
CA THR A 107 -20.64 -7.58 2.32
C THR A 107 -20.29 -7.80 3.80
N ASP A 108 -20.58 -6.85 4.69
CA ASP A 108 -20.33 -6.99 6.15
C ASP A 108 -20.94 -8.30 6.68
N TRP A 109 -22.11 -8.69 6.17
CA TRP A 109 -22.85 -9.90 6.62
C TRP A 109 -21.96 -11.13 6.45
N GLU A 110 -21.44 -11.32 5.23
CA GLU A 110 -20.50 -12.44 4.91
C GLU A 110 -19.18 -12.28 5.69
N GLU A 111 -18.57 -11.10 5.67
CA GLU A 111 -17.20 -10.89 6.24
C GLU A 111 -17.22 -11.12 7.77
N ASP A 112 -18.33 -10.81 8.46
CA ASP A 112 -18.46 -11.08 9.91
C ASP A 112 -18.64 -12.59 10.17
N GLY A 113 -18.89 -13.37 9.12
CA GLY A 113 -19.04 -14.83 9.21
C GLY A 113 -20.48 -15.27 9.41
N PHE A 114 -21.47 -14.41 9.13
CA PHE A 114 -22.90 -14.66 9.45
C PHE A 114 -23.62 -15.38 8.29
N GLY A 115 -23.05 -15.38 7.09
CA GLY A 115 -23.58 -16.17 5.96
C GLY A 115 -23.34 -15.50 4.62
N THR A 116 -23.56 -16.25 3.54
CA THR A 116 -23.31 -15.82 2.14
C THR A 116 -24.57 -15.16 1.56
N ASP A 117 -25.74 -15.39 2.17
CA ASP A 117 -27.03 -14.86 1.64
C ASP A 117 -27.55 -13.83 2.64
N PRO A 118 -27.61 -12.52 2.27
CA PRO A 118 -27.96 -11.48 3.24
C PRO A 118 -29.46 -11.36 3.57
N ILE A 119 -30.32 -12.13 2.90
CA ILE A 119 -31.81 -12.07 3.00
C ILE A 119 -32.34 -13.31 3.76
N GLU A 120 -31.64 -14.44 3.66
CA GLU A 120 -32.14 -15.79 4.06
C GLU A 120 -32.75 -15.73 5.47
N LYS A 121 -32.02 -15.19 6.44
CA LYS A 121 -32.46 -15.13 7.86
C LYS A 121 -31.71 -14.00 8.55
N GLU A 122 -32.27 -13.47 9.64
CA GLU A 122 -31.64 -12.42 10.49
C GLU A 122 -31.37 -11.17 9.64
N ASN A 123 -30.38 -10.35 10.01
CA ASN A 123 -29.89 -9.23 9.18
C ASN A 123 -31.06 -8.29 8.84
N ILE A 124 -31.97 -8.05 9.79
CA ILE A 124 -33.15 -7.18 9.56
C ILE A 124 -32.67 -5.75 9.29
N MET A 125 -31.50 -5.36 9.85
CA MET A 125 -30.85 -4.04 9.60
C MET A 125 -30.69 -3.79 8.09
N TYR A 126 -30.46 -4.84 7.29
CA TYR A 126 -30.32 -4.71 5.81
C TYR A 126 -31.69 -4.94 5.13
N LYS A 127 -32.32 -6.08 5.37
CA LYS A 127 -33.46 -6.53 4.54
C LYS A 127 -34.75 -5.80 4.92
N GLY A 128 -34.84 -5.27 6.14
CA GLY A 128 -35.98 -4.40 6.51
C GLY A 128 -35.98 -3.15 5.65
N HIS A 129 -34.84 -2.46 5.53
CA HIS A 129 -34.69 -1.25 4.69
C HIS A 129 -34.99 -1.63 3.24
N LEU A 130 -34.41 -2.72 2.74
CA LEU A 130 -34.62 -3.14 1.34
C LEU A 130 -36.12 -3.36 1.11
N ASN A 131 -36.79 -4.03 2.03
CA ASN A 131 -38.22 -4.36 1.85
C ASN A 131 -39.04 -3.05 1.87
N LEU A 132 -38.69 -2.11 2.74
CA LEU A 132 -39.44 -0.84 2.78
C LEU A 132 -39.19 -0.09 1.46
N MET A 133 -37.96 -0.12 0.97
CA MET A 133 -37.57 0.55 -0.31
C MET A 133 -38.30 -0.09 -1.50
N TYR A 134 -38.46 -1.42 -1.55
CA TYR A 134 -39.27 -2.10 -2.60
C TYR A 134 -40.67 -1.48 -2.61
N GLY A 135 -41.27 -1.31 -1.44
CA GLY A 135 -42.64 -0.80 -1.29
C GLY A 135 -42.77 0.65 -1.72
N LEU A 136 -41.89 1.52 -1.20
CA LEU A 136 -41.91 2.98 -1.49
C LEU A 136 -41.68 3.19 -3.00
N TYR A 137 -40.78 2.42 -3.62
CA TYR A 137 -40.53 2.49 -5.08
C TYR A 137 -41.87 2.26 -5.80
N GLN A 138 -42.60 1.22 -5.38
CA GLN A 138 -43.84 0.81 -6.09
C GLN A 138 -44.94 1.83 -5.83
N LEU A 139 -45.01 2.38 -4.62
CA LEU A 139 -46.03 3.42 -4.29
C LEU A 139 -45.79 4.66 -5.16
N VAL A 140 -44.54 5.06 -5.36
CA VAL A 140 -44.21 6.30 -6.08
C VAL A 140 -44.47 6.10 -7.59
N THR A 141 -44.07 4.95 -8.15
CA THR A 141 -43.93 4.73 -9.60
C THR A 141 -45.13 4.00 -10.17
N GLY A 142 -45.79 3.11 -9.40
CA GLY A 142 -46.76 2.17 -9.98
C GLY A 142 -46.10 0.99 -10.71
N SER A 143 -44.78 0.91 -10.74
CA SER A 143 -44.02 -0.17 -11.44
C SER A 143 -43.95 -1.47 -10.61
N ARG A 144 -44.12 -2.61 -11.27
CA ARG A 144 -43.98 -3.98 -10.73
C ARG A 144 -42.58 -4.56 -10.94
N ARG A 145 -41.63 -3.72 -11.36
CA ARG A 145 -40.23 -4.10 -11.65
C ARG A 145 -39.68 -5.05 -10.57
N TYR A 146 -39.92 -4.75 -9.28
CA TYR A 146 -39.33 -5.46 -8.13
C TYR A 146 -40.40 -6.28 -7.38
N GLU A 147 -41.61 -6.41 -7.89
CA GLU A 147 -42.73 -6.98 -7.12
C GLU A 147 -42.45 -8.44 -6.76
N ALA A 148 -41.87 -9.23 -7.68
CA ALA A 148 -41.55 -10.65 -7.42
C ALA A 148 -40.62 -10.71 -6.22
N GLU A 149 -39.58 -9.86 -6.18
CA GLU A 149 -38.60 -9.82 -5.06
C GLU A 149 -39.29 -9.31 -3.78
N HIS A 150 -40.18 -8.34 -3.92
CA HIS A 150 -40.94 -7.71 -2.81
C HIS A 150 -41.84 -8.77 -2.15
N ALA A 151 -42.57 -9.54 -2.95
CA ALA A 151 -43.48 -10.61 -2.50
C ALA A 151 -42.68 -11.64 -1.72
N HIS A 152 -41.49 -11.98 -2.20
CA HIS A 152 -40.60 -13.01 -1.62
C HIS A 152 -40.08 -12.50 -0.27
N LEU A 153 -39.51 -11.30 -0.25
CA LEU A 153 -38.83 -10.75 0.96
C LEU A 153 -39.87 -10.52 2.06
N THR A 154 -41.05 -10.02 1.69
CA THR A 154 -42.16 -9.76 2.66
C THR A 154 -42.51 -11.07 3.37
N ARG A 155 -42.58 -12.18 2.61
CA ARG A 155 -42.95 -13.51 3.15
C ARG A 155 -41.80 -14.05 4.03
N ILE A 156 -40.54 -13.85 3.65
CA ILE A 156 -39.40 -14.26 4.52
C ILE A 156 -39.52 -13.56 5.87
N ILE A 157 -39.77 -12.26 5.85
CA ILE A 157 -39.89 -11.42 7.07
C ILE A 157 -41.07 -11.90 7.91
N HIS A 158 -42.25 -12.04 7.31
CA HIS A 158 -43.46 -12.55 8.00
C HIS A 158 -43.16 -13.92 8.64
N ASP A 159 -42.54 -14.83 7.91
CA ASP A 159 -42.29 -16.22 8.37
C ASP A 159 -41.31 -16.18 9.55
N GLU A 160 -40.30 -15.32 9.49
CA GLU A 160 -39.24 -15.29 10.54
C GLU A 160 -39.83 -14.71 11.84
N ILE A 161 -40.66 -13.68 11.75
CA ILE A 161 -41.45 -13.14 12.89
C ILE A 161 -42.25 -14.29 13.51
N ALA A 162 -43.03 -15.00 12.70
CA ALA A 162 -43.97 -16.05 13.16
C ALA A 162 -43.19 -17.19 13.84
N ALA A 163 -41.97 -17.49 13.39
CA ALA A 163 -41.13 -18.59 13.93
C ALA A 163 -40.42 -18.17 15.23
N ASN A 164 -40.26 -16.88 15.52
CA ASN A 164 -39.47 -16.43 16.69
C ASN A 164 -40.34 -16.40 17.95
N PRO A 165 -39.76 -16.78 19.11
CA PRO A 165 -40.46 -16.69 20.40
C PRO A 165 -40.65 -15.26 20.93
N PHE A 166 -39.81 -14.32 20.50
CA PHE A 166 -39.94 -12.87 20.76
C PHE A 166 -40.62 -12.27 19.52
N ALA A 167 -41.30 -11.13 19.66
CA ALA A 167 -41.91 -10.43 18.50
C ALA A 167 -40.82 -9.69 17.72
N GLY A 168 -40.45 -10.20 16.54
CA GLY A 168 -39.57 -9.48 15.59
C GLY A 168 -38.44 -10.36 15.07
N ILE A 169 -37.38 -9.72 14.59
CA ILE A 169 -36.22 -10.36 13.90
C ILE A 169 -34.94 -9.71 14.43
N VAL A 170 -33.87 -10.51 14.53
CA VAL A 170 -32.52 -10.03 14.96
C VAL A 170 -31.78 -9.40 13.77
N CYS A 171 -30.74 -8.63 14.09
CA CYS A 171 -29.73 -8.12 13.13
C CYS A 171 -28.61 -9.16 13.02
N GLU A 172 -27.43 -8.90 13.57
CA GLU A 172 -26.45 -9.96 13.89
C GLU A 172 -27.20 -11.04 14.68
N PRO A 173 -26.76 -12.31 14.60
CA PRO A 173 -27.32 -13.34 15.47
C PRO A 173 -27.31 -12.86 16.94
N ASP A 174 -28.46 -12.97 17.58
CA ASP A 174 -28.67 -12.73 19.03
C ASP A 174 -28.61 -11.23 19.37
N ASN A 175 -28.69 -10.34 18.37
CA ASN A 175 -28.78 -8.87 18.58
C ASN A 175 -30.12 -8.33 18.08
N TYR A 176 -31.00 -7.94 19.00
CA TYR A 176 -32.34 -7.39 18.70
C TYR A 176 -32.32 -5.88 18.97
N PHE A 177 -32.70 -5.12 17.96
CA PHE A 177 -32.77 -3.65 17.96
C PHE A 177 -34.17 -3.22 17.58
N VAL A 178 -34.81 -2.43 18.42
CA VAL A 178 -36.21 -1.97 18.17
C VAL A 178 -36.24 -1.09 16.90
N GLN A 179 -35.20 -0.31 16.62
CA GLN A 179 -35.22 0.64 15.48
C GLN A 179 -35.20 -0.14 14.17
N CYS A 180 -34.45 -1.24 14.09
CA CYS A 180 -34.34 -2.08 12.88
C CYS A 180 -35.65 -2.84 12.67
N ASN A 181 -36.29 -3.27 13.74
CA ASN A 181 -37.63 -3.93 13.65
C ASN A 181 -38.69 -2.93 13.15
N SER A 182 -38.63 -1.68 13.60
CA SER A 182 -39.66 -0.66 13.27
C SER A 182 -39.69 -0.51 11.74
N VAL A 183 -38.53 -0.56 11.09
CA VAL A 183 -38.40 -0.51 9.61
C VAL A 183 -39.08 -1.74 9.00
N ALA A 184 -38.77 -2.94 9.48
CA ALA A 184 -39.37 -4.21 8.99
C ALA A 184 -40.90 -4.16 9.10
N TYR A 185 -41.45 -3.86 10.26
CA TYR A 185 -42.92 -3.78 10.46
C TYR A 185 -43.50 -2.70 9.51
N LEU A 186 -42.86 -1.54 9.36
CA LEU A 186 -43.43 -0.50 8.47
C LEU A 186 -43.48 -1.07 7.05
N SER A 187 -42.47 -1.85 6.64
CA SER A 187 -42.42 -2.47 5.29
C SER A 187 -43.66 -3.35 5.08
N LEU A 188 -44.19 -3.99 6.13
CA LEU A 188 -45.36 -4.88 6.04
C LEU A 188 -46.60 -4.02 5.80
N TRP A 189 -46.69 -2.83 6.42
CA TRP A 189 -47.83 -1.90 6.20
C TRP A 189 -47.82 -1.46 4.74
N VAL A 190 -46.65 -1.16 4.20
CA VAL A 190 -46.54 -0.69 2.79
C VAL A 190 -46.95 -1.84 1.85
N TYR A 191 -46.46 -3.07 2.07
CA TYR A 191 -46.83 -4.25 1.26
C TYR A 191 -48.35 -4.43 1.31
N ASP A 192 -48.96 -4.36 2.50
CA ASP A 192 -50.44 -4.49 2.67
C ASP A 192 -51.17 -3.40 1.89
N ARG A 193 -50.68 -2.17 1.90
CA ARG A 193 -51.35 -1.07 1.17
C ARG A 193 -51.33 -1.40 -0.33
N LEU A 194 -50.26 -1.98 -0.83
CA LEU A 194 -50.10 -2.26 -2.28
C LEU A 194 -50.91 -3.50 -2.68
N HIS A 195 -51.14 -4.45 -1.77
CA HIS A 195 -51.56 -5.83 -2.13
C HIS A 195 -52.87 -6.26 -1.45
N GLY A 196 -53.39 -5.50 -0.48
CA GLY A 196 -54.65 -5.83 0.21
C GLY A 196 -54.48 -6.98 1.19
N THR A 197 -53.24 -7.27 1.61
CA THR A 197 -52.90 -8.38 2.52
C THR A 197 -53.01 -7.88 3.96
N ASP A 198 -52.71 -8.74 4.95
CA ASP A 198 -52.79 -8.42 6.40
C ASP A 198 -51.48 -8.79 7.11
N TYR A 199 -50.32 -8.64 6.48
CA TYR A 199 -49.01 -8.90 7.12
C TYR A 199 -48.82 -7.97 8.34
N ARG A 200 -49.43 -6.78 8.29
CA ARG A 200 -49.29 -5.76 9.35
C ARG A 200 -49.95 -6.20 10.65
N ALA A 201 -50.75 -7.28 10.63
CA ALA A 201 -51.46 -7.77 11.83
C ALA A 201 -50.45 -8.13 12.94
N ALA A 202 -49.23 -8.51 12.58
CA ALA A 202 -48.17 -8.88 13.55
C ALA A 202 -47.71 -7.67 14.38
N THR A 203 -48.06 -6.45 13.98
CA THR A 203 -47.58 -5.20 14.63
C THR A 203 -48.06 -5.12 16.08
N ARG A 204 -49.30 -5.48 16.38
CA ARG A 204 -49.89 -5.35 17.75
C ARG A 204 -49.01 -6.10 18.75
N ALA A 205 -48.71 -7.37 18.48
CA ALA A 205 -47.88 -8.22 19.35
C ALA A 205 -46.49 -7.56 19.50
N TRP A 206 -45.96 -6.97 18.44
CA TRP A 206 -44.63 -6.28 18.48
C TRP A 206 -44.69 -5.08 19.43
N LEU A 207 -45.67 -4.21 19.29
CA LEU A 207 -45.84 -3.00 20.13
C LEU A 207 -46.04 -3.42 21.60
N ASP A 208 -46.74 -4.51 21.86
CA ASP A 208 -46.91 -5.05 23.24
C ASP A 208 -45.54 -5.51 23.78
N PHE A 209 -44.76 -6.23 22.97
CA PHE A 209 -43.44 -6.78 23.36
C PHE A 209 -42.47 -5.64 23.69
N ILE A 210 -42.35 -4.64 22.83
CA ILE A 210 -41.30 -3.59 23.00
C ILE A 210 -41.65 -2.71 24.22
N GLN A 211 -42.91 -2.70 24.68
CA GLN A 211 -43.34 -1.89 25.84
C GLN A 211 -43.06 -2.60 27.16
N LYS A 212 -42.62 -3.85 27.15
CA LYS A 212 -42.22 -4.59 28.39
C LYS A 212 -40.77 -4.23 28.71
N ASP A 213 -39.83 -5.15 28.53
CA ASP A 213 -38.45 -4.97 29.06
C ASP A 213 -37.68 -3.96 28.21
N LEU A 214 -38.14 -3.65 26.97
CA LEU A 214 -37.30 -2.85 26.03
C LEU A 214 -37.51 -1.35 26.20
N ILE A 215 -38.52 -0.90 26.94
CA ILE A 215 -38.75 0.58 27.15
C ILE A 215 -38.68 0.91 28.64
N ASP A 216 -38.21 2.12 28.96
CA ASP A 216 -38.48 2.80 30.25
C ASP A 216 -39.66 3.71 30.02
N PRO A 217 -40.89 3.33 30.42
CA PRO A 217 -42.09 4.09 30.07
C PRO A 217 -42.10 5.48 30.70
N GLU A 218 -41.48 5.64 31.89
CA GLU A 218 -41.45 6.93 32.62
C GLU A 218 -40.60 7.92 31.82
N ARG A 219 -39.47 7.47 31.27
CA ARG A 219 -38.52 8.35 30.53
C ARG A 219 -38.87 8.37 29.03
N GLY A 220 -39.80 7.54 28.56
CA GLY A 220 -40.21 7.47 27.15
C GLY A 220 -39.02 7.10 26.26
N ALA A 221 -38.20 6.15 26.70
CA ALA A 221 -36.91 5.85 26.04
C ALA A 221 -36.69 4.33 25.97
N PHE A 222 -36.24 3.86 24.81
CA PHE A 222 -35.88 2.44 24.59
C PHE A 222 -34.46 2.20 25.08
N TYR A 223 -34.26 0.99 25.63
CA TYR A 223 -32.92 0.45 25.94
C TYR A 223 -32.21 0.18 24.62
N LEU A 224 -30.88 0.13 24.69
CA LEU A 224 -30.00 0.01 23.50
C LEU A 224 -30.39 -1.22 22.65
N SER A 225 -30.58 -2.37 23.26
CA SER A 225 -30.73 -3.66 22.56
C SER A 225 -31.17 -4.76 23.52
N TYR A 226 -31.68 -5.85 22.95
CA TYR A 226 -32.16 -7.08 23.63
C TYR A 226 -31.43 -8.27 23.00
N HIS A 227 -31.11 -9.29 23.81
CA HIS A 227 -30.26 -10.43 23.39
C HIS A 227 -30.97 -11.71 23.82
N PRO A 228 -31.78 -12.32 22.91
CA PRO A 228 -32.68 -13.41 23.28
C PRO A 228 -32.04 -14.60 24.00
N GLU A 229 -30.83 -15.00 23.61
CA GLU A 229 -30.13 -16.19 24.19
C GLU A 229 -30.02 -16.02 25.72
N SER A 230 -29.56 -14.86 26.19
CA SER A 230 -29.39 -14.54 27.64
C SER A 230 -30.69 -13.96 28.21
N GLY A 231 -31.54 -13.39 27.36
CA GLY A 231 -32.64 -12.48 27.72
C GLY A 231 -32.15 -11.13 28.22
N ALA A 232 -30.86 -10.81 28.06
CA ALA A 232 -30.29 -9.55 28.61
C ALA A 232 -30.85 -8.38 27.81
N VAL A 233 -31.17 -7.30 28.50
CA VAL A 233 -31.42 -5.96 27.92
C VAL A 233 -30.28 -5.05 28.37
N LYS A 234 -29.53 -4.46 27.44
CA LYS A 234 -28.41 -3.55 27.82
C LYS A 234 -29.03 -2.43 28.64
N PRO A 235 -28.47 -2.13 29.83
CA PRO A 235 -29.11 -1.21 30.76
C PRO A 235 -28.93 0.28 30.48
N TRP A 236 -28.61 0.69 29.25
CA TRP A 236 -28.52 2.13 28.87
C TRP A 236 -29.67 2.47 27.92
N ILE A 237 -30.36 3.58 28.18
CA ILE A 237 -31.36 4.14 27.23
C ILE A 237 -30.60 4.93 26.16
N SER A 238 -31.17 4.97 24.95
CA SER A 238 -30.58 5.58 23.73
C SER A 238 -31.56 6.53 23.06
N ALA A 239 -31.16 7.79 22.90
CA ALA A 239 -31.99 8.84 22.30
C ALA A 239 -32.15 8.58 20.78
N TYR A 240 -31.07 8.30 20.05
CA TYR A 240 -31.18 8.08 18.58
C TYR A 240 -32.05 6.84 18.32
N THR A 241 -31.88 5.78 19.09
CA THR A 241 -32.71 4.54 19.01
C THR A 241 -34.18 4.94 19.17
N THR A 242 -34.49 5.73 20.19
CA THR A 242 -35.89 6.13 20.55
C THR A 242 -36.47 7.05 19.47
N ALA A 243 -35.73 8.07 19.04
CA ALA A 243 -36.22 9.07 18.06
C ALA A 243 -36.60 8.36 16.76
N TRP A 244 -35.72 7.50 16.27
CA TRP A 244 -35.95 6.75 15.01
C TRP A 244 -37.18 5.84 15.20
N THR A 245 -37.23 5.06 16.29
CA THR A 245 -38.31 4.08 16.52
C THR A 245 -39.64 4.82 16.66
N LEU A 246 -39.72 5.87 17.49
CA LEU A 246 -40.97 6.65 17.65
C LEU A 246 -41.39 7.25 16.31
N ALA A 247 -40.46 7.69 15.48
CA ALA A 247 -40.81 8.33 14.18
C ALA A 247 -41.57 7.32 13.31
N MET A 248 -41.03 6.11 13.17
CA MET A 248 -41.59 5.09 12.27
C MET A 248 -42.86 4.48 12.89
N VAL A 249 -42.85 4.23 14.18
CA VAL A 249 -44.07 3.71 14.87
C VAL A 249 -45.23 4.70 14.70
N HIS A 250 -44.96 6.02 14.67
CA HIS A 250 -46.01 7.04 14.58
C HIS A 250 -46.84 6.80 13.31
N GLY A 251 -46.22 6.22 12.27
CA GLY A 251 -46.91 5.86 11.02
C GLY A 251 -47.81 4.63 11.14
N MET A 252 -47.65 3.81 12.17
CA MET A 252 -48.39 2.55 12.35
C MET A 252 -49.39 2.69 13.51
N ASP A 253 -48.95 3.23 14.65
CA ASP A 253 -49.75 3.44 15.88
C ASP A 253 -49.42 4.83 16.40
N PRO A 254 -50.08 5.90 15.86
CA PRO A 254 -49.79 7.27 16.26
C PRO A 254 -49.83 7.47 17.79
N ALA A 255 -50.80 6.86 18.48
CA ALA A 255 -51.02 7.02 19.94
C ALA A 255 -49.79 6.57 20.72
N PHE A 256 -49.15 5.46 20.30
CA PHE A 256 -47.93 4.91 20.95
C PHE A 256 -46.87 6.02 21.03
N SER A 257 -46.57 6.63 19.89
CA SER A 257 -45.49 7.65 19.81
C SER A 257 -45.94 8.93 20.52
N GLU A 258 -47.21 9.31 20.42
CA GLU A 258 -47.75 10.51 21.11
C GLU A 258 -47.66 10.34 22.62
N ARG A 259 -47.84 9.13 23.14
CA ARG A 259 -47.76 8.83 24.61
C ARG A 259 -46.33 9.11 25.11
N TYR A 260 -45.30 8.69 24.36
CA TYR A 260 -43.90 8.70 24.86
C TYR A 260 -43.18 9.98 24.47
N TYR A 261 -43.61 10.69 23.42
CA TYR A 261 -42.85 11.82 22.82
C TYR A 261 -42.51 12.87 23.88
N PRO A 262 -43.48 13.36 24.68
CA PRO A 262 -43.17 14.40 25.67
C PRO A 262 -42.13 13.93 26.70
N ARG A 263 -42.20 12.68 27.13
CA ARG A 263 -41.27 12.10 28.13
C ARG A 263 -39.87 11.95 27.51
N PHE A 264 -39.82 11.53 26.24
CA PHE A 264 -38.59 11.49 25.41
C PHE A 264 -37.92 12.85 25.46
N LYS A 265 -38.66 13.93 25.18
CA LYS A 265 -38.10 15.30 25.10
C LYS A 265 -37.57 15.69 26.49
N GLN A 266 -38.33 15.44 27.54
CA GLN A 266 -37.89 15.77 28.92
C GLN A 266 -36.60 15.00 29.22
N THR A 267 -36.52 13.72 28.84
CA THR A 267 -35.35 12.86 29.13
C THR A 267 -34.09 13.39 28.43
N PHE A 268 -34.14 13.77 27.15
CA PHE A 268 -32.94 13.88 26.28
C PHE A 268 -32.70 15.29 25.71
N VAL A 269 -33.74 16.11 25.53
CA VAL A 269 -33.58 17.34 24.70
C VAL A 269 -33.13 18.49 25.58
N GLU A 270 -32.00 19.13 25.23
CA GLU A 270 -31.49 20.32 25.94
C GLU A 270 -31.79 21.53 25.04
N VAL A 271 -32.66 22.42 25.51
CA VAL A 271 -32.91 23.73 24.84
C VAL A 271 -31.80 24.68 25.32
N TYR A 272 -31.21 25.47 24.41
CA TYR A 272 -30.14 26.43 24.78
C TYR A 272 -30.24 27.67 23.87
N ASP A 273 -29.34 28.63 24.09
CA ASP A 273 -29.26 29.89 23.31
C ASP A 273 -30.61 30.62 23.34
N GLU A 274 -31.13 30.86 24.54
CA GLU A 274 -32.33 31.73 24.76
C GLU A 274 -33.53 31.12 24.05
N GLY A 275 -33.61 29.79 23.98
CA GLY A 275 -34.73 29.10 23.33
C GLY A 275 -34.59 28.98 21.82
N ARG A 276 -33.49 29.44 21.21
CA ARG A 276 -33.33 29.47 19.73
C ARG A 276 -32.84 28.12 19.21
N LYS A 277 -32.17 27.33 20.06
CA LYS A 277 -31.46 26.09 19.66
C LYS A 277 -31.78 24.93 20.61
N ALA A 278 -31.54 23.72 20.13
CA ALA A 278 -31.67 22.51 20.95
C ALA A 278 -30.65 21.48 20.50
N ARG A 279 -30.21 20.63 21.44
CA ARG A 279 -29.30 19.52 21.11
C ARG A 279 -29.69 18.35 22.02
N VAL A 280 -29.42 17.13 21.58
CA VAL A 280 -30.01 15.92 22.18
C VAL A 280 -28.89 15.09 22.82
N ARG A 281 -29.01 14.81 24.10
CA ARG A 281 -28.16 13.85 24.82
C ARG A 281 -28.47 12.44 24.31
N GLU A 282 -27.46 11.60 24.08
CA GLU A 282 -27.63 10.21 23.56
C GLU A 282 -28.13 9.25 24.65
N THR A 283 -27.74 9.45 25.93
CA THR A 283 -28.11 8.51 27.02
C THR A 283 -28.32 9.28 28.32
N ALA A 284 -28.73 8.57 29.37
CA ALA A 284 -28.98 9.12 30.73
C ALA A 284 -27.65 9.36 31.45
N GLY A 285 -27.66 10.19 32.48
CA GLY A 285 -26.51 10.44 33.39
C GLY A 285 -25.34 11.13 32.71
N THR A 286 -25.63 12.02 31.76
CA THR A 286 -24.58 12.82 31.08
C THR A 286 -25.17 14.19 30.74
N ASP A 287 -24.32 15.21 30.63
CA ASP A 287 -24.68 16.54 30.08
C ASP A 287 -24.31 16.61 28.59
N ASP A 288 -23.50 15.67 28.12
CA ASP A 288 -22.89 15.68 26.76
C ASP A 288 -23.99 15.44 25.71
N ALA A 289 -24.00 16.23 24.64
CA ALA A 289 -24.92 16.05 23.48
C ALA A 289 -24.31 15.08 22.48
N ASP A 290 -25.15 14.28 21.80
CA ASP A 290 -24.77 13.55 20.58
C ASP A 290 -23.57 12.63 20.81
N GLY A 291 -23.52 11.98 21.98
CA GLY A 291 -22.55 10.88 22.22
C GLY A 291 -22.88 9.64 21.40
N GLY A 292 -22.13 8.56 21.62
CA GLY A 292 -22.30 7.29 20.92
C GLY A 292 -22.11 7.47 19.43
N VAL A 293 -23.08 7.05 18.61
CA VAL A 293 -22.99 7.14 17.13
C VAL A 293 -23.13 8.59 16.68
N GLY A 294 -23.54 9.51 17.55
CA GLY A 294 -23.54 10.96 17.29
C GLY A 294 -24.74 11.40 16.43
N LEU A 295 -25.84 10.67 16.49
CA LEU A 295 -27.00 10.88 15.57
C LEU A 295 -28.27 11.26 16.36
N ALA A 296 -28.19 11.37 17.68
CA ALA A 296 -29.38 11.70 18.49
C ALA A 296 -30.08 12.96 17.95
N SER A 297 -29.35 14.05 17.71
CA SER A 297 -29.95 15.35 17.28
C SER A 297 -30.57 15.21 15.88
N ALA A 298 -29.88 14.53 14.96
CA ALA A 298 -30.33 14.35 13.56
C ALA A 298 -31.60 13.49 13.54
N PHE A 299 -31.66 12.38 14.29
CA PHE A 299 -32.88 11.52 14.32
C PHE A 299 -34.01 12.27 15.03
N THR A 300 -33.71 13.13 16.01
CA THR A 300 -34.75 13.91 16.73
C THR A 300 -35.33 14.96 15.78
N LEU A 301 -34.52 15.49 14.84
CA LEU A 301 -35.01 16.41 13.80
C LEU A 301 -36.08 15.69 12.96
N LEU A 302 -35.80 14.45 12.57
CA LEU A 302 -36.80 13.60 11.87
C LEU A 302 -38.04 13.41 12.77
N LEU A 303 -37.86 13.05 14.05
CA LEU A 303 -39.02 12.79 14.96
C LEU A 303 -39.85 14.06 15.09
N ALA A 304 -39.22 15.22 15.27
CA ALA A 304 -39.92 16.52 15.38
C ALA A 304 -40.81 16.72 14.15
N ARG A 305 -40.24 16.51 12.96
CA ARG A 305 -40.99 16.64 11.69
C ARG A 305 -42.16 15.66 11.70
N GLU A 306 -41.94 14.41 12.02
CA GLU A 306 -42.99 13.34 12.06
C GLU A 306 -44.12 13.76 13.01
N MET A 307 -43.78 14.34 14.16
CA MET A 307 -44.77 14.68 15.20
C MET A 307 -45.34 16.07 14.95
N GLY A 308 -44.84 16.83 13.97
CA GLY A 308 -45.36 18.17 13.62
C GLY A 308 -44.95 19.21 14.65
N ASP A 309 -43.79 19.02 15.27
CA ASP A 309 -43.24 19.89 16.34
C ASP A 309 -42.33 20.92 15.70
N GLN A 310 -42.91 22.00 15.16
CA GLN A 310 -42.15 23.05 14.44
C GLN A 310 -41.14 23.70 15.38
N GLN A 311 -41.49 23.94 16.65
CA GLN A 311 -40.59 24.63 17.59
C GLN A 311 -39.33 23.79 17.77
N LEU A 312 -39.46 22.49 18.07
CA LEU A 312 -38.24 21.64 18.25
C LEU A 312 -37.51 21.47 16.92
N PHE A 313 -38.20 21.29 15.81
CA PHE A 313 -37.55 21.19 14.47
C PHE A 313 -36.65 22.41 14.24
N ASP A 314 -37.19 23.61 14.44
CA ASP A 314 -36.44 24.88 14.24
C ASP A 314 -35.21 24.91 15.15
N GLN A 315 -35.37 24.54 16.42
CA GLN A 315 -34.28 24.59 17.41
C GLN A 315 -33.17 23.63 16.98
N LEU A 316 -33.54 22.41 16.56
CA LEU A 316 -32.54 21.39 16.19
C LEU A 316 -31.83 21.84 14.91
N LEU A 317 -32.57 22.36 13.93
CA LEU A 317 -31.93 22.75 12.64
C LEU A 317 -30.97 23.94 12.88
N ASN A 318 -31.31 24.85 13.79
CA ASN A 318 -30.43 25.99 14.19
C ASN A 318 -29.14 25.46 14.83
N HIS A 319 -29.20 24.32 15.52
CA HIS A 319 -28.03 23.68 16.14
C HIS A 319 -27.21 22.94 15.07
N LEU A 320 -27.88 22.23 14.15
CA LEU A 320 -27.21 21.28 13.24
C LEU A 320 -26.64 21.98 11.99
N GLU A 321 -27.41 22.86 11.36
CA GLU A 321 -27.10 23.32 9.98
C GLU A 321 -26.03 24.42 9.99
N PRO A 322 -26.17 25.53 10.74
CA PRO A 322 -25.20 26.61 10.62
C PRO A 322 -23.73 26.18 10.80
N PRO A 323 -23.35 25.40 11.84
CA PRO A 323 -21.95 25.02 12.04
C PRO A 323 -21.40 24.15 10.90
N ALA A 324 -22.29 23.44 10.18
CA ALA A 324 -21.93 22.58 9.04
C ALA A 324 -21.62 23.41 7.78
N LYS A 325 -21.90 24.71 7.82
CA LYS A 325 -21.53 25.72 6.79
C LYS A 325 -22.03 25.26 5.43
N PRO A 326 -23.35 25.34 5.20
CA PRO A 326 -23.90 25.01 3.88
C PRO A 326 -23.50 26.08 2.85
N SER A 327 -23.27 25.69 1.61
CA SER A 327 -23.31 26.65 0.48
C SER A 327 -23.93 26.00 -0.74
N ILE A 328 -24.54 26.83 -1.57
CA ILE A 328 -25.10 26.43 -2.88
C ILE A 328 -24.20 27.00 -3.97
N VAL A 329 -23.50 26.11 -4.67
CA VAL A 329 -22.55 26.45 -5.76
C VAL A 329 -23.08 25.80 -7.03
N SER A 330 -23.35 26.59 -8.06
CA SER A 330 -23.92 26.10 -9.33
C SER A 330 -25.24 25.34 -9.04
N ALA A 331 -26.07 25.89 -8.14
CA ALA A 331 -27.44 25.43 -7.78
C ALA A 331 -27.41 24.02 -7.15
N SER A 332 -26.30 23.67 -6.51
CA SER A 332 -26.11 22.35 -5.86
C SER A 332 -25.63 22.57 -4.43
N LEU A 333 -26.23 21.88 -3.47
CA LEU A 333 -25.96 22.08 -2.01
C LEU A 333 -24.73 21.27 -1.60
N ARG A 334 -23.84 21.87 -0.81
CA ARG A 334 -22.73 21.17 -0.13
C ARG A 334 -22.60 21.70 1.30
N TYR A 335 -22.14 20.87 2.19
CA TYR A 335 -21.80 21.22 3.59
C TYR A 335 -20.28 21.10 3.74
N GLU A 336 -19.62 22.18 4.16
CA GLU A 336 -18.14 22.17 4.41
C GLU A 336 -17.81 21.29 5.63
N HIS A 337 -18.64 21.30 6.68
CA HIS A 337 -18.34 20.63 7.98
C HIS A 337 -19.52 19.78 8.45
N PRO A 338 -19.86 18.67 7.74
CA PRO A 338 -20.94 17.79 8.19
C PRO A 338 -20.58 17.34 9.60
N GLY A 339 -21.53 17.41 10.53
CA GLY A 339 -21.28 17.20 11.97
C GLY A 339 -21.36 15.74 12.36
N SER A 340 -21.78 14.88 11.45
CA SER A 340 -22.09 13.44 11.76
C SER A 340 -22.04 12.60 10.50
N LEU A 341 -22.10 11.29 10.69
CA LEU A 341 -22.42 10.36 9.58
C LEU A 341 -23.85 10.66 9.14
N LEU A 342 -24.19 10.32 7.92
CA LEU A 342 -25.58 10.40 7.37
C LEU A 342 -26.10 11.83 7.48
N PHE A 343 -25.25 12.85 7.43
CA PHE A 343 -25.63 14.25 7.72
C PHE A 343 -26.53 14.78 6.60
N ASP A 344 -26.05 14.86 5.36
CA ASP A 344 -26.88 15.45 4.26
C ASP A 344 -28.11 14.54 4.05
N GLU A 345 -27.98 13.24 4.26
CA GLU A 345 -29.12 12.27 4.17
C GLU A 345 -30.24 12.62 5.15
N LEU A 346 -29.92 12.75 6.44
CA LEU A 346 -30.94 12.95 7.48
C LEU A 346 -31.47 14.39 7.46
N LEU A 347 -30.65 15.39 7.12
CA LEU A 347 -31.18 16.77 6.99
C LEU A 347 -32.13 16.89 5.81
N PHE A 348 -31.83 16.24 4.67
CA PHE A 348 -32.70 16.11 3.48
C PHE A 348 -34.04 15.49 3.90
N LEU A 349 -33.96 14.31 4.52
CA LEU A 349 -35.16 13.55 4.93
C LEU A 349 -36.04 14.43 5.84
N ALA A 350 -35.46 15.04 6.89
CA ALA A 350 -36.22 15.86 7.87
C ALA A 350 -36.86 17.06 7.18
N LYS A 351 -36.19 17.67 6.20
CA LYS A 351 -36.71 18.87 5.52
C LYS A 351 -37.96 18.53 4.69
N VAL A 352 -38.03 17.34 4.07
CA VAL A 352 -39.12 16.96 3.12
C VAL A 352 -40.17 16.08 3.78
N HIS A 353 -39.86 15.43 4.90
CA HIS A 353 -40.65 14.28 5.41
C HIS A 353 -42.14 14.64 5.58
N ALA A 354 -43.02 13.94 4.88
CA ALA A 354 -44.47 14.21 4.85
C ALA A 354 -45.18 13.39 5.93
N GLY A 355 -44.43 12.54 6.65
CA GLY A 355 -45.01 11.64 7.67
C GLY A 355 -45.16 10.23 7.12
N PHE A 356 -44.79 9.21 7.91
CA PHE A 356 -44.80 7.80 7.45
C PHE A 356 -46.24 7.39 7.12
N GLY A 357 -47.23 7.94 7.85
CA GLY A 357 -48.64 7.63 7.58
C GLY A 357 -49.05 8.15 6.21
N ALA A 358 -48.60 9.35 5.85
CA ALA A 358 -48.91 9.98 4.55
C ALA A 358 -48.23 9.21 3.43
N LEU A 359 -47.04 8.67 3.66
CA LEU A 359 -46.35 7.86 2.62
C LEU A 359 -47.14 6.57 2.37
N LEU A 360 -47.61 5.92 3.42
CA LEU A 360 -48.51 4.74 3.32
C LEU A 360 -49.74 5.04 2.43
N ARG A 361 -50.26 6.25 2.49
CA ARG A 361 -51.53 6.61 1.80
C ARG A 361 -51.24 7.32 0.48
N MET A 362 -49.98 7.31 0.01
CA MET A 362 -49.60 7.99 -1.24
C MET A 362 -50.61 7.62 -2.32
N PRO A 363 -51.30 8.60 -2.93
CA PRO A 363 -52.20 8.31 -4.05
C PRO A 363 -51.40 7.84 -5.25
N PRO A 364 -52.00 7.08 -6.18
CA PRO A 364 -51.29 6.62 -7.37
C PRO A 364 -50.95 7.79 -8.31
N PRO A 365 -50.02 7.56 -9.26
CA PRO A 365 -49.64 8.59 -10.24
C PRO A 365 -50.82 9.15 -11.05
N ALA B 2 -4.34 42.14 -36.28
CA ALA B 2 -5.05 41.76 -35.02
C ALA B 2 -4.06 41.74 -33.84
N GLU B 3 -4.50 42.28 -32.71
CA GLU B 3 -3.64 42.46 -31.51
C GLU B 3 -3.64 41.16 -30.72
N LEU B 4 -2.48 40.71 -30.27
CA LEU B 4 -2.32 39.49 -29.43
C LEU B 4 -2.71 39.82 -27.99
N PRO B 5 -3.82 39.27 -27.45
CA PRO B 5 -4.26 39.60 -26.10
C PRO B 5 -3.29 39.11 -25.03
N PRO B 6 -3.31 39.70 -23.81
CA PRO B 6 -2.34 39.30 -22.78
C PRO B 6 -2.45 37.81 -22.45
N GLY B 7 -1.31 37.13 -22.32
CA GLY B 7 -1.20 35.70 -21.97
C GLY B 7 -1.59 34.76 -23.09
N ARG B 8 -1.97 35.26 -24.27
CA ARG B 8 -2.37 34.41 -25.43
C ARG B 8 -1.11 33.98 -26.22
N LEU B 9 -1.15 32.80 -26.85
CA LEU B 9 -0.04 32.30 -27.69
C LEU B 9 -0.21 32.78 -29.14
N ALA B 10 -1.44 32.87 -29.64
CA ALA B 10 -1.74 33.29 -31.02
C ALA B 10 -3.10 33.98 -31.04
N THR B 11 -3.29 34.89 -32.00
CA THR B 11 -4.54 35.64 -32.16
C THR B 11 -5.64 34.68 -32.63
N THR B 12 -6.87 35.04 -32.35
CA THR B 12 -8.07 34.38 -32.87
C THR B 12 -8.02 34.42 -34.41
N GLU B 13 -7.64 35.56 -35.01
CA GLU B 13 -7.46 35.67 -36.47
C GLU B 13 -6.52 34.56 -36.97
N ASP B 14 -5.40 34.34 -36.28
CA ASP B 14 -4.39 33.31 -36.66
C ASP B 14 -5.02 31.90 -36.60
N TYR B 15 -5.80 31.56 -35.57
CA TYR B 15 -6.46 30.23 -35.50
C TYR B 15 -7.42 30.07 -36.68
N PHE B 16 -8.22 31.09 -36.97
CA PHE B 16 -9.29 31.00 -38.01
C PHE B 16 -8.67 30.98 -39.41
N ALA B 17 -7.43 31.45 -39.56
CA ALA B 17 -6.76 31.55 -40.88
C ALA B 17 -5.90 30.32 -41.20
N GLN B 18 -5.79 29.36 -40.27
CA GLN B 18 -4.91 28.18 -40.44
C GLN B 18 -5.25 27.44 -41.75
N GLN B 19 -6.54 27.12 -42.00
CA GLN B 19 -6.94 26.32 -43.18
C GLN B 19 -6.61 27.11 -44.46
N ALA B 20 -6.96 28.38 -44.53
CA ALA B 20 -6.63 29.27 -45.69
C ALA B 20 -5.11 29.31 -45.93
N LYS B 21 -4.32 29.40 -44.85
CA LYS B 21 -2.84 29.49 -44.96
C LYS B 21 -2.22 28.10 -45.15
N GLN B 22 -2.99 27.02 -44.99
CA GLN B 22 -2.51 25.62 -45.05
C GLN B 22 -1.32 25.42 -44.10
N ALA B 23 -1.40 25.97 -42.89
CA ALA B 23 -0.38 25.80 -41.83
C ALA B 23 -1.05 25.94 -40.46
N VAL B 24 -0.67 25.08 -39.53
CA VAL B 24 -1.08 25.18 -38.10
C VAL B 24 -0.24 26.29 -37.49
N THR B 25 -0.73 26.96 -36.46
CA THR B 25 0.05 27.99 -35.73
C THR B 25 1.20 27.28 -35.01
N PRO B 26 2.30 27.98 -34.70
CA PRO B 26 3.37 27.40 -33.91
C PRO B 26 2.93 26.74 -32.60
N ASP B 27 1.95 27.30 -31.87
CA ASP B 27 1.48 26.67 -30.61
C ASP B 27 0.72 25.37 -30.89
N VAL B 28 -0.04 25.28 -31.99
CA VAL B 28 -0.72 24.01 -32.39
C VAL B 28 0.38 22.98 -32.73
N MET B 29 1.40 23.38 -33.49
CA MET B 29 2.56 22.50 -33.77
C MET B 29 3.17 22.04 -32.43
N ALA B 30 3.32 22.93 -31.43
CA ALA B 30 3.92 22.58 -30.11
C ALA B 30 3.01 21.62 -29.33
N GLN B 31 1.69 21.74 -29.49
CA GLN B 31 0.72 20.77 -28.94
C GLN B 31 0.92 19.40 -29.61
N LEU B 32 1.09 19.36 -30.93
CA LEU B 32 1.35 18.10 -31.67
C LEU B 32 2.68 17.51 -31.16
N ALA B 33 3.66 18.34 -30.84
CA ALA B 33 4.95 17.85 -30.27
C ALA B 33 4.71 17.26 -28.88
N TYR B 34 3.95 17.89 -28.01
CA TYR B 34 3.55 17.28 -26.72
C TYR B 34 2.94 15.91 -27.02
N MET B 35 2.06 15.82 -28.01
CA MET B 35 1.29 14.57 -28.29
C MET B 35 2.20 13.45 -28.83
N ASN B 36 3.32 13.79 -29.48
CA ASN B 36 4.11 12.84 -30.31
C ASN B 36 5.58 12.67 -29.90
N TYR B 37 6.19 13.61 -29.14
CA TYR B 37 7.67 13.78 -29.15
C TYR B 37 8.38 12.78 -28.23
N ILE B 38 8.09 12.80 -26.92
CA ILE B 38 8.97 12.11 -25.94
C ILE B 38 8.66 10.61 -25.93
N ASP B 39 9.71 9.80 -26.03
CA ASP B 39 9.68 8.31 -25.92
C ASP B 39 8.85 7.88 -24.70
N PHE B 40 7.91 6.95 -24.95
CA PHE B 40 7.18 6.13 -23.94
C PHE B 40 6.05 6.93 -23.26
N ILE B 41 6.23 8.22 -22.96
CA ILE B 41 5.28 9.00 -22.10
C ILE B 41 4.40 9.94 -22.93
N SER B 42 4.67 10.16 -24.21
CA SER B 42 3.79 10.99 -25.08
C SER B 42 2.53 10.16 -25.37
N PRO B 43 1.33 10.78 -25.38
CA PRO B 43 0.10 10.00 -25.53
C PRO B 43 0.04 9.19 -26.84
N PHE B 44 0.64 9.68 -27.92
CA PHE B 44 0.61 9.03 -29.26
C PHE B 44 1.98 8.43 -29.59
N TYR B 45 2.64 7.87 -28.57
CA TYR B 45 3.95 7.22 -28.76
C TYR B 45 3.76 5.86 -29.46
N SER B 46 2.77 5.08 -29.08
CA SER B 46 2.61 3.71 -29.65
C SER B 46 1.16 3.23 -29.60
N ARG B 47 0.87 2.22 -30.43
CA ARG B 47 -0.43 1.51 -30.51
C ARG B 47 -0.71 0.70 -29.24
N GLY B 48 0.33 0.42 -28.44
CA GLY B 48 0.23 -0.47 -27.27
C GLY B 48 -0.77 0.01 -26.24
N CYS B 49 -1.13 -0.88 -25.31
CA CYS B 49 -2.06 -0.59 -24.19
C CYS B 49 -1.27 0.02 -23.04
N SER B 50 -0.49 1.04 -23.35
CA SER B 50 0.30 1.85 -22.38
C SER B 50 -0.38 3.21 -22.18
N PHE B 51 -0.64 3.63 -20.94
CA PHE B 51 -1.42 4.87 -20.66
C PHE B 51 -0.62 5.81 -19.74
N GLU B 52 0.70 5.77 -19.83
CA GLU B 52 1.61 6.63 -19.03
C GLU B 52 1.20 8.09 -19.17
N ALA B 53 0.87 8.54 -20.38
CA ALA B 53 0.60 9.97 -20.66
C ALA B 53 -0.58 10.42 -19.80
N TRP B 54 -1.57 9.54 -19.66
CA TRP B 54 -2.82 9.82 -18.93
C TRP B 54 -2.57 9.69 -17.42
N GLU B 55 -1.71 8.77 -17.00
CA GLU B 55 -1.30 8.63 -15.57
C GLU B 55 -0.64 9.96 -15.14
N LEU B 56 0.21 10.54 -16.00
CA LEU B 56 1.01 11.75 -15.64
C LEU B 56 0.11 12.99 -15.54
N LYS B 57 -0.98 13.05 -16.31
CA LYS B 57 -1.99 14.14 -16.29
C LYS B 57 -3.08 13.89 -15.25
N HIS B 58 -3.04 12.75 -14.56
CA HIS B 58 -4.03 12.33 -13.53
C HIS B 58 -5.42 12.22 -14.15
N THR B 59 -5.53 11.76 -15.39
CA THR B 59 -6.85 11.51 -16.05
C THR B 59 -7.56 10.39 -15.32
N PRO B 60 -8.76 10.64 -14.75
CA PRO B 60 -9.57 9.55 -14.21
C PRO B 60 -9.84 8.51 -15.29
N GLN B 61 -9.85 7.22 -14.90
CA GLN B 61 -10.08 6.10 -15.85
C GLN B 61 -11.29 6.41 -16.76
N ARG B 62 -12.41 6.84 -16.17
CA ARG B 62 -13.70 7.02 -16.91
C ARG B 62 -13.57 8.10 -18.00
N VAL B 63 -12.55 8.96 -17.94
CA VAL B 63 -12.41 10.13 -18.85
C VAL B 63 -11.45 9.81 -20.00
N ILE B 64 -10.66 8.72 -19.89
CA ILE B 64 -9.61 8.40 -20.91
C ILE B 64 -10.27 8.29 -22.29
N LYS B 65 -11.44 7.66 -22.40
CA LYS B 65 -12.12 7.43 -23.71
C LYS B 65 -12.42 8.81 -24.34
N TYR B 66 -12.79 9.82 -23.54
CA TYR B 66 -13.15 11.17 -24.04
C TYR B 66 -11.87 11.91 -24.45
N SER B 67 -10.78 11.76 -23.69
CA SER B 67 -9.47 12.37 -24.03
C SER B 67 -9.03 11.88 -25.43
N ILE B 68 -9.08 10.57 -25.64
CA ILE B 68 -8.62 9.96 -26.92
C ILE B 68 -9.50 10.52 -28.03
N ALA B 69 -10.83 10.50 -27.85
CA ALA B 69 -11.78 10.90 -28.92
C ALA B 69 -11.52 12.37 -29.27
N PHE B 70 -11.43 13.24 -28.27
CA PHE B 70 -11.30 14.71 -28.55
C PHE B 70 -9.95 14.96 -29.24
N TYR B 71 -8.89 14.25 -28.86
CA TYR B 71 -7.59 14.31 -29.60
C TYR B 71 -7.82 13.89 -31.07
N ALA B 72 -8.53 12.77 -31.28
CA ALA B 72 -8.81 12.24 -32.63
C ALA B 72 -9.56 13.31 -33.43
N TYR B 73 -10.53 14.00 -32.83
CA TYR B 73 -11.36 14.99 -33.57
C TYR B 73 -10.46 16.15 -34.02
N GLY B 74 -9.54 16.59 -33.17
CA GLY B 74 -8.55 17.63 -33.51
C GLY B 74 -7.61 17.18 -34.62
N LEU B 75 -7.13 15.93 -34.54
CA LEU B 75 -6.19 15.38 -35.53
C LEU B 75 -6.84 15.38 -36.91
N ALA B 76 -8.14 15.12 -37.01
CA ALA B 76 -8.87 15.08 -38.29
C ALA B 76 -8.84 16.47 -38.94
N SER B 77 -8.98 17.54 -38.16
CA SER B 77 -8.91 18.94 -38.65
C SER B 77 -7.45 19.30 -39.04
N VAL B 78 -6.46 18.83 -38.29
CA VAL B 78 -5.03 19.02 -38.66
C VAL B 78 -4.81 18.48 -40.09
N ALA B 79 -5.37 17.30 -40.41
CA ALA B 79 -5.24 16.64 -41.73
C ALA B 79 -5.78 17.57 -42.83
N LEU B 80 -6.84 18.32 -42.51
CA LEU B 80 -7.55 19.21 -43.45
C LEU B 80 -6.77 20.52 -43.58
N ILE B 81 -6.16 21.00 -42.50
CA ILE B 81 -5.41 22.29 -42.49
C ILE B 81 -4.11 22.17 -43.30
N ASP B 82 -3.26 21.18 -43.00
CA ASP B 82 -1.91 21.10 -43.63
C ASP B 82 -1.69 19.72 -44.22
N PRO B 83 -1.72 19.60 -45.57
CA PRO B 83 -1.47 18.33 -46.24
C PRO B 83 -0.14 17.66 -45.83
N LYS B 84 0.85 18.46 -45.47
CA LYS B 84 2.20 18.00 -45.05
C LYS B 84 2.10 17.26 -43.70
N LEU B 85 1.08 17.54 -42.88
CA LEU B 85 0.89 16.88 -41.57
C LEU B 85 -0.18 15.79 -41.66
N ARG B 86 -0.75 15.55 -42.85
CA ARG B 86 -1.89 14.62 -42.99
C ARG B 86 -1.43 13.19 -42.61
N ALA B 87 -0.24 12.79 -43.03
CA ALA B 87 0.25 11.41 -42.78
C ALA B 87 0.49 11.28 -41.27
N LEU B 88 1.07 12.29 -40.62
CA LEU B 88 1.24 12.30 -39.14
C LEU B 88 -0.12 12.20 -38.44
N ALA B 89 -1.11 12.98 -38.87
CA ALA B 89 -2.47 12.92 -38.30
C ALA B 89 -3.03 11.50 -38.48
N GLY B 90 -2.87 10.90 -39.66
CA GLY B 90 -3.29 9.51 -39.97
C GLY B 90 -2.70 8.51 -39.00
N HIS B 91 -1.40 8.61 -38.78
CA HIS B 91 -0.63 7.75 -37.85
C HIS B 91 -1.19 7.90 -36.42
N ASP B 92 -1.40 9.13 -35.97
CA ASP B 92 -1.90 9.41 -34.60
C ASP B 92 -3.32 8.80 -34.48
N LEU B 93 -4.16 8.92 -35.52
CA LEU B 93 -5.55 8.39 -35.51
C LEU B 93 -5.53 6.87 -35.45
N ASP B 94 -4.57 6.22 -36.12
CA ASP B 94 -4.35 4.75 -36.03
C ASP B 94 -4.10 4.38 -34.56
N ILE B 95 -3.21 5.10 -33.90
CA ILE B 95 -2.88 4.91 -32.46
C ILE B 95 -4.12 5.20 -31.63
N ALA B 96 -4.86 6.26 -31.93
CA ALA B 96 -6.07 6.64 -31.16
C ALA B 96 -7.06 5.46 -31.19
N VAL B 97 -7.29 4.88 -32.37
CA VAL B 97 -8.22 3.73 -32.53
C VAL B 97 -7.67 2.53 -31.74
N SER B 98 -6.37 2.22 -31.89
CA SER B 98 -5.76 1.07 -31.17
C SER B 98 -5.96 1.25 -29.66
N LYS B 99 -5.61 2.42 -29.14
CA LYS B 99 -5.65 2.66 -27.67
C LYS B 99 -7.09 2.59 -27.19
N MET B 100 -8.02 3.10 -27.98
CA MET B 100 -9.46 3.20 -27.62
C MET B 100 -10.00 1.79 -27.32
N LYS B 101 -9.42 0.77 -27.96
CA LYS B 101 -9.86 -0.65 -27.82
C LYS B 101 -9.20 -1.32 -26.61
N CYS B 102 -8.25 -0.68 -25.95
CA CYS B 102 -7.57 -1.29 -24.77
C CYS B 102 -8.54 -1.36 -23.61
N LYS B 103 -8.49 -2.46 -22.83
CA LYS B 103 -9.44 -2.71 -21.71
C LYS B 103 -9.46 -1.54 -20.74
N ARG B 104 -8.31 -0.93 -20.46
CA ARG B 104 -8.17 0.24 -19.53
C ARG B 104 -9.19 1.33 -19.88
N VAL B 105 -9.50 1.47 -21.16
CA VAL B 105 -10.41 2.55 -21.67
C VAL B 105 -11.86 2.20 -21.36
N TRP B 106 -12.28 0.93 -21.48
CA TRP B 106 -13.71 0.55 -21.38
C TRP B 106 -14.02 -0.24 -20.11
N THR B 107 -13.03 -0.52 -19.27
CA THR B 107 -13.14 -1.44 -18.08
C THR B 107 -14.29 -1.00 -17.16
N ASP B 108 -14.60 0.30 -17.08
CA ASP B 108 -15.73 0.82 -16.25
C ASP B 108 -17.02 0.06 -16.57
N TRP B 109 -17.25 -0.29 -17.83
CA TRP B 109 -18.47 -0.99 -18.29
C TRP B 109 -18.64 -2.30 -17.52
N GLU B 110 -17.61 -3.14 -17.54
CA GLU B 110 -17.57 -4.43 -16.79
C GLU B 110 -17.61 -4.19 -15.28
N GLU B 111 -16.78 -3.29 -14.76
CA GLU B 111 -16.63 -3.09 -13.28
C GLU B 111 -17.95 -2.58 -12.67
N ASP B 112 -18.73 -1.78 -13.40
CA ASP B 112 -20.07 -1.30 -12.93
C ASP B 112 -21.09 -2.44 -12.97
N GLY B 113 -20.75 -3.58 -13.60
CA GLY B 113 -21.60 -4.77 -13.68
C GLY B 113 -22.52 -4.76 -14.91
N PHE B 114 -22.21 -3.96 -15.92
CA PHE B 114 -23.11 -3.75 -17.11
C PHE B 114 -22.84 -4.78 -18.22
N GLY B 115 -21.68 -5.45 -18.20
CA GLY B 115 -21.40 -6.56 -19.12
C GLY B 115 -19.93 -6.67 -19.44
N THR B 116 -19.54 -7.77 -20.08
CA THR B 116 -18.13 -8.10 -20.42
C THR B 116 -17.79 -7.55 -21.80
N ASP B 117 -18.80 -7.26 -22.64
CA ASP B 117 -18.57 -6.79 -24.04
C ASP B 117 -19.02 -5.33 -24.16
N PRO B 118 -18.09 -4.37 -24.37
CA PRO B 118 -18.44 -2.96 -24.31
C PRO B 118 -19.17 -2.42 -25.54
N ILE B 119 -19.30 -3.20 -26.63
CA ILE B 119 -20.01 -2.73 -27.85
C ILE B 119 -21.37 -3.43 -28.04
N GLU B 120 -21.60 -4.58 -27.42
CA GLU B 120 -22.76 -5.48 -27.69
C GLU B 120 -24.09 -4.68 -27.67
N LYS B 121 -24.32 -3.91 -26.60
CA LYS B 121 -25.54 -3.10 -26.43
C LYS B 121 -25.23 -1.93 -25.48
N GLU B 122 -26.02 -0.86 -25.57
CA GLU B 122 -25.93 0.32 -24.68
C GLU B 122 -24.53 0.95 -24.82
N ASN B 123 -24.05 1.65 -23.78
CA ASN B 123 -22.64 2.14 -23.71
C ASN B 123 -22.32 3.02 -24.94
N ILE B 124 -23.27 3.83 -25.37
CA ILE B 124 -23.07 4.70 -26.57
C ILE B 124 -21.97 5.72 -26.27
N MET B 125 -21.79 6.09 -25.00
CA MET B 125 -20.69 7.00 -24.54
C MET B 125 -19.32 6.48 -25.00
N TYR B 126 -19.13 5.16 -25.08
CA TYR B 126 -17.87 4.55 -25.57
C TYR B 126 -17.96 4.27 -27.09
N LYS B 127 -18.97 3.54 -27.55
CA LYS B 127 -18.95 2.97 -28.92
C LYS B 127 -19.35 4.03 -29.96
N GLY B 128 -20.07 5.07 -29.57
CA GLY B 128 -20.30 6.24 -30.45
C GLY B 128 -18.98 6.89 -30.83
N HIS B 129 -18.13 7.20 -29.85
CA HIS B 129 -16.80 7.79 -30.09
C HIS B 129 -15.96 6.83 -30.95
N LEU B 130 -15.94 5.55 -30.61
CA LEU B 130 -15.12 4.57 -31.36
C LEU B 130 -15.59 4.57 -32.82
N ASN B 131 -16.90 4.56 -33.04
CA ASN B 131 -17.43 4.47 -34.42
C ASN B 131 -17.07 5.74 -35.17
N LEU B 132 -17.15 6.91 -34.53
CA LEU B 132 -16.80 8.16 -35.23
C LEU B 132 -15.28 8.14 -35.55
N MET B 133 -14.48 7.64 -34.61
CA MET B 133 -13.00 7.52 -34.80
C MET B 133 -12.66 6.56 -35.94
N TYR B 134 -13.36 5.42 -36.09
CA TYR B 134 -13.14 4.50 -37.23
C TYR B 134 -13.31 5.29 -38.54
N GLY B 135 -14.37 6.11 -38.61
CA GLY B 135 -14.70 6.88 -39.81
C GLY B 135 -13.67 7.95 -40.11
N LEU B 136 -13.33 8.77 -39.11
CA LEU B 136 -12.36 9.88 -39.29
C LEU B 136 -10.98 9.32 -39.67
N TYR B 137 -10.58 8.19 -39.10
CA TYR B 137 -9.31 7.50 -39.47
C TYR B 137 -9.34 7.23 -40.99
N GLN B 138 -10.47 6.70 -41.48
CA GLN B 138 -10.56 6.24 -42.88
C GLN B 138 -10.64 7.45 -43.81
N LEU B 139 -11.32 8.52 -43.38
CA LEU B 139 -11.41 9.77 -44.19
C LEU B 139 -10.01 10.37 -44.35
N VAL B 140 -9.21 10.38 -43.28
CA VAL B 140 -7.87 11.02 -43.30
C VAL B 140 -6.90 10.19 -44.14
N THR B 141 -6.91 8.87 -43.99
CA THR B 141 -5.84 7.97 -44.46
C THR B 141 -6.21 7.32 -45.78
N GLY B 142 -7.49 7.06 -46.05
CA GLY B 142 -7.89 6.15 -47.15
C GLY B 142 -7.70 4.68 -46.83
N SER B 143 -7.25 4.34 -45.62
CA SER B 143 -6.95 2.94 -45.21
C SER B 143 -8.22 2.19 -44.76
N ARG B 144 -8.32 0.93 -45.16
CA ARG B 144 -9.42 -0.02 -44.79
C ARG B 144 -9.03 -0.88 -43.58
N ARG B 145 -7.95 -0.54 -42.89
CA ARG B 145 -7.41 -1.28 -41.73
C ARG B 145 -8.54 -1.70 -40.78
N TYR B 146 -9.48 -0.78 -40.48
CA TYR B 146 -10.53 -0.95 -39.47
C TYR B 146 -11.92 -1.10 -40.11
N GLU B 147 -12.01 -1.21 -41.43
CA GLU B 147 -13.33 -1.16 -42.13
C GLU B 147 -14.23 -2.32 -41.68
N ALA B 148 -13.67 -3.54 -41.51
CA ALA B 148 -14.48 -4.71 -41.10
C ALA B 148 -15.15 -4.38 -39.75
N GLU B 149 -14.38 -3.83 -38.81
CA GLU B 149 -14.90 -3.45 -37.46
C GLU B 149 -15.89 -2.28 -37.59
N HIS B 150 -15.59 -1.34 -38.48
CA HIS B 150 -16.42 -0.13 -38.74
C HIS B 150 -17.81 -0.56 -39.26
N ALA B 151 -17.82 -1.46 -40.25
CA ALA B 151 -19.05 -1.99 -40.86
C ALA B 151 -19.90 -2.68 -39.79
N HIS B 152 -19.26 -3.41 -38.89
CA HIS B 152 -19.91 -4.19 -37.81
C HIS B 152 -20.52 -3.22 -36.81
N LEU B 153 -19.73 -2.26 -36.32
CA LEU B 153 -20.15 -1.38 -35.19
C LEU B 153 -21.27 -0.46 -35.69
N THR B 154 -21.16 0.02 -36.94
CA THR B 154 -22.20 0.89 -37.56
C THR B 154 -23.53 0.15 -37.56
N ARG B 155 -23.51 -1.15 -37.89
CA ARG B 155 -24.74 -1.97 -37.98
C ARG B 155 -25.30 -2.24 -36.57
N ILE B 156 -24.44 -2.47 -35.57
CA ILE B 156 -24.92 -2.62 -34.17
C ILE B 156 -25.67 -1.36 -33.75
N ILE B 157 -25.09 -0.20 -34.03
CA ILE B 157 -25.68 1.12 -33.65
C ILE B 157 -26.99 1.30 -34.39
N HIS B 158 -27.02 1.11 -35.71
CA HIS B 158 -28.24 1.22 -36.53
C HIS B 158 -29.34 0.30 -35.97
N ASP B 159 -29.00 -0.96 -35.67
CA ASP B 159 -30.00 -1.97 -35.22
C ASP B 159 -30.53 -1.56 -33.85
N GLU B 160 -29.68 -1.03 -32.97
CA GLU B 160 -30.09 -0.70 -31.59
C GLU B 160 -31.03 0.51 -31.62
N ILE B 161 -30.73 1.51 -32.46
CA ILE B 161 -31.65 2.67 -32.69
C ILE B 161 -33.01 2.12 -33.15
N ALA B 162 -33.01 1.27 -34.18
CA ALA B 162 -34.24 0.75 -34.82
C ALA B 162 -35.07 -0.05 -33.80
N ALA B 163 -34.44 -0.75 -32.85
CA ALA B 163 -35.13 -1.57 -31.84
C ALA B 163 -35.67 -0.73 -30.67
N ASN B 164 -35.20 0.50 -30.45
CA ASN B 164 -35.58 1.30 -29.25
C ASN B 164 -36.88 2.06 -29.51
N PRO B 165 -37.75 2.16 -28.48
CA PRO B 165 -38.97 2.97 -28.57
C PRO B 165 -38.74 4.51 -28.58
N PHE B 166 -37.62 4.95 -28.01
CA PHE B 166 -37.14 6.35 -28.05
C PHE B 166 -36.12 6.42 -29.19
N ALA B 167 -35.89 7.60 -29.76
CA ALA B 167 -34.86 7.78 -30.81
C ALA B 167 -33.49 7.83 -30.16
N GLY B 168 -32.69 6.77 -30.31
CA GLY B 168 -31.27 6.76 -29.92
C GLY B 168 -30.89 5.56 -29.08
N ILE B 169 -29.80 5.69 -28.32
CA ILE B 169 -29.16 4.59 -27.55
C ILE B 169 -28.80 5.15 -26.16
N VAL B 170 -28.89 4.30 -25.12
CA VAL B 170 -28.52 4.66 -23.73
C VAL B 170 -27.00 4.50 -23.54
N CYS B 171 -26.48 5.14 -22.50
CA CYS B 171 -25.09 4.93 -21.97
C CYS B 171 -25.15 3.77 -20.97
N GLU B 172 -25.06 4.05 -19.67
CA GLU B 172 -25.47 3.08 -18.65
C GLU B 172 -26.90 2.65 -18.98
N PRO B 173 -27.32 1.43 -18.60
CA PRO B 173 -28.73 1.05 -18.71
C PRO B 173 -29.62 2.15 -18.10
N ASP B 174 -30.62 2.57 -18.87
CA ASP B 174 -31.67 3.51 -18.45
C ASP B 174 -31.15 4.96 -18.31
N ASN B 175 -29.96 5.26 -18.82
CA ASN B 175 -29.40 6.64 -18.84
C ASN B 175 -29.22 7.12 -20.30
N TYR B 176 -30.05 8.04 -20.76
CA TYR B 176 -30.01 8.63 -22.10
C TYR B 176 -29.44 10.06 -22.01
N PHE B 177 -28.40 10.31 -22.79
CA PHE B 177 -27.68 11.61 -22.89
C PHE B 177 -27.68 12.06 -24.33
N VAL B 178 -28.17 13.27 -24.59
CA VAL B 178 -28.25 13.82 -25.97
C VAL B 178 -26.85 13.97 -26.54
N GLN B 179 -25.85 14.32 -25.74
CA GLN B 179 -24.48 14.61 -26.25
C GLN B 179 -23.84 13.31 -26.76
N CYS B 180 -24.04 12.19 -26.06
CA CYS B 180 -23.49 10.87 -26.44
C CYS B 180 -24.18 10.36 -27.71
N ASN B 181 -25.48 10.62 -27.84
CA ASN B 181 -26.24 10.26 -29.07
C ASN B 181 -25.71 11.08 -30.26
N SER B 182 -25.40 12.35 -30.06
CA SER B 182 -24.99 13.26 -31.17
C SER B 182 -23.72 12.69 -31.81
N VAL B 183 -22.84 12.12 -31.01
CA VAL B 183 -21.60 11.43 -31.49
C VAL B 183 -22.01 10.22 -32.34
N ALA B 184 -22.89 9.36 -31.84
CA ALA B 184 -23.38 8.15 -32.56
C ALA B 184 -23.99 8.53 -33.91
N TYR B 185 -24.94 9.46 -33.95
CA TYR B 185 -25.57 9.91 -35.23
C TYR B 185 -24.48 10.49 -36.15
N LEU B 186 -23.55 11.30 -35.66
CA LEU B 186 -22.52 11.87 -36.57
C LEU B 186 -21.70 10.72 -37.15
N SER B 187 -21.43 9.65 -36.38
CA SER B 187 -20.69 8.46 -36.87
C SER B 187 -21.42 7.83 -38.07
N LEU B 188 -22.75 7.90 -38.12
CA LEU B 188 -23.55 7.30 -39.22
C LEU B 188 -23.36 8.16 -40.46
N TRP B 189 -23.29 9.50 -40.30
CA TRP B 189 -23.04 10.42 -41.44
C TRP B 189 -21.67 10.11 -42.05
N VAL B 190 -20.66 9.89 -41.21
CA VAL B 190 -19.30 9.61 -41.70
C VAL B 190 -19.28 8.25 -42.43
N TYR B 191 -19.93 7.22 -41.87
CA TYR B 191 -20.00 5.88 -42.53
C TYR B 191 -20.67 6.05 -43.90
N ASP B 192 -21.79 6.77 -43.98
CA ASP B 192 -22.53 7.03 -45.24
C ASP B 192 -21.61 7.73 -46.26
N ARG B 193 -20.84 8.72 -45.83
CA ARG B 193 -19.92 9.45 -46.75
C ARG B 193 -18.91 8.46 -47.34
N LEU B 194 -18.43 7.52 -46.54
CA LEU B 194 -17.37 6.56 -46.98
C LEU B 194 -17.99 5.46 -47.87
N HIS B 195 -19.26 5.10 -47.70
CA HIS B 195 -19.82 3.83 -48.21
C HIS B 195 -21.05 4.03 -49.12
N GLY B 196 -21.60 5.23 -49.22
CA GLY B 196 -22.78 5.49 -50.07
C GLY B 196 -24.07 4.95 -49.47
N THR B 197 -24.09 4.64 -48.16
CA THR B 197 -25.25 4.04 -47.46
C THR B 197 -26.19 5.17 -46.99
N ASP B 198 -27.27 4.84 -46.31
CA ASP B 198 -28.29 5.79 -45.79
C ASP B 198 -28.56 5.55 -44.29
N TYR B 199 -27.57 5.19 -43.49
CA TYR B 199 -27.74 5.02 -42.03
C TYR B 199 -28.18 6.36 -41.39
N ARG B 200 -27.76 7.47 -41.98
CA ARG B 200 -28.05 8.83 -41.47
C ARG B 200 -29.55 9.16 -41.54
N ALA B 201 -30.34 8.36 -42.25
CA ALA B 201 -31.81 8.62 -42.42
C ALA B 201 -32.49 8.64 -41.04
N ALA B 202 -31.95 7.94 -40.03
CA ALA B 202 -32.50 7.91 -38.66
C ALA B 202 -32.38 9.28 -37.96
N THR B 203 -31.60 10.21 -38.49
CA THR B 203 -31.26 11.49 -37.80
C THR B 203 -32.50 12.35 -37.60
N ARG B 204 -33.39 12.43 -38.61
CA ARG B 204 -34.58 13.33 -38.55
C ARG B 204 -35.42 12.97 -37.32
N ALA B 205 -35.74 11.69 -37.15
CA ALA B 205 -36.55 11.21 -36.01
C ALA B 205 -35.84 11.57 -34.69
N TRP B 206 -34.52 11.49 -34.65
CA TRP B 206 -33.72 11.84 -33.44
C TRP B 206 -33.87 13.32 -33.13
N LEU B 207 -33.65 14.20 -34.11
CA LEU B 207 -33.75 15.66 -33.94
C LEU B 207 -35.16 16.05 -33.51
N ASP B 208 -36.19 15.36 -34.02
CA ASP B 208 -37.60 15.58 -33.59
C ASP B 208 -37.75 15.18 -32.11
N PHE B 209 -37.21 14.03 -31.71
CA PHE B 209 -37.32 13.48 -30.33
C PHE B 209 -36.64 14.44 -29.34
N ILE B 210 -35.41 14.88 -29.62
CA ILE B 210 -34.64 15.67 -28.62
C ILE B 210 -35.28 17.07 -28.47
N GLN B 211 -36.10 17.51 -29.42
CA GLN B 211 -36.74 18.85 -29.37
C GLN B 211 -38.06 18.79 -28.56
N LYS B 212 -38.51 17.62 -28.11
CA LYS B 212 -39.70 17.51 -27.24
C LYS B 212 -39.27 17.72 -25.77
N ASP B 213 -39.31 16.69 -24.93
CA ASP B 213 -39.10 16.88 -23.47
C ASP B 213 -37.63 17.15 -23.17
N LEU B 214 -36.70 16.89 -24.10
CA LEU B 214 -35.25 16.99 -23.76
C LEU B 214 -34.68 18.40 -23.94
N ILE B 215 -35.39 19.33 -24.56
CA ILE B 215 -34.90 20.74 -24.72
C ILE B 215 -35.88 21.71 -24.07
N ASP B 216 -35.34 22.82 -23.55
CA ASP B 216 -36.08 24.07 -23.31
C ASP B 216 -35.85 24.97 -24.52
N PRO B 217 -36.81 25.05 -25.47
CA PRO B 217 -36.55 25.72 -26.75
C PRO B 217 -36.35 27.23 -26.56
N GLU B 218 -36.99 27.83 -25.56
CA GLU B 218 -36.89 29.29 -25.29
C GLU B 218 -35.46 29.61 -24.82
N ARG B 219 -34.86 28.76 -24.00
CA ARG B 219 -33.50 29.01 -23.45
C ARG B 219 -32.43 28.35 -24.33
N GLY B 220 -32.81 27.56 -25.34
CA GLY B 220 -31.87 26.90 -26.26
C GLY B 220 -30.96 25.96 -25.52
N ALA B 221 -31.50 25.20 -24.57
CA ALA B 221 -30.70 24.37 -23.63
C ALA B 221 -31.33 22.99 -23.44
N PHE B 222 -30.50 21.97 -23.46
CA PHE B 222 -30.92 20.58 -23.19
C PHE B 222 -30.90 20.32 -21.69
N TYR B 223 -31.88 19.51 -21.25
CA TYR B 223 -31.93 18.92 -19.89
C TYR B 223 -30.77 17.92 -19.79
N LEU B 224 -30.37 17.64 -18.56
CA LEU B 224 -29.18 16.82 -18.25
C LEU B 224 -29.30 15.44 -18.93
N SER B 225 -30.44 14.77 -18.78
CA SER B 225 -30.57 13.35 -19.16
C SER B 225 -32.03 12.93 -19.14
N TYR B 226 -32.32 11.82 -19.85
CA TYR B 226 -33.65 11.16 -19.95
C TYR B 226 -33.50 9.71 -19.50
N HIS B 227 -34.53 9.16 -18.86
CA HIS B 227 -34.48 7.82 -18.20
C HIS B 227 -35.72 7.03 -18.62
N PRO B 228 -35.64 6.24 -19.71
CA PRO B 228 -36.80 5.66 -20.37
C PRO B 228 -37.74 4.85 -19.44
N GLU B 229 -37.19 4.09 -18.48
CA GLU B 229 -37.98 3.24 -17.56
C GLU B 229 -39.04 4.09 -16.84
N SER B 230 -38.65 5.24 -16.26
CA SER B 230 -39.55 6.18 -15.55
C SER B 230 -40.18 7.19 -16.53
N GLY B 231 -39.53 7.42 -17.67
CA GLY B 231 -39.75 8.58 -18.55
C GLY B 231 -39.27 9.90 -17.93
N ALA B 232 -38.51 9.86 -16.83
CA ALA B 232 -38.06 11.10 -16.13
C ALA B 232 -37.06 11.83 -17.03
N VAL B 233 -37.18 13.15 -17.05
CA VAL B 233 -36.13 14.08 -17.54
C VAL B 233 -35.63 14.85 -16.32
N LYS B 234 -34.33 14.80 -16.05
CA LYS B 234 -33.75 15.54 -14.89
C LYS B 234 -34.06 17.01 -15.15
N PRO B 235 -34.62 17.72 -14.15
CA PRO B 235 -35.13 19.06 -14.37
C PRO B 235 -34.10 20.19 -14.37
N TRP B 236 -32.82 19.90 -14.61
CA TRP B 236 -31.76 20.93 -14.73
C TRP B 236 -31.26 20.97 -16.17
N ILE B 237 -31.16 22.17 -16.74
CA ILE B 237 -30.52 22.40 -18.07
C ILE B 237 -29.01 22.47 -17.83
N SER B 238 -28.24 22.05 -18.85
CA SER B 238 -26.77 21.86 -18.78
C SER B 238 -26.10 22.56 -19.96
N ALA B 239 -25.20 23.50 -19.68
CA ALA B 239 -24.50 24.28 -20.71
C ALA B 239 -23.51 23.37 -21.45
N TYR B 240 -22.68 22.60 -20.76
CA TYR B 240 -21.67 21.75 -21.47
C TYR B 240 -22.40 20.70 -22.33
N THR B 241 -23.48 20.11 -21.83
CA THR B 241 -24.34 19.15 -22.59
C THR B 241 -24.78 19.83 -23.88
N THR B 242 -25.30 21.06 -23.77
CA THR B 242 -25.88 21.83 -24.91
C THR B 242 -24.78 22.23 -25.90
N ALA B 243 -23.67 22.78 -25.43
CA ALA B 243 -22.57 23.27 -26.30
C ALA B 243 -22.03 22.12 -27.16
N TRP B 244 -21.76 20.98 -26.53
CA TRP B 244 -21.26 19.77 -27.23
C TRP B 244 -22.32 19.33 -28.26
N THR B 245 -23.57 19.16 -27.85
CA THR B 245 -24.64 18.64 -28.74
C THR B 245 -24.84 19.60 -29.91
N LEU B 246 -24.98 20.91 -29.65
CA LEU B 246 -25.18 21.90 -30.76
C LEU B 246 -23.96 21.86 -31.69
N ALA B 247 -22.75 21.67 -31.20
CA ALA B 247 -21.54 21.66 -32.06
C ALA B 247 -21.65 20.52 -33.07
N MET B 248 -21.97 19.30 -32.58
CA MET B 248 -22.00 18.10 -33.46
C MET B 248 -23.25 18.11 -34.34
N VAL B 249 -24.38 18.52 -33.82
CA VAL B 249 -25.62 18.63 -34.64
C VAL B 249 -25.40 19.63 -35.79
N HIS B 250 -24.61 20.69 -35.59
CA HIS B 250 -24.36 21.73 -36.64
C HIS B 250 -23.80 21.07 -37.89
N GLY B 251 -23.11 19.95 -37.74
CA GLY B 251 -22.55 19.16 -38.87
C GLY B 251 -23.62 18.36 -39.62
N MET B 252 -24.78 18.11 -39.02
CA MET B 252 -25.83 17.25 -39.58
C MET B 252 -27.04 18.09 -40.01
N ASP B 253 -27.45 19.03 -39.16
CA ASP B 253 -28.60 19.95 -39.40
C ASP B 253 -28.17 21.33 -38.93
N PRO B 254 -27.46 22.10 -39.79
CA PRO B 254 -26.96 23.43 -39.42
C PRO B 254 -28.08 24.33 -38.85
N ALA B 255 -29.28 24.33 -39.44
CA ALA B 255 -30.38 25.23 -39.04
C ALA B 255 -30.78 25.00 -37.56
N PHE B 256 -30.78 23.74 -37.12
CA PHE B 256 -31.11 23.35 -35.72
C PHE B 256 -30.21 24.14 -34.76
N SER B 257 -28.89 24.05 -34.97
CA SER B 257 -27.91 24.70 -34.08
C SER B 257 -27.97 26.22 -34.25
N GLU B 258 -28.17 26.73 -35.47
CA GLU B 258 -28.30 28.18 -35.72
C GLU B 258 -29.52 28.74 -34.97
N ARG B 259 -30.63 27.99 -34.88
CA ARG B 259 -31.87 28.43 -34.19
C ARG B 259 -31.59 28.60 -32.70
N TYR B 260 -30.89 27.67 -32.06
CA TYR B 260 -30.75 27.65 -30.58
C TYR B 260 -29.51 28.42 -30.11
N TYR B 261 -28.51 28.64 -30.95
CA TYR B 261 -27.20 29.18 -30.52
C TYR B 261 -27.38 30.52 -29.79
N PRO B 262 -28.11 31.49 -30.37
CA PRO B 262 -28.26 32.79 -29.71
C PRO B 262 -28.92 32.66 -28.33
N ARG B 263 -29.92 31.77 -28.21
CA ARG B 263 -30.68 31.56 -26.95
C ARG B 263 -29.75 30.91 -25.90
N PHE B 264 -28.95 29.94 -26.34
CA PHE B 264 -27.89 29.29 -25.55
C PHE B 264 -26.99 30.36 -24.94
N LYS B 265 -26.49 31.29 -25.77
CA LYS B 265 -25.55 32.33 -25.30
C LYS B 265 -26.26 33.23 -24.27
N GLN B 266 -27.48 33.66 -24.54
CA GLN B 266 -28.25 34.51 -23.59
C GLN B 266 -28.44 33.73 -22.27
N THR B 267 -28.75 32.43 -22.34
CA THR B 267 -29.01 31.62 -21.14
C THR B 267 -27.76 31.50 -20.26
N PHE B 268 -26.58 31.22 -20.82
CA PHE B 268 -25.43 30.69 -20.06
C PHE B 268 -24.17 31.58 -20.12
N VAL B 269 -23.96 32.38 -21.17
CA VAL B 269 -22.63 33.02 -21.37
C VAL B 269 -22.57 34.35 -20.62
N GLU B 270 -21.58 34.50 -19.76
CA GLU B 270 -21.31 35.76 -19.04
C GLU B 270 -20.13 36.46 -19.70
N VAL B 271 -20.38 37.60 -20.32
CA VAL B 271 -19.28 38.46 -20.86
C VAL B 271 -18.76 39.32 -19.70
N TYR B 272 -17.45 39.47 -19.55
CA TYR B 272 -16.87 40.25 -18.43
C TYR B 272 -15.54 40.89 -18.90
N ASP B 273 -14.91 41.65 -18.00
CA ASP B 273 -13.63 42.37 -18.30
C ASP B 273 -13.81 43.27 -19.54
N GLU B 274 -14.83 44.12 -19.52
CA GLU B 274 -15.03 45.20 -20.52
C GLU B 274 -15.22 44.56 -21.90
N GLY B 275 -15.85 43.40 -21.98
CA GLY B 275 -16.09 42.67 -23.25
C GLY B 275 -14.90 41.85 -23.73
N ARG B 276 -13.77 41.79 -23.02
CA ARG B 276 -12.53 41.11 -23.49
C ARG B 276 -12.61 39.60 -23.19
N LYS B 277 -13.42 39.19 -22.20
CA LYS B 277 -13.50 37.80 -21.71
C LYS B 277 -14.94 37.31 -21.60
N ALA B 278 -15.09 36.01 -21.53
CA ALA B 278 -16.41 35.37 -21.29
C ALA B 278 -16.22 34.07 -20.53
N ARG B 279 -17.21 33.69 -19.75
CA ARG B 279 -17.19 32.41 -19.01
C ARG B 279 -18.63 31.89 -18.97
N VAL B 280 -18.79 30.58 -18.88
CA VAL B 280 -20.11 29.95 -19.16
C VAL B 280 -20.64 29.30 -17.86
N ARG B 281 -21.83 29.72 -17.43
CA ARG B 281 -22.57 29.08 -16.31
C ARG B 281 -23.02 27.69 -16.77
N GLU B 282 -22.90 26.68 -15.91
CA GLU B 282 -23.23 25.26 -16.25
C GLU B 282 -24.76 25.03 -16.24
N THR B 283 -25.52 25.73 -15.39
CA THR B 283 -26.99 25.49 -15.25
C THR B 283 -27.71 26.80 -14.96
N ALA B 284 -29.03 26.76 -14.91
CA ALA B 284 -29.92 27.91 -14.60
C ALA B 284 -29.87 28.22 -13.10
N GLY B 285 -30.25 29.44 -12.72
CA GLY B 285 -30.44 29.83 -11.31
C GLY B 285 -29.14 29.90 -10.53
N THR B 286 -28.04 30.26 -11.17
CA THR B 286 -26.72 30.44 -10.51
C THR B 286 -25.97 31.56 -11.21
N ASP B 287 -25.06 32.22 -10.50
CA ASP B 287 -24.10 33.18 -11.08
C ASP B 287 -22.76 32.48 -11.30
N ASP B 288 -22.57 31.28 -10.75
CA ASP B 288 -21.29 30.53 -10.76
C ASP B 288 -20.98 30.05 -12.19
N ALA B 289 -19.75 30.25 -12.66
CA ALA B 289 -19.27 29.74 -13.96
C ALA B 289 -18.73 28.32 -13.81
N ASP B 290 -18.91 27.46 -14.82
CA ASP B 290 -18.16 26.20 -14.96
C ASP B 290 -18.37 25.29 -13.75
N GLY B 291 -19.58 25.26 -13.20
CA GLY B 291 -19.98 24.27 -12.19
C GLY B 291 -20.09 22.87 -12.78
N GLY B 292 -20.57 21.91 -11.98
CA GLY B 292 -20.77 20.52 -12.44
C GLY B 292 -19.44 19.92 -12.85
N VAL B 293 -19.34 19.36 -14.06
CA VAL B 293 -18.10 18.69 -14.54
C VAL B 293 -17.04 19.75 -14.86
N GLY B 294 -17.40 21.04 -14.92
CA GLY B 294 -16.44 22.15 -15.07
C GLY B 294 -15.99 22.34 -16.52
N LEU B 295 -16.81 21.96 -17.50
CA LEU B 295 -16.42 21.94 -18.93
C LEU B 295 -17.27 22.88 -19.77
N ALA B 296 -18.21 23.62 -19.17
CA ALA B 296 -19.12 24.49 -19.92
C ALA B 296 -18.31 25.43 -20.84
N SER B 297 -17.30 26.12 -20.31
CA SER B 297 -16.53 27.16 -21.06
C SER B 297 -15.73 26.48 -22.18
N ALA B 298 -15.11 25.33 -21.91
CA ALA B 298 -14.27 24.59 -22.87
C ALA B 298 -15.14 24.08 -24.03
N PHE B 299 -16.31 23.51 -23.76
CA PHE B 299 -17.20 23.01 -24.84
C PHE B 299 -17.79 24.19 -25.61
N THR B 300 -18.01 25.33 -24.95
CA THR B 300 -18.55 26.53 -25.63
C THR B 300 -17.47 27.09 -26.57
N LEU B 301 -16.19 26.96 -26.22
CA LEU B 301 -15.07 27.37 -27.12
C LEU B 301 -15.16 26.54 -28.41
N LEU B 302 -15.37 25.22 -28.28
CA LEU B 302 -15.61 24.35 -29.45
C LEU B 302 -16.87 24.82 -30.22
N LEU B 303 -17.98 25.11 -29.54
CA LEU B 303 -19.23 25.53 -30.23
C LEU B 303 -18.99 26.84 -30.97
N ALA B 304 -18.32 27.82 -30.35
CA ALA B 304 -18.02 29.12 -30.99
C ALA B 304 -17.25 28.88 -32.29
N ARG B 305 -16.23 28.01 -32.23
CA ARG B 305 -15.42 27.67 -33.43
C ARG B 305 -16.36 27.08 -34.51
N GLU B 306 -17.18 26.09 -34.13
CA GLU B 306 -18.11 25.39 -35.05
C GLU B 306 -19.05 26.41 -35.70
N MET B 307 -19.53 27.39 -34.94
CA MET B 307 -20.52 28.36 -35.42
C MET B 307 -19.83 29.57 -36.10
N GLY B 308 -18.50 29.65 -36.07
CA GLY B 308 -17.75 30.73 -36.72
C GLY B 308 -17.86 32.03 -35.95
N ASP B 309 -18.05 31.96 -34.62
CA ASP B 309 -18.23 33.12 -33.73
C ASP B 309 -16.87 33.52 -33.18
N GLN B 310 -16.11 34.31 -33.94
CA GLN B 310 -14.74 34.72 -33.54
C GLN B 310 -14.78 35.54 -32.24
N GLN B 311 -15.78 36.42 -32.06
CA GLN B 311 -15.85 37.28 -30.87
C GLN B 311 -15.97 36.38 -29.62
N LEU B 312 -16.91 35.43 -29.60
CA LEU B 312 -17.07 34.54 -28.41
C LEU B 312 -15.84 33.64 -28.26
N PHE B 313 -15.31 33.10 -29.34
CA PHE B 313 -14.08 32.27 -29.28
C PHE B 313 -12.96 33.03 -28.56
N ASP B 314 -12.70 34.26 -29.01
CA ASP B 314 -11.65 35.12 -28.43
C ASP B 314 -11.90 35.35 -26.92
N GLN B 315 -13.13 35.67 -26.55
CA GLN B 315 -13.49 35.96 -25.15
C GLN B 315 -13.25 34.72 -24.29
N LEU B 316 -13.66 33.54 -24.78
CA LEU B 316 -13.53 32.29 -24.00
C LEU B 316 -12.05 31.95 -23.88
N LEU B 317 -11.27 32.08 -24.96
CA LEU B 317 -9.85 31.66 -24.87
C LEU B 317 -9.09 32.64 -23.94
N ASN B 318 -9.48 33.93 -23.91
CA ASN B 318 -8.88 34.92 -22.99
C ASN B 318 -9.18 34.55 -21.54
N HIS B 319 -10.32 33.92 -21.27
CA HIS B 319 -10.72 33.42 -19.93
C HIS B 319 -9.94 32.14 -19.61
N LEU B 320 -9.82 31.22 -20.56
CA LEU B 320 -9.35 29.84 -20.29
C LEU B 320 -7.83 29.73 -20.29
N GLU B 321 -7.15 30.34 -21.26
CA GLU B 321 -5.74 30.00 -21.53
C GLU B 321 -4.81 30.76 -20.59
N PRO B 322 -4.86 32.10 -20.45
CA PRO B 322 -3.87 32.81 -19.64
C PRO B 322 -3.71 32.26 -18.21
N PRO B 323 -4.77 32.00 -17.43
CA PRO B 323 -4.61 31.51 -16.05
C PRO B 323 -3.97 30.12 -15.99
N ALA B 324 -4.10 29.33 -17.05
CA ALA B 324 -3.53 27.97 -17.17
C ALA B 324 -2.00 28.04 -17.39
N LYS B 325 -1.47 29.23 -17.68
CA LYS B 325 -0.02 29.55 -17.79
C LYS B 325 0.61 28.58 -18.78
N PRO B 326 0.35 28.77 -20.10
CA PRO B 326 1.03 27.99 -21.12
C PRO B 326 2.50 28.38 -21.21
N SER B 327 3.38 27.42 -21.50
CA SER B 327 4.74 27.73 -21.98
C SER B 327 5.17 26.69 -23.01
N ILE B 328 6.02 27.12 -23.92
CA ILE B 328 6.62 26.25 -24.96
C ILE B 328 8.10 26.05 -24.60
N VAL B 329 8.45 24.82 -24.24
CA VAL B 329 9.82 24.43 -23.82
C VAL B 329 10.29 23.36 -24.79
N SER B 330 11.42 23.57 -25.44
CA SER B 330 11.95 22.63 -26.47
C SER B 330 10.88 22.37 -27.53
N ALA B 331 10.14 23.41 -27.93
CA ALA B 331 9.15 23.44 -29.04
C ALA B 331 7.93 22.53 -28.72
N SER B 332 7.66 22.33 -27.45
CA SER B 332 6.54 21.48 -26.95
C SER B 332 5.69 22.27 -25.95
N LEU B 333 4.38 22.22 -26.08
CA LEU B 333 3.44 23.02 -25.24
C LEU B 333 3.17 22.32 -23.91
N ARG B 334 3.17 23.06 -22.81
CA ARG B 334 2.68 22.59 -21.50
C ARG B 334 1.88 23.70 -20.83
N TYR B 335 0.90 23.32 -20.03
CA TYR B 335 0.10 24.21 -19.17
C TYR B 335 0.48 23.92 -17.71
N GLU B 336 0.90 24.93 -16.95
CA GLU B 336 1.24 24.77 -15.51
C GLU B 336 -0.05 24.53 -14.70
N HIS B 337 -1.17 25.16 -15.03
CA HIS B 337 -2.42 25.14 -14.24
C HIS B 337 -3.62 24.83 -15.12
N PRO B 338 -3.75 23.59 -15.66
CA PRO B 338 -4.93 23.24 -16.45
C PRO B 338 -6.14 23.46 -15.56
N GLY B 339 -7.17 24.13 -16.08
CA GLY B 339 -8.31 24.61 -15.28
C GLY B 339 -9.39 23.57 -15.16
N SER B 340 -9.30 22.46 -15.89
CA SER B 340 -10.39 21.45 -16.00
C SER B 340 -9.84 20.10 -16.42
N LEU B 341 -10.69 19.06 -16.37
CA LEU B 341 -10.43 17.80 -17.10
C LEU B 341 -10.38 18.14 -18.60
N LEU B 342 -9.69 17.32 -19.38
CA LEU B 342 -9.70 17.38 -20.86
C LEU B 342 -9.24 18.75 -21.34
N PHE B 343 -8.37 19.42 -20.60
CA PHE B 343 -8.02 20.85 -20.87
C PHE B 343 -7.22 20.95 -22.18
N ASP B 344 -6.05 20.32 -22.27
CA ASP B 344 -5.19 20.47 -23.47
C ASP B 344 -5.93 19.83 -24.66
N GLU B 345 -6.73 18.79 -24.43
CA GLU B 345 -7.56 18.13 -25.47
C GLU B 345 -8.54 19.12 -26.11
N LEU B 346 -9.35 19.79 -25.29
CA LEU B 346 -10.44 20.64 -25.81
C LEU B 346 -9.88 21.97 -26.33
N LEU B 347 -8.81 22.51 -25.75
CA LEU B 347 -8.19 23.74 -26.32
C LEU B 347 -7.55 23.45 -27.67
N PHE B 348 -6.88 22.30 -27.82
CA PHE B 348 -6.29 21.81 -29.11
C PHE B 348 -7.42 21.72 -30.15
N LEU B 349 -8.48 20.99 -29.80
CA LEU B 349 -9.60 20.74 -30.73
C LEU B 349 -10.18 22.10 -31.18
N ALA B 350 -10.50 23.02 -30.26
CA ALA B 350 -11.12 24.32 -30.59
C ALA B 350 -10.19 25.15 -31.48
N LYS B 351 -8.88 25.07 -31.26
CA LYS B 351 -7.90 25.88 -32.03
C LYS B 351 -7.87 25.42 -33.51
N VAL B 352 -8.02 24.11 -33.79
CA VAL B 352 -7.86 23.55 -35.17
C VAL B 352 -9.21 23.31 -35.84
N HIS B 353 -10.31 23.21 -35.09
CA HIS B 353 -11.58 22.60 -35.56
C HIS B 353 -12.07 23.26 -36.85
N ALA B 354 -12.19 22.47 -37.92
CA ALA B 354 -12.55 22.95 -39.28
C ALA B 354 -14.08 22.93 -39.46
N GLY B 355 -14.80 22.40 -38.47
CA GLY B 355 -16.26 22.21 -38.56
C GLY B 355 -16.59 20.76 -38.89
N PHE B 356 -17.59 20.19 -38.21
CA PHE B 356 -17.96 18.77 -38.37
C PHE B 356 -18.43 18.55 -39.83
N GLY B 357 -19.08 19.54 -40.43
CA GLY B 357 -19.49 19.43 -41.84
C GLY B 357 -18.31 19.32 -42.77
N ALA B 358 -17.25 20.07 -42.52
CA ALA B 358 -16.02 20.06 -43.35
C ALA B 358 -15.29 18.73 -43.15
N LEU B 359 -15.33 18.16 -41.95
CA LEU B 359 -14.68 16.83 -41.73
C LEU B 359 -15.44 15.76 -42.53
N LEU B 360 -16.77 15.79 -42.52
CA LEU B 360 -17.61 14.90 -43.35
C LEU B 360 -17.20 14.97 -44.82
N ARG B 361 -16.79 16.14 -45.32
CA ARG B 361 -16.52 16.35 -46.76
C ARG B 361 -15.03 16.26 -47.04
N MET B 362 -14.23 15.78 -46.09
CA MET B 362 -12.75 15.72 -46.27
C MET B 362 -12.45 15.09 -47.63
N PRO B 363 -11.75 15.79 -48.54
CA PRO B 363 -11.33 15.18 -49.79
C PRO B 363 -10.30 14.09 -49.54
N PRO B 364 -10.17 13.09 -50.44
CA PRO B 364 -9.20 12.02 -50.25
C PRO B 364 -7.76 12.54 -50.36
N PRO B 365 -6.77 11.73 -49.88
CA PRO B 365 -5.36 12.12 -49.96
C PRO B 365 -4.88 12.39 -51.40
N MET C 1 -8.76 3.87 51.55
CA MET C 1 -9.01 5.29 51.95
C MET C 1 -10.36 5.79 51.39
N ALA C 2 -10.91 6.82 52.07
CA ALA C 2 -12.19 7.54 51.88
C ALA C 2 -12.03 8.95 51.30
N GLU C 3 -10.82 9.51 51.22
CA GLU C 3 -10.54 10.74 50.43
C GLU C 3 -10.32 10.31 48.98
N LEU C 4 -10.92 11.01 48.00
CA LEU C 4 -10.67 10.77 46.56
C LEU C 4 -9.33 11.38 46.15
N PRO C 5 -8.30 10.58 45.82
CA PRO C 5 -6.99 11.14 45.45
C PRO C 5 -7.04 11.90 44.13
N PRO C 6 -6.07 12.81 43.87
CA PRO C 6 -6.06 13.59 42.64
C PRO C 6 -6.06 12.68 41.40
N GLY C 7 -6.88 13.04 40.41
CA GLY C 7 -6.95 12.33 39.11
C GLY C 7 -7.70 11.00 39.20
N ARG C 8 -8.19 10.59 40.37
CA ARG C 8 -8.87 9.28 40.53
C ARG C 8 -10.37 9.46 40.23
N LEU C 9 -11.03 8.41 39.74
CA LEU C 9 -12.49 8.45 39.46
C LEU C 9 -13.29 8.00 40.69
N ALA C 10 -12.78 7.07 41.49
CA ALA C 10 -13.47 6.58 42.71
C ALA C 10 -12.42 6.15 43.74
N THR C 11 -12.80 6.19 45.01
CA THR C 11 -11.93 5.82 46.14
C THR C 11 -11.70 4.30 46.11
N THR C 12 -10.58 3.89 46.66
CA THR C 12 -10.27 2.46 46.92
C THR C 12 -11.39 1.85 47.77
N GLU C 13 -11.86 2.54 48.80
CA GLU C 13 -12.97 2.08 49.65
C GLU C 13 -14.20 1.75 48.77
N ASP C 14 -14.53 2.64 47.82
CA ASP C 14 -15.66 2.44 46.88
C ASP C 14 -15.47 1.17 46.02
N TYR C 15 -14.26 0.91 45.51
CA TYR C 15 -14.03 -0.33 44.70
C TYR C 15 -14.26 -1.56 45.58
N PHE C 16 -13.72 -1.55 46.80
CA PHE C 16 -13.75 -2.72 47.70
C PHE C 16 -15.16 -2.95 48.24
N ALA C 17 -16.02 -1.94 48.22
CA ALA C 17 -17.39 -2.02 48.79
C ALA C 17 -18.44 -2.38 47.72
N GLN C 18 -18.04 -2.58 46.45
CA GLN C 18 -19.01 -2.81 45.36
C GLN C 18 -19.88 -4.03 45.67
N GLN C 19 -19.27 -5.16 46.07
CA GLN C 19 -20.00 -6.42 46.31
C GLN C 19 -20.95 -6.24 47.50
N ALA C 20 -20.50 -5.63 48.61
CA ALA C 20 -21.35 -5.34 49.79
C ALA C 20 -22.54 -4.46 49.38
N LYS C 21 -22.32 -3.44 48.54
CA LYS C 21 -23.38 -2.49 48.11
C LYS C 21 -24.21 -3.08 46.97
N GLN C 22 -23.79 -4.21 46.38
CA GLN C 22 -24.42 -4.85 45.19
C GLN C 22 -24.58 -3.83 44.05
N ALA C 23 -23.57 -3.02 43.80
CA ALA C 23 -23.55 -2.03 42.70
C ALA C 23 -22.10 -1.76 42.27
N VAL C 24 -21.87 -1.70 40.96
CA VAL C 24 -20.56 -1.28 40.41
C VAL C 24 -20.47 0.23 40.57
N THR C 25 -19.28 0.78 40.70
CA THR C 25 -19.08 2.26 40.77
C THR C 25 -19.49 2.86 39.43
N PRO C 26 -19.86 4.15 39.38
CA PRO C 26 -20.17 4.80 38.10
C PRO C 26 -19.07 4.65 37.03
N ASP C 27 -17.78 4.70 37.40
CA ASP C 27 -16.71 4.55 36.40
C ASP C 27 -16.63 3.11 35.88
N VAL C 28 -16.91 2.10 36.69
CA VAL C 28 -17.00 0.68 36.22
C VAL C 28 -18.19 0.58 35.25
N MET C 29 -19.33 1.15 35.61
CA MET C 29 -20.49 1.21 34.68
C MET C 29 -20.06 1.89 33.37
N ALA C 30 -19.28 2.98 33.41
CA ALA C 30 -18.85 3.71 32.20
C ALA C 30 -17.87 2.86 31.37
N GLN C 31 -17.05 2.03 32.04
CA GLN C 31 -16.19 1.01 31.35
C GLN C 31 -17.08 -0.01 30.63
N LEU C 32 -18.14 -0.51 31.28
CA LEU C 32 -19.09 -1.46 30.66
C LEU C 32 -19.78 -0.78 29.47
N ALA C 33 -20.04 0.53 29.54
CA ALA C 33 -20.59 1.29 28.40
C ALA C 33 -19.58 1.35 27.26
N TYR C 34 -18.31 1.66 27.52
CA TYR C 34 -17.26 1.57 26.48
C TYR C 34 -17.35 0.17 25.84
N MET C 35 -17.46 -0.88 26.66
CA MET C 35 -17.40 -2.28 26.17
C MET C 35 -18.64 -2.64 25.33
N ASN C 36 -19.80 -2.00 25.55
CA ASN C 36 -21.12 -2.48 25.06
C ASN C 36 -21.89 -1.47 24.18
N TYR C 37 -21.60 -0.16 24.21
CA TYR C 37 -22.57 0.90 23.84
C TYR C 37 -22.63 1.11 22.31
N ILE C 38 -21.52 1.47 21.69
CA ILE C 38 -21.51 2.03 20.32
C ILE C 38 -21.61 0.89 19.30
N ASP C 39 -22.57 1.01 18.37
CA ASP C 39 -22.76 0.11 17.21
C ASP C 39 -21.42 -0.19 16.51
N PHE C 40 -21.16 -1.46 16.27
CA PHE C 40 -20.13 -2.02 15.36
C PHE C 40 -18.72 -1.94 15.96
N ILE C 41 -18.35 -0.87 16.67
CA ILE C 41 -16.94 -0.60 17.11
C ILE C 41 -16.74 -0.91 18.60
N SER C 42 -17.79 -1.14 19.39
CA SER C 42 -17.62 -1.60 20.80
C SER C 42 -17.16 -3.04 20.79
N PRO C 43 -16.21 -3.45 21.68
CA PRO C 43 -15.66 -4.80 21.61
C PRO C 43 -16.72 -5.91 21.79
N PHE C 44 -17.79 -5.65 22.55
CA PHE C 44 -18.85 -6.65 22.86
C PHE C 44 -20.14 -6.29 22.11
N TYR C 45 -19.99 -5.79 20.89
CA TYR C 45 -21.14 -5.48 20.02
C TYR C 45 -21.75 -6.77 19.46
N SER C 46 -20.94 -7.73 19.03
CA SER C 46 -21.50 -8.97 18.40
C SER C 46 -20.58 -10.17 18.53
N ARG C 47 -21.17 -11.36 18.36
CA ARG C 47 -20.47 -12.68 18.36
C ARG C 47 -19.56 -12.84 17.14
N GLY C 48 -19.78 -12.04 16.10
CA GLY C 48 -19.07 -12.19 14.82
C GLY C 48 -17.56 -12.01 14.95
N CYS C 49 -16.83 -12.41 13.91
CA CYS C 49 -15.36 -12.35 13.87
C CYS C 49 -14.96 -10.96 13.36
N SER C 50 -15.51 -9.93 14.00
CA SER C 50 -15.20 -8.50 13.76
C SER C 50 -14.33 -7.98 14.91
N PHE C 51 -13.20 -7.33 14.64
CA PHE C 51 -12.22 -6.93 15.68
C PHE C 51 -11.92 -5.43 15.58
N GLU C 52 -12.91 -4.65 15.11
CA GLU C 52 -12.77 -3.18 14.94
C GLU C 52 -12.29 -2.55 16.25
N ALA C 53 -12.83 -2.98 17.39
CA ALA C 53 -12.55 -2.36 18.70
C ALA C 53 -11.05 -2.47 18.99
N TRP C 54 -10.46 -3.59 18.63
CA TRP C 54 -9.04 -3.90 18.87
C TRP C 54 -8.17 -3.18 17.83
N GLU C 55 -8.64 -3.04 16.60
CA GLU C 55 -7.96 -2.27 15.52
C GLU C 55 -7.83 -0.81 16.01
N LEU C 56 -8.89 -0.27 16.63
CA LEU C 56 -8.93 1.16 17.02
C LEU C 56 -8.00 1.44 18.20
N LYS C 57 -7.79 0.46 19.08
CA LYS C 57 -6.86 0.53 20.25
C LYS C 57 -5.44 0.13 19.86
N HIS C 58 -5.22 -0.30 18.62
CA HIS C 58 -3.92 -0.76 18.09
C HIS C 58 -3.41 -1.96 18.90
N THR C 59 -4.30 -2.87 19.29
CA THR C 59 -3.93 -4.13 19.97
C THR C 59 -3.14 -5.00 18.99
N PRO C 60 -1.88 -5.35 19.29
CA PRO C 60 -1.15 -6.33 18.49
C PRO C 60 -1.95 -7.63 18.43
N GLN C 61 -1.93 -8.29 17.27
CA GLN C 61 -2.66 -9.57 17.04
C GLN C 61 -2.41 -10.53 18.20
N ARG C 62 -1.16 -10.72 18.59
CA ARG C 62 -0.75 -11.72 19.61
C ARG C 62 -1.38 -11.43 20.98
N VAL C 63 -1.86 -10.21 21.22
CA VAL C 63 -2.34 -9.75 22.56
C VAL C 63 -3.89 -9.85 22.62
N ILE C 64 -4.56 -9.99 21.48
CA ILE C 64 -6.07 -9.96 21.42
C ILE C 64 -6.61 -11.07 22.35
N LYS C 65 -6.00 -12.26 22.36
CA LYS C 65 -6.51 -13.40 23.17
C LYS C 65 -6.47 -13.01 24.66
N TYR C 66 -5.45 -12.25 25.09
CA TYR C 66 -5.29 -11.82 26.52
C TYR C 66 -6.31 -10.72 26.84
N SER C 67 -6.55 -9.80 25.91
CA SER C 67 -7.55 -8.72 26.08
C SER C 67 -8.92 -9.34 26.32
N ILE C 68 -9.30 -10.30 25.48
CA ILE C 68 -10.63 -10.95 25.58
C ILE C 68 -10.72 -11.63 26.96
N ALA C 69 -9.71 -12.41 27.32
CA ALA C 69 -9.71 -13.22 28.55
C ALA C 69 -9.83 -12.28 29.75
N PHE C 70 -9.01 -11.23 29.82
CA PHE C 70 -9.01 -10.34 31.01
C PHE C 70 -10.36 -9.60 31.09
N TYR C 71 -10.95 -9.20 29.97
CA TYR C 71 -12.35 -8.67 29.96
C TYR C 71 -13.31 -9.73 30.53
N ALA C 72 -13.20 -10.98 30.08
CA ALA C 72 -14.05 -12.09 30.56
C ALA C 72 -13.89 -12.22 32.07
N TYR C 73 -12.67 -12.12 32.59
CA TYR C 73 -12.43 -12.34 34.05
C TYR C 73 -13.13 -11.23 34.84
N GLY C 74 -13.07 -9.98 34.35
CA GLY C 74 -13.77 -8.85 34.97
C GLY C 74 -15.28 -9.03 34.91
N LEU C 75 -15.80 -9.47 33.77
CA LEU C 75 -17.26 -9.66 33.60
C LEU C 75 -17.79 -10.69 34.60
N ALA C 76 -17.01 -11.72 34.93
CA ALA C 76 -17.43 -12.77 35.87
C ALA C 76 -17.63 -12.15 37.28
N SER C 77 -16.77 -11.20 37.68
CA SER C 77 -16.87 -10.48 38.97
C SER C 77 -18.06 -9.51 38.94
N VAL C 78 -18.32 -8.86 37.79
CA VAL C 78 -19.52 -7.97 37.64
C VAL C 78 -20.78 -8.78 37.96
N ALA C 79 -20.87 -10.03 37.49
CA ALA C 79 -22.02 -10.96 37.69
C ALA C 79 -22.25 -11.17 39.18
N LEU C 80 -21.16 -11.22 39.95
CA LEU C 80 -21.16 -11.50 41.40
C LEU C 80 -21.50 -10.22 42.15
N ILE C 81 -21.06 -9.06 41.67
CA ILE C 81 -21.27 -7.75 42.34
C ILE C 81 -22.74 -7.35 42.24
N ASP C 82 -23.32 -7.32 41.04
CA ASP C 82 -24.70 -6.78 40.86
C ASP C 82 -25.56 -7.80 40.10
N PRO C 83 -26.50 -8.45 40.79
CA PRO C 83 -27.43 -9.40 40.17
C PRO C 83 -28.14 -8.85 38.94
N LYS C 84 -28.42 -7.53 38.94
CA LYS C 84 -29.13 -6.82 37.84
C LYS C 84 -28.26 -6.80 36.57
N LEU C 85 -26.94 -6.90 36.70
CA LEU C 85 -26.01 -6.89 35.55
C LEU C 85 -25.57 -8.31 35.19
N ARG C 86 -26.08 -9.33 35.89
CA ARG C 86 -25.60 -10.71 35.66
C ARG C 86 -25.95 -11.16 34.24
N ALA C 87 -27.14 -10.85 33.76
CA ALA C 87 -27.58 -11.26 32.40
C ALA C 87 -26.69 -10.57 31.36
N LEU C 88 -26.41 -9.27 31.53
CA LEU C 88 -25.48 -8.51 30.64
C LEU C 88 -24.09 -9.16 30.68
N ALA C 89 -23.57 -9.47 31.86
CA ALA C 89 -22.26 -10.12 32.00
C ALA C 89 -22.28 -11.45 31.25
N GLY C 90 -23.36 -12.25 31.40
CA GLY C 90 -23.56 -13.52 30.69
C GLY C 90 -23.45 -13.36 29.19
N HIS C 91 -24.17 -12.37 28.66
CA HIS C 91 -24.21 -12.02 27.22
C HIS C 91 -22.80 -11.66 26.74
N ASP C 92 -22.09 -10.81 27.48
CA ASP C 92 -20.73 -10.37 27.08
C ASP C 92 -19.79 -11.60 27.08
N LEU C 93 -19.92 -12.49 28.06
CA LEU C 93 -19.08 -13.72 28.17
C LEU C 93 -19.37 -14.66 26.99
N ASP C 94 -20.62 -14.77 26.53
CA ASP C 94 -21.00 -15.51 25.31
C ASP C 94 -20.22 -14.94 24.11
N ILE C 95 -20.22 -13.62 23.96
CA ILE C 95 -19.49 -12.92 22.87
C ILE C 95 -18.00 -13.16 23.06
N ALA C 96 -17.48 -13.09 24.28
CA ALA C 96 -16.04 -13.26 24.56
C ALA C 96 -15.64 -14.66 24.08
N VAL C 97 -16.41 -15.69 24.41
CA VAL C 97 -16.12 -17.10 24.00
C VAL C 97 -16.18 -17.17 22.47
N SER C 98 -17.23 -16.63 21.84
CA SER C 98 -17.38 -16.68 20.36
C SER C 98 -16.14 -16.04 19.71
N LYS C 99 -15.78 -14.83 20.14
CA LYS C 99 -14.68 -14.08 19.52
C LYS C 99 -13.36 -14.82 19.72
N MET C 100 -13.18 -15.42 20.90
CA MET C 100 -11.94 -16.13 21.28
C MET C 100 -11.65 -17.25 20.27
N LYS C 101 -12.69 -17.81 19.67
CA LYS C 101 -12.58 -18.94 18.70
C LYS C 101 -12.33 -18.42 17.29
N CYS C 102 -12.39 -17.12 17.03
CA CYS C 102 -12.13 -16.56 15.68
C CYS C 102 -10.67 -16.73 15.33
N LYS C 103 -10.38 -17.05 14.06
CA LYS C 103 -9.01 -17.34 13.57
C LYS C 103 -8.09 -16.14 13.89
N ARG C 104 -8.57 -14.90 13.77
CA ARG C 104 -7.76 -13.68 14.04
C ARG C 104 -7.10 -13.76 15.42
N VAL C 105 -7.75 -14.43 16.37
CA VAL C 105 -7.26 -14.54 17.77
C VAL C 105 -6.10 -15.56 17.87
N TRP C 106 -6.17 -16.68 17.15
CA TRP C 106 -5.21 -17.80 17.35
C TRP C 106 -4.26 -17.96 16.15
N THR C 107 -4.41 -17.13 15.11
CA THR C 107 -3.69 -17.27 13.80
C THR C 107 -2.18 -17.33 14.01
N ASP C 108 -1.64 -16.66 15.04
CA ASP C 108 -0.19 -16.70 15.36
C ASP C 108 0.32 -18.15 15.46
N TRP C 109 -0.50 -19.06 16.00
CA TRP C 109 -0.12 -20.48 16.19
C TRP C 109 0.27 -21.10 14.85
N GLU C 110 -0.61 -20.98 13.86
CA GLU C 110 -0.37 -21.47 12.48
C GLU C 110 0.77 -20.68 11.82
N GLU C 111 0.75 -19.35 11.89
CA GLU C 111 1.72 -18.49 11.15
C GLU C 111 3.15 -18.74 11.66
N ASP C 112 3.34 -19.04 12.95
CA ASP C 112 4.67 -19.37 13.52
C ASP C 112 5.12 -20.76 13.05
N GLY C 113 4.21 -21.55 12.47
CA GLY C 113 4.52 -22.90 11.95
C GLY C 113 4.27 -24.01 12.98
N PHE C 114 3.49 -23.75 14.04
CA PHE C 114 3.31 -24.68 15.19
C PHE C 114 2.15 -25.65 14.96
N GLY C 115 1.25 -25.36 14.02
CA GLY C 115 0.17 -26.28 13.63
C GLY C 115 -1.09 -25.54 13.20
N THR C 116 -2.02 -26.27 12.58
CA THR C 116 -3.27 -25.73 11.99
C THR C 116 -4.38 -25.75 13.03
N ASP C 117 -4.25 -26.55 14.09
CA ASP C 117 -5.29 -26.70 15.15
C ASP C 117 -4.74 -26.10 16.45
N PRO C 118 -5.33 -24.99 16.96
CA PRO C 118 -4.75 -24.28 18.09
C PRO C 118 -4.99 -24.93 19.46
N ILE C 119 -5.81 -26.00 19.53
CA ILE C 119 -6.08 -26.70 20.84
C ILE C 119 -5.42 -28.08 20.92
N GLU C 120 -5.06 -28.68 19.79
CA GLU C 120 -4.64 -30.12 19.70
C GLU C 120 -3.59 -30.46 20.77
N LYS C 121 -2.52 -29.66 20.85
CA LYS C 121 -1.41 -29.87 21.80
C LYS C 121 -0.72 -28.52 22.03
N GLU C 122 -0.02 -28.37 23.15
CA GLU C 122 0.76 -27.15 23.49
C GLU C 122 -0.16 -25.92 23.51
N ASN C 123 0.37 -24.73 23.28
CA ASN C 123 -0.43 -23.49 23.10
C ASN C 123 -1.33 -23.26 24.33
N ILE C 124 -0.83 -23.54 25.53
CA ILE C 124 -1.64 -23.38 26.77
C ILE C 124 -1.97 -21.89 26.96
N MET C 125 -1.14 -20.98 26.46
CA MET C 125 -1.37 -19.51 26.47
C MET C 125 -2.73 -19.17 25.84
N TYR C 126 -3.17 -19.92 24.84
CA TYR C 126 -4.49 -19.71 24.20
C TYR C 126 -5.55 -20.60 24.87
N LYS C 127 -5.34 -21.92 24.95
CA LYS C 127 -6.45 -22.85 25.28
C LYS C 127 -6.69 -22.87 26.80
N GLY C 128 -5.72 -22.50 27.61
CA GLY C 128 -5.95 -22.30 29.05
C GLY C 128 -6.98 -21.20 29.27
N HIS C 129 -6.79 -20.04 28.64
CA HIS C 129 -7.75 -18.90 28.74
C HIS C 129 -9.13 -19.37 28.20
N LEU C 130 -9.16 -20.02 27.04
CA LEU C 130 -10.44 -20.46 26.44
C LEU C 130 -11.14 -21.39 27.42
N ASN C 131 -10.41 -22.32 28.02
CA ASN C 131 -11.04 -23.33 28.92
C ASN C 131 -11.56 -22.61 30.16
N LEU C 132 -10.82 -21.62 30.68
CA LEU C 132 -11.31 -20.91 31.88
C LEU C 132 -12.55 -20.11 31.50
N MET C 133 -12.55 -19.49 30.30
CA MET C 133 -13.69 -18.71 29.80
C MET C 133 -14.95 -19.60 29.59
N TYR C 134 -14.80 -20.84 29.09
CA TYR C 134 -15.93 -21.80 28.97
C TYR C 134 -16.57 -21.97 30.35
N GLY C 135 -15.76 -22.15 31.38
CA GLY C 135 -16.21 -22.39 32.75
C GLY C 135 -16.91 -21.19 33.34
N LEU C 136 -16.27 -20.02 33.27
CA LEU C 136 -16.85 -18.76 33.83
C LEU C 136 -18.16 -18.42 33.13
N TYR C 137 -18.26 -18.62 31.82
CA TYR C 137 -19.52 -18.44 31.06
C TYR C 137 -20.62 -19.28 31.72
N GLN C 138 -20.30 -20.55 31.99
CA GLN C 138 -21.33 -21.51 32.47
C GLN C 138 -21.68 -21.19 33.92
N LEU C 139 -20.72 -20.76 34.72
CA LEU C 139 -20.96 -20.38 36.14
C LEU C 139 -21.90 -19.17 36.18
N VAL C 140 -21.70 -18.20 35.29
CA VAL C 140 -22.47 -16.94 35.31
C VAL C 140 -23.90 -17.20 34.82
N THR C 141 -24.06 -17.99 33.75
CA THR C 141 -25.30 -18.08 32.96
C THR C 141 -26.11 -19.31 33.34
N GLY C 142 -25.47 -20.41 33.75
CA GLY C 142 -26.15 -21.73 33.86
C GLY C 142 -26.41 -22.37 32.50
N SER C 143 -25.93 -21.78 31.41
CA SER C 143 -26.12 -22.30 30.04
C SER C 143 -25.08 -23.38 29.71
N ARG C 144 -25.55 -24.44 29.02
CA ARG C 144 -24.74 -25.58 28.49
C ARG C 144 -24.33 -25.36 27.04
N ARG C 145 -24.54 -24.16 26.51
CA ARG C 145 -24.22 -23.77 25.11
C ARG C 145 -22.84 -24.32 24.69
N TYR C 146 -21.82 -24.23 25.56
CA TYR C 146 -20.42 -24.58 25.22
C TYR C 146 -19.95 -25.84 25.97
N GLU C 147 -20.86 -26.57 26.62
CA GLU C 147 -20.44 -27.65 27.55
C GLU C 147 -19.72 -28.77 26.81
N ALA C 148 -20.21 -29.14 25.60
CA ALA C 148 -19.59 -30.19 24.77
C ALA C 148 -18.12 -29.81 24.54
N GLU C 149 -17.87 -28.56 24.17
CA GLU C 149 -16.50 -28.07 23.85
C GLU C 149 -15.68 -28.01 25.14
N HIS C 150 -16.31 -27.62 26.24
CA HIS C 150 -15.69 -27.51 27.59
C HIS C 150 -15.20 -28.88 28.05
N ALA C 151 -16.07 -29.89 27.94
CA ALA C 151 -15.77 -31.30 28.33
C ALA C 151 -14.57 -31.81 27.52
N HIS C 152 -14.54 -31.47 26.23
CA HIS C 152 -13.48 -31.90 25.29
C HIS C 152 -12.16 -31.23 25.68
N LEU C 153 -12.18 -29.90 25.81
CA LEU C 153 -10.92 -29.12 26.01
C LEU C 153 -10.33 -29.48 27.38
N THR C 154 -11.18 -29.63 28.40
CA THR C 154 -10.75 -30.00 29.78
C THR C 154 -10.00 -31.33 29.72
N ARG C 155 -10.49 -32.29 28.94
CA ARG C 155 -9.86 -33.63 28.81
C ARG C 155 -8.56 -33.54 28.02
N ILE C 156 -8.49 -32.72 26.97
CA ILE C 156 -7.20 -32.53 26.24
C ILE C 156 -6.14 -32.00 27.22
N ILE C 157 -6.51 -31.00 28.03
CA ILE C 157 -5.60 -30.36 29.01
C ILE C 157 -5.17 -31.41 30.05
N HIS C 158 -6.12 -32.12 30.65
CA HIS C 158 -5.84 -33.18 31.65
C HIS C 158 -4.88 -34.22 31.05
N ASP C 159 -5.15 -34.68 29.83
CA ASP C 159 -4.37 -35.77 29.19
C ASP C 159 -2.94 -35.27 28.92
N GLU C 160 -2.80 -34.00 28.50
CA GLU C 160 -1.49 -33.46 28.12
C GLU C 160 -0.61 -33.30 29.38
N ILE C 161 -1.20 -32.80 30.47
CA ILE C 161 -0.53 -32.74 31.80
C ILE C 161 -0.03 -34.15 32.15
N ALA C 162 -0.93 -35.14 32.12
CA ALA C 162 -0.63 -36.52 32.58
C ALA C 162 0.49 -37.14 31.73
N ALA C 163 0.58 -36.80 30.44
CA ALA C 163 1.61 -37.35 29.53
C ALA C 163 2.96 -36.65 29.68
N ASN C 164 3.04 -35.45 30.26
CA ASN C 164 4.31 -34.67 30.31
C ASN C 164 5.15 -35.09 31.50
N PRO C 165 6.50 -35.15 31.34
CA PRO C 165 7.42 -35.44 32.43
C PRO C 165 7.57 -34.31 33.48
N PHE C 166 7.31 -33.08 33.08
CA PHE C 166 7.22 -31.88 33.95
C PHE C 166 5.73 -31.68 34.24
N ALA C 167 5.38 -31.03 35.34
CA ALA C 167 3.97 -30.74 35.71
C ALA C 167 3.49 -29.54 34.89
N GLY C 168 2.66 -29.77 33.89
CA GLY C 168 1.94 -28.72 33.14
C GLY C 168 2.08 -28.89 31.64
N ILE C 169 1.88 -27.79 30.91
CA ILE C 169 1.79 -27.75 29.43
C ILE C 169 2.63 -26.56 28.94
N VAL C 170 3.26 -26.71 27.77
CA VAL C 170 4.04 -25.63 27.11
C VAL C 170 3.11 -24.68 26.35
N CYS C 171 3.62 -23.49 26.04
CA CYS C 171 3.00 -22.50 25.09
C CYS C 171 3.52 -22.83 23.68
N GLU C 172 4.41 -22.02 23.13
CA GLU C 172 5.24 -22.46 21.98
C GLU C 172 5.89 -23.78 22.37
N PRO C 173 6.20 -24.66 21.40
CA PRO C 173 7.02 -25.84 21.68
C PRO C 173 8.27 -25.47 22.49
N ASP C 174 8.46 -26.17 23.60
CA ASP C 174 9.67 -26.07 24.46
C ASP C 174 9.72 -24.76 25.26
N ASN C 175 8.61 -24.01 25.34
CA ASN C 175 8.49 -22.80 26.18
C ASN C 175 7.45 -23.02 27.28
N TYR C 176 7.89 -23.18 28.52
CA TYR C 176 7.03 -23.33 29.71
C TYR C 176 6.99 -22.02 30.51
N PHE C 177 5.79 -21.53 30.75
CA PHE C 177 5.50 -20.29 31.50
C PHE C 177 4.56 -20.62 32.65
N VAL C 178 4.96 -20.28 33.88
CA VAL C 178 4.15 -20.60 35.08
C VAL C 178 2.80 -19.85 35.02
N GLN C 179 2.76 -18.64 34.46
CA GLN C 179 1.53 -17.81 34.48
C GLN C 179 0.48 -18.45 33.56
N CYS C 180 0.88 -18.99 32.40
CA CYS C 180 -0.04 -19.62 31.43
C CYS C 180 -0.56 -20.93 32.02
N ASN C 181 0.28 -21.67 32.75
CA ASN C 181 -0.16 -22.90 33.46
C ASN C 181 -1.19 -22.56 34.56
N SER C 182 -0.99 -21.47 35.28
CA SER C 182 -1.86 -21.10 36.42
C SER C 182 -3.29 -20.93 35.92
N VAL C 183 -3.45 -20.38 34.71
CA VAL C 183 -4.76 -20.24 34.03
C VAL C 183 -5.35 -21.64 33.76
N ALA C 184 -4.57 -22.53 33.14
CA ALA C 184 -4.99 -23.91 32.81
C ALA C 184 -5.45 -24.66 34.09
N TYR C 185 -4.64 -24.68 35.14
CA TYR C 185 -5.02 -25.35 36.41
C TYR C 185 -6.30 -24.71 36.97
N LEU C 186 -6.43 -23.39 36.96
CA LEU C 186 -7.66 -22.76 37.49
C LEU C 186 -8.86 -23.27 36.67
N SER C 187 -8.71 -23.43 35.36
CA SER C 187 -9.79 -23.91 34.47
C SER C 187 -10.27 -25.30 34.93
N LEU C 188 -9.37 -26.12 35.49
CA LEU C 188 -9.73 -27.49 35.95
C LEU C 188 -10.56 -27.37 37.22
N TRP C 189 -10.25 -26.40 38.11
CA TRP C 189 -11.04 -26.18 39.35
C TRP C 189 -12.45 -25.75 38.94
N VAL C 190 -12.57 -24.88 37.96
CA VAL C 190 -13.92 -24.39 37.54
C VAL C 190 -14.70 -25.56 36.91
N TYR C 191 -14.09 -26.39 36.06
CA TYR C 191 -14.75 -27.58 35.47
C TYR C 191 -15.24 -28.49 36.59
N ASP C 192 -14.39 -28.77 37.58
CA ASP C 192 -14.75 -29.62 38.74
C ASP C 192 -15.94 -29.04 39.51
N ARG C 193 -15.97 -27.72 39.73
CA ARG C 193 -17.09 -27.08 40.45
C ARG C 193 -18.39 -27.33 39.68
N LEU C 194 -18.35 -27.27 38.34
CA LEU C 194 -19.55 -27.41 37.49
C LEU C 194 -19.98 -28.87 37.40
N HIS C 195 -19.07 -29.84 37.52
CA HIS C 195 -19.30 -31.23 37.06
C HIS C 195 -19.09 -32.27 38.17
N GLY C 196 -18.52 -31.90 39.33
CA GLY C 196 -18.26 -32.87 40.41
C GLY C 196 -17.09 -33.80 40.10
N THR C 197 -16.22 -33.42 39.17
CA THR C 197 -15.04 -34.22 38.75
C THR C 197 -13.86 -33.89 39.67
N ASP C 198 -12.70 -34.51 39.43
CA ASP C 198 -11.46 -34.31 40.24
C ASP C 198 -10.27 -33.98 39.32
N TYR C 199 -10.46 -33.23 38.25
CA TYR C 199 -9.32 -32.80 37.36
C TYR C 199 -8.32 -31.96 38.16
N ARG C 200 -8.81 -31.25 39.16
CA ARG C 200 -7.99 -30.31 39.97
C ARG C 200 -6.96 -31.09 40.80
N ALA C 201 -7.07 -32.41 40.93
CA ALA C 201 -6.14 -33.23 41.73
C ALA C 201 -4.71 -33.07 41.21
N ALA C 202 -4.51 -32.75 39.94
CA ALA C 202 -3.15 -32.56 39.36
C ALA C 202 -2.47 -31.29 39.92
N THR C 203 -3.20 -30.42 40.62
CA THR C 203 -2.68 -29.10 41.08
C THR C 203 -1.50 -29.27 42.05
N ARG C 204 -1.60 -30.23 42.98
CA ARG C 204 -0.58 -30.43 44.05
C ARG C 204 0.80 -30.63 43.39
N ALA C 205 0.89 -31.57 42.44
CA ALA C 205 2.15 -31.90 41.76
C ALA C 205 2.65 -30.63 41.04
N TRP C 206 1.77 -29.82 40.48
CA TRP C 206 2.15 -28.57 39.79
C TRP C 206 2.78 -27.57 40.77
N LEU C 207 2.12 -27.32 41.90
CA LEU C 207 2.60 -26.38 42.94
C LEU C 207 3.94 -26.87 43.49
N ASP C 208 4.13 -28.18 43.63
CA ASP C 208 5.45 -28.76 44.06
C ASP C 208 6.52 -28.46 42.99
N PHE C 209 6.19 -28.67 41.71
CA PHE C 209 7.13 -28.50 40.57
C PHE C 209 7.56 -27.03 40.48
N ILE C 210 6.63 -26.08 40.52
CA ILE C 210 6.98 -24.64 40.27
C ILE C 210 7.81 -24.10 41.45
N GLN C 211 7.77 -24.75 42.62
CA GLN C 211 8.54 -24.32 43.81
C GLN C 211 9.98 -24.83 43.79
N LYS C 212 10.36 -25.67 42.81
CA LYS C 212 11.77 -26.12 42.66
C LYS C 212 12.52 -25.07 41.82
N ASP C 213 12.95 -25.39 40.60
CA ASP C 213 13.88 -24.48 39.87
C ASP C 213 13.14 -23.23 39.35
N LEU C 214 11.81 -23.20 39.35
CA LEU C 214 11.07 -22.07 38.72
C LEU C 214 10.85 -20.88 39.67
N ILE C 215 11.08 -21.02 40.98
CA ILE C 215 10.91 -19.89 41.95
C ILE C 215 12.25 -19.61 42.66
N ASP C 216 12.37 -18.37 43.10
CA ASP C 216 13.40 -17.92 44.07
C ASP C 216 12.60 -17.77 45.36
N PRO C 217 12.55 -18.76 46.25
CA PRO C 217 11.69 -18.66 47.43
C PRO C 217 11.98 -17.47 48.34
N GLU C 218 13.25 -17.08 48.46
CA GLU C 218 13.66 -15.95 49.32
C GLU C 218 13.08 -14.64 48.77
N ARG C 219 13.11 -14.47 47.45
CA ARG C 219 12.60 -13.22 46.84
C ARG C 219 11.10 -13.35 46.52
N GLY C 220 10.50 -14.52 46.67
CA GLY C 220 9.07 -14.69 46.36
C GLY C 220 8.76 -14.36 44.90
N ALA C 221 9.64 -14.77 43.99
CA ALA C 221 9.51 -14.44 42.57
C ALA C 221 9.84 -15.62 41.66
N PHE C 222 9.08 -15.76 40.56
CA PHE C 222 9.28 -16.79 39.54
C PHE C 222 10.28 -16.29 38.50
N TYR C 223 11.10 -17.22 38.00
CA TYR C 223 11.96 -17.03 36.82
C TYR C 223 11.07 -16.91 35.60
N LEU C 224 11.60 -16.29 34.56
CA LEU C 224 10.86 -15.92 33.33
C LEU C 224 10.17 -17.15 32.72
N SER C 225 10.90 -18.26 32.57
CA SER C 225 10.43 -19.42 31.78
C SER C 225 11.38 -20.60 31.98
N TYR C 226 10.86 -21.78 31.66
CA TYR C 226 11.54 -23.09 31.70
C TYR C 226 11.46 -23.72 30.30
N HIS C 227 12.50 -24.44 29.90
CA HIS C 227 12.64 -24.98 28.51
C HIS C 227 13.04 -26.45 28.61
N PRO C 228 12.05 -27.37 28.63
CA PRO C 228 12.29 -28.78 28.98
C PRO C 228 13.40 -29.48 28.20
N GLU C 229 13.53 -29.22 26.90
CA GLU C 229 14.53 -29.88 26.02
C GLU C 229 15.94 -29.71 26.61
N SER C 230 16.32 -28.49 26.95
CA SER C 230 17.64 -28.13 27.54
C SER C 230 17.62 -28.29 29.07
N GLY C 231 16.42 -28.22 29.67
CA GLY C 231 16.21 -28.01 31.12
C GLY C 231 16.58 -26.60 31.56
N ALA C 232 16.81 -25.66 30.63
CA ALA C 232 17.25 -24.28 30.98
C ALA C 232 16.10 -23.57 31.71
N VAL C 233 16.43 -22.83 32.76
CA VAL C 233 15.54 -21.81 33.38
C VAL C 233 16.19 -20.46 33.12
N LYS C 234 15.49 -19.54 32.44
CA LYS C 234 16.05 -18.20 32.16
C LYS C 234 16.39 -17.57 33.51
N PRO C 235 17.61 -17.03 33.66
CA PRO C 235 18.08 -16.59 34.97
C PRO C 235 17.58 -15.22 35.44
N TRP C 236 16.49 -14.68 34.89
CA TRP C 236 15.89 -13.39 35.35
C TRP C 236 14.54 -13.69 36.02
N ILE C 237 14.32 -13.08 37.18
CA ILE C 237 13.00 -13.11 37.88
C ILE C 237 12.13 -12.03 37.23
N SER C 238 10.82 -12.26 37.23
CA SER C 238 9.83 -11.43 36.52
C SER C 238 8.67 -11.07 37.46
N ALA C 239 8.45 -9.77 37.66
CA ALA C 239 7.40 -9.27 38.57
C ALA C 239 6.02 -9.53 37.96
N TYR C 240 5.79 -9.21 36.70
CA TYR C 240 4.44 -9.42 36.10
C TYR C 240 4.10 -10.92 36.09
N THR C 241 5.08 -11.79 35.77
CA THR C 241 4.91 -13.25 35.79
C THR C 241 4.46 -13.65 37.19
N THR C 242 5.14 -13.16 38.22
CA THR C 242 4.88 -13.54 39.63
C THR C 242 3.52 -12.99 40.10
N ALA C 243 3.20 -11.73 39.82
CA ALA C 243 1.95 -11.08 40.26
C ALA C 243 0.74 -11.85 39.70
N TRP C 244 0.76 -12.13 38.41
CA TRP C 244 -0.32 -12.88 37.72
C TRP C 244 -0.40 -14.29 38.33
N THR C 245 0.72 -15.01 38.42
CA THR C 245 0.72 -16.41 38.93
C THR C 245 0.22 -16.46 40.38
N LEU C 246 0.76 -15.60 41.26
CA LEU C 246 0.31 -15.59 42.68
C LEU C 246 -1.18 -15.24 42.74
N ALA C 247 -1.70 -14.38 41.86
CA ALA C 247 -3.12 -13.97 41.93
C ALA C 247 -4.01 -15.20 41.69
N MET C 248 -3.70 -15.97 40.64
CA MET C 248 -4.55 -17.12 40.24
C MET C 248 -4.31 -18.29 41.19
N VAL C 249 -3.07 -18.53 41.61
CA VAL C 249 -2.80 -19.61 42.61
C VAL C 249 -3.59 -19.32 43.92
N HIS C 250 -3.76 -18.06 44.29
CA HIS C 250 -4.44 -17.69 45.55
C HIS C 250 -5.85 -18.29 45.55
N GLY C 251 -6.45 -18.49 44.37
CA GLY C 251 -7.78 -19.09 44.23
C GLY C 251 -7.77 -20.60 44.46
N MET C 252 -6.61 -21.27 44.35
CA MET C 252 -6.50 -22.74 44.40
C MET C 252 -5.82 -23.15 45.71
N ASP C 253 -4.75 -22.47 46.10
CA ASP C 253 -3.98 -22.72 47.35
C ASP C 253 -3.66 -21.36 47.96
N PRO C 254 -4.61 -20.76 48.74
CA PRO C 254 -4.39 -19.45 49.33
C PRO C 254 -3.07 -19.32 50.09
N ALA C 255 -2.67 -20.34 50.84
CA ALA C 255 -1.47 -20.32 51.70
C ALA C 255 -0.19 -20.12 50.85
N PHE C 256 -0.14 -20.74 49.66
CA PHE C 256 1.01 -20.62 48.72
C PHE C 256 1.25 -19.13 48.43
N SER C 257 0.22 -18.42 48.00
CA SER C 257 0.33 -16.98 47.63
C SER C 257 0.57 -16.13 48.87
N GLU C 258 -0.06 -16.46 50.01
CA GLU C 258 0.14 -15.72 51.28
C GLU C 258 1.61 -15.84 51.72
N ARG C 259 2.25 -16.99 51.50
CA ARG C 259 3.67 -17.22 51.87
C ARG C 259 4.59 -16.28 51.09
N TYR C 260 4.37 -16.12 49.78
CA TYR C 260 5.33 -15.42 48.90
C TYR C 260 5.00 -13.93 48.75
N TYR C 261 3.76 -13.51 49.01
CA TYR C 261 3.29 -12.13 48.68
C TYR C 261 4.20 -11.09 49.34
N PRO C 262 4.49 -11.16 50.66
CA PRO C 262 5.32 -10.14 51.28
C PRO C 262 6.72 -10.06 50.68
N ARG C 263 7.26 -11.21 50.34
CA ARG C 263 8.62 -11.26 49.75
C ARG C 263 8.57 -10.63 48.36
N PHE C 264 7.52 -10.93 47.62
CA PHE C 264 7.33 -10.35 46.27
C PHE C 264 7.35 -8.82 46.36
N LYS C 265 6.61 -8.27 47.32
CA LYS C 265 6.49 -6.81 47.48
C LYS C 265 7.88 -6.24 47.82
N GLN C 266 8.61 -6.86 48.74
CA GLN C 266 9.97 -6.39 49.12
C GLN C 266 10.88 -6.42 47.87
N THR C 267 10.74 -7.45 47.05
CA THR C 267 11.64 -7.60 45.89
C THR C 267 11.38 -6.58 44.78
N PHE C 268 10.13 -6.21 44.52
CA PHE C 268 9.77 -5.50 43.27
C PHE C 268 9.06 -4.15 43.52
N VAL C 269 8.35 -3.97 44.62
CA VAL C 269 7.42 -2.80 44.73
C VAL C 269 8.20 -1.58 45.28
N GLU C 270 8.19 -0.47 44.56
CA GLU C 270 8.75 0.81 45.03
C GLU C 270 7.59 1.72 45.46
N VAL C 271 7.50 2.03 46.74
CA VAL C 271 6.59 3.09 47.27
C VAL C 271 7.24 4.46 47.05
N TYR C 272 6.50 5.45 46.56
CA TYR C 272 7.06 6.81 46.29
C TYR C 272 5.97 7.86 46.54
N ASP C 273 6.32 9.13 46.34
CA ASP C 273 5.42 10.30 46.56
C ASP C 273 4.82 10.26 47.97
N GLU C 274 5.68 10.17 48.98
CA GLU C 274 5.30 10.33 50.41
C GLU C 274 4.31 9.24 50.79
N GLY C 275 4.47 8.04 50.22
CA GLY C 275 3.59 6.89 50.51
C GLY C 275 2.29 6.88 49.72
N ARG C 276 2.03 7.86 48.84
CA ARG C 276 0.72 8.00 48.12
C ARG C 276 0.70 7.07 46.90
N LYS C 277 1.87 6.70 46.36
CA LYS C 277 1.99 5.98 45.06
C LYS C 277 2.94 4.79 45.17
N ALA C 278 2.82 3.86 44.23
CA ALA C 278 3.75 2.71 44.13
C ALA C 278 3.91 2.34 42.67
N ARG C 279 5.08 1.80 42.33
CA ARG C 279 5.34 1.32 40.95
C ARG C 279 6.24 0.10 41.07
N VAL C 280 6.11 -0.81 40.12
CA VAL C 280 6.69 -2.17 40.28
C VAL C 280 7.83 -2.37 39.27
N ARG C 281 9.02 -2.70 39.78
CA ARG C 281 10.18 -3.09 38.94
C ARG C 281 9.88 -4.46 38.33
N GLU C 282 10.17 -4.66 37.03
CA GLU C 282 9.89 -5.93 36.31
C GLU C 282 10.89 -7.03 36.69
N THR C 283 12.16 -6.69 37.00
CA THR C 283 13.19 -7.71 37.29
C THR C 283 14.16 -7.19 38.37
N ALA C 284 15.11 -8.03 38.73
CA ALA C 284 16.13 -7.68 39.74
C ALA C 284 17.25 -6.85 39.11
N GLY C 285 18.03 -6.20 39.94
CA GLY C 285 19.22 -5.43 39.50
C GLY C 285 18.90 -4.25 38.62
N THR C 286 17.75 -3.60 38.85
CA THR C 286 17.36 -2.35 38.16
C THR C 286 16.58 -1.46 39.12
N ASP C 287 16.61 -0.15 38.90
CA ASP C 287 15.73 0.83 39.61
C ASP C 287 14.51 1.15 38.73
N ASP C 288 14.54 0.78 37.45
CA ASP C 288 13.50 1.11 36.44
C ASP C 288 12.20 0.37 36.78
N ALA C 289 11.07 1.06 36.73
CA ALA C 289 9.71 0.47 36.88
C ALA C 289 9.19 -0.03 35.53
N ASP C 290 8.42 -1.12 35.53
CA ASP C 290 7.56 -1.52 34.39
C ASP C 290 8.37 -1.69 33.12
N GLY C 291 9.58 -2.26 33.23
CA GLY C 291 10.33 -2.73 32.06
C GLY C 291 9.70 -3.95 31.43
N GLY C 292 10.39 -4.56 30.46
CA GLY C 292 9.91 -5.78 29.79
C GLY C 292 8.61 -5.48 29.05
N VAL C 293 7.59 -6.29 29.26
CA VAL C 293 6.26 -6.11 28.60
C VAL C 293 5.53 -4.90 29.20
N GLY C 294 6.00 -4.34 30.32
CA GLY C 294 5.48 -3.07 30.87
C GLY C 294 4.20 -3.28 31.67
N LEU C 295 3.99 -4.47 32.23
CA LEU C 295 2.71 -4.87 32.87
C LEU C 295 2.91 -5.19 34.35
N ALA C 296 4.10 -5.05 34.89
CA ALA C 296 4.36 -5.37 36.32
C ALA C 296 3.38 -4.64 37.23
N SER C 297 3.19 -3.33 37.08
CA SER C 297 2.36 -2.50 37.98
C SER C 297 0.89 -2.91 37.81
N ALA C 298 0.43 -3.13 36.57
CA ALA C 298 -0.98 -3.48 36.26
C ALA C 298 -1.30 -4.85 36.85
N PHE C 299 -0.41 -5.86 36.69
CA PHE C 299 -0.69 -7.20 37.26
C PHE C 299 -0.59 -7.15 38.79
N THR C 300 0.25 -6.28 39.34
CA THR C 300 0.38 -6.16 40.82
C THR C 300 -0.90 -5.51 41.37
N LEU C 301 -1.56 -4.64 40.60
CA LEU C 301 -2.86 -4.04 41.00
C LEU C 301 -3.88 -5.19 41.12
N LEU C 302 -3.91 -6.10 40.15
CA LEU C 302 -4.75 -7.32 40.26
C LEU C 302 -4.36 -8.14 41.51
N LEU C 303 -3.06 -8.38 41.74
CA LEU C 303 -2.61 -9.21 42.90
C LEU C 303 -3.04 -8.53 44.21
N ALA C 304 -2.86 -7.20 44.32
CA ALA C 304 -3.26 -6.44 45.53
C ALA C 304 -4.75 -6.67 45.81
N ARG C 305 -5.58 -6.56 44.77
CA ARG C 305 -7.04 -6.79 44.87
C ARG C 305 -7.28 -8.22 45.36
N GLU C 306 -6.66 -9.21 44.74
CA GLU C 306 -6.82 -10.65 45.07
C GLU C 306 -6.45 -10.88 46.53
N MET C 307 -5.39 -10.22 47.02
CA MET C 307 -4.87 -10.44 48.40
C MET C 307 -5.58 -9.53 49.40
N GLY C 308 -6.44 -8.60 48.95
CA GLY C 308 -7.18 -7.68 49.83
C GLY C 308 -6.27 -6.61 50.41
N ASP C 309 -5.23 -6.22 49.69
CA ASP C 309 -4.23 -5.21 50.10
C ASP C 309 -4.68 -3.84 49.59
N GLN C 310 -5.59 -3.18 50.33
CA GLN C 310 -6.16 -1.88 49.90
C GLN C 310 -5.05 -0.82 49.81
N GLN C 311 -4.08 -0.83 50.73
CA GLN C 311 -3.01 0.21 50.72
C GLN C 311 -2.22 0.09 49.41
N LEU C 312 -1.74 -1.10 49.04
CA LEU C 312 -0.98 -1.24 47.78
C LEU C 312 -1.88 -0.99 46.56
N PHE C 313 -3.13 -1.45 46.59
CA PHE C 313 -4.07 -1.19 45.46
C PHE C 313 -4.18 0.32 45.23
N ASP C 314 -4.41 1.08 46.28
CA ASP C 314 -4.55 2.57 46.21
C ASP C 314 -3.28 3.19 45.64
N GLN C 315 -2.11 2.75 46.12
CA GLN C 315 -0.81 3.34 45.67
C GLN C 315 -0.63 3.04 44.18
N LEU C 316 -0.92 1.83 43.75
CA LEU C 316 -0.72 1.43 42.33
C LEU C 316 -1.72 2.20 41.46
N LEU C 317 -2.97 2.32 41.89
CA LEU C 317 -3.97 2.98 41.01
C LEU C 317 -3.62 4.49 40.89
N ASN C 318 -3.08 5.09 41.96
CA ASN C 318 -2.61 6.50 41.96
C ASN C 318 -1.46 6.69 40.97
N HIS C 319 -0.65 5.65 40.77
CA HIS C 319 0.48 5.66 39.80
C HIS C 319 -0.08 5.49 38.39
N LEU C 320 -1.02 4.56 38.20
CA LEU C 320 -1.43 4.09 36.86
C LEU C 320 -2.48 5.02 36.24
N GLU C 321 -3.50 5.42 36.99
CA GLU C 321 -4.72 5.99 36.37
C GLU C 321 -4.55 7.48 36.07
N PRO C 322 -4.13 8.35 37.00
CA PRO C 322 -4.07 9.79 36.71
C PRO C 322 -3.31 10.17 35.43
N PRO C 323 -2.09 9.66 35.18
CA PRO C 323 -1.33 10.04 33.99
C PRO C 323 -2.01 9.58 32.69
N ALA C 324 -2.83 8.52 32.75
CA ALA C 324 -3.58 7.97 31.60
C ALA C 324 -4.76 8.88 31.23
N LYS C 325 -5.09 9.85 32.08
CA LYS C 325 -6.08 10.93 31.83
C LYS C 325 -7.40 10.30 31.45
N PRO C 326 -8.12 9.69 32.43
CA PRO C 326 -9.45 9.16 32.16
C PRO C 326 -10.45 10.30 31.95
N SER C 327 -11.43 10.11 31.07
CA SER C 327 -12.62 10.98 31.09
C SER C 327 -13.86 10.14 30.75
N ILE C 328 -14.99 10.58 31.29
CA ILE C 328 -16.32 10.00 31.04
C ILE C 328 -17.10 10.97 30.16
N VAL C 329 -17.34 10.58 28.92
CA VAL C 329 -18.06 11.39 27.89
C VAL C 329 -19.26 10.59 27.48
N SER C 330 -20.46 11.16 27.64
CA SER C 330 -21.72 10.45 27.32
C SER C 330 -21.77 9.13 28.09
N ALA C 331 -21.38 9.16 29.38
CA ALA C 331 -21.47 8.06 30.37
C ALA C 331 -20.59 6.85 29.96
N SER C 332 -19.54 7.09 29.18
CA SER C 332 -18.63 6.05 28.68
C SER C 332 -17.19 6.44 29.02
N LEU C 333 -16.40 5.51 29.51
CA LEU C 333 -15.01 5.77 29.97
C LEU C 333 -14.04 5.69 28.79
N ARG C 334 -13.10 6.63 28.71
CA ARG C 334 -11.94 6.55 27.78
C ARG C 334 -10.69 7.06 28.50
N TYR C 335 -9.54 6.56 28.11
CA TYR C 335 -8.20 6.99 28.57
C TYR C 335 -7.50 7.67 27.40
N GLU C 336 -7.08 8.92 27.58
CA GLU C 336 -6.31 9.67 26.54
C GLU C 336 -4.91 9.05 26.37
N HIS C 337 -4.26 8.62 27.45
CA HIS C 337 -2.84 8.14 27.43
C HIS C 337 -2.70 6.79 28.14
N PRO C 338 -3.28 5.70 27.60
CA PRO C 338 -3.10 4.39 28.22
C PRO C 338 -1.58 4.12 28.30
N GLY C 339 -1.09 3.70 29.45
CA GLY C 339 0.37 3.63 29.71
C GLY C 339 0.97 2.31 29.29
N SER C 340 0.15 1.34 28.87
CA SER C 340 0.60 -0.05 28.59
C SER C 340 -0.39 -0.75 27.66
N LEU C 341 0.00 -1.92 27.16
CA LEU C 341 -0.94 -2.87 26.54
C LEU C 341 -1.94 -3.28 27.61
N LEU C 342 -3.12 -3.72 27.18
CA LEU C 342 -4.15 -4.33 28.07
C LEU C 342 -4.53 -3.35 29.20
N PHE C 343 -4.45 -2.05 28.97
CA PHE C 343 -4.58 -1.03 30.05
C PHE C 343 -6.02 -1.00 30.57
N ASP C 344 -7.00 -0.69 29.73
CA ASP C 344 -8.41 -0.56 30.19
C ASP C 344 -8.88 -1.95 30.66
N GLU C 345 -8.37 -3.03 30.05
CA GLU C 345 -8.72 -4.43 30.45
C GLU C 345 -8.30 -4.69 31.90
N LEU C 346 -7.03 -4.45 32.24
CA LEU C 346 -6.48 -4.82 33.56
C LEU C 346 -6.96 -3.85 34.63
N LEU C 347 -7.17 -2.55 34.31
CA LEU C 347 -7.71 -1.61 35.31
C LEU C 347 -9.17 -1.99 35.63
N PHE C 348 -9.96 -2.36 34.63
CA PHE C 348 -11.36 -2.86 34.78
C PHE C 348 -11.36 -4.08 35.70
N LEU C 349 -10.54 -5.07 35.36
CA LEU C 349 -10.48 -6.35 36.10
C LEU C 349 -10.12 -6.05 37.57
N ALA C 350 -9.07 -5.27 37.85
CA ALA C 350 -8.60 -4.99 39.22
C ALA C 350 -9.69 -4.25 40.01
N LYS C 351 -10.44 -3.36 39.36
CA LYS C 351 -11.48 -2.55 40.03
C LYS C 351 -12.64 -3.44 40.50
N VAL C 352 -13.01 -4.49 39.75
CA VAL C 352 -14.21 -5.34 40.05
C VAL C 352 -13.83 -6.66 40.72
N HIS C 353 -12.58 -7.10 40.63
CA HIS C 353 -12.18 -8.51 40.93
C HIS C 353 -12.63 -8.95 42.33
N ALA C 354 -13.47 -9.98 42.38
CA ALA C 354 -14.09 -10.50 43.62
C ALA C 354 -13.21 -11.58 44.25
N GLY C 355 -12.11 -11.95 43.60
CA GLY C 355 -11.24 -13.06 44.03
C GLY C 355 -11.53 -14.32 43.24
N PHE C 356 -10.48 -15.03 42.81
CA PHE C 356 -10.64 -16.25 41.99
C PHE C 356 -11.40 -17.31 42.80
N GLY C 357 -11.18 -17.36 44.12
CA GLY C 357 -11.89 -18.29 45.00
C GLY C 357 -13.38 -18.01 45.01
N ALA C 358 -13.78 -16.74 45.04
CA ALA C 358 -15.21 -16.34 45.09
C ALA C 358 -15.84 -16.64 43.72
N LEU C 359 -15.09 -16.52 42.63
CA LEU C 359 -15.65 -16.86 41.29
C LEU C 359 -15.91 -18.40 41.23
N LEU C 360 -15.00 -19.21 41.74
CA LEU C 360 -15.18 -20.68 41.87
C LEU C 360 -16.48 -21.02 42.60
N ARG C 361 -16.87 -20.21 43.61
CA ARG C 361 -18.02 -20.51 44.49
C ARG C 361 -19.26 -19.76 44.01
N MET C 362 -19.24 -19.16 42.81
CA MET C 362 -20.35 -18.34 42.32
C MET C 362 -21.64 -19.11 42.51
N PRO C 363 -22.64 -18.59 43.25
CA PRO C 363 -23.92 -19.24 43.36
C PRO C 363 -24.65 -19.22 42.03
N PRO C 364 -25.55 -20.19 41.74
CA PRO C 364 -26.18 -20.29 40.43
C PRO C 364 -27.17 -19.14 40.22
N PRO C 365 -27.63 -18.90 38.98
CA PRO C 365 -28.66 -17.90 38.74
C PRO C 365 -30.03 -18.33 39.29
N ALA D 2 42.27 -0.99 35.35
CA ALA D 2 42.02 -0.24 34.09
C ALA D 2 41.06 0.92 34.35
N GLU D 3 41.28 2.04 33.65
CA GLU D 3 40.35 3.20 33.64
C GLU D 3 39.24 2.89 32.62
N LEU D 4 38.00 3.17 32.99
CA LEU D 4 36.82 3.04 32.10
C LEU D 4 36.76 4.24 31.16
N PRO D 5 36.97 4.06 29.83
CA PRO D 5 36.99 5.18 28.90
C PRO D 5 35.62 5.84 28.77
N PRO D 6 35.55 7.11 28.29
CA PRO D 6 34.27 7.80 28.20
C PRO D 6 33.27 7.02 27.32
N GLY D 7 32.02 6.94 27.76
CA GLY D 7 30.93 6.27 27.02
C GLY D 7 31.01 4.74 27.02
N ARG D 8 32.01 4.13 27.65
CA ARG D 8 32.19 2.66 27.66
C ARG D 8 31.37 2.05 28.81
N LEU D 9 30.89 0.83 28.65
CA LEU D 9 30.11 0.09 29.69
C LEU D 9 31.06 -0.70 30.61
N ALA D 10 32.13 -1.27 30.08
CA ALA D 10 33.12 -2.06 30.83
C ALA D 10 34.50 -1.91 30.20
N THR D 11 35.55 -2.07 31.01
CA THR D 11 36.94 -1.99 30.55
C THR D 11 37.26 -3.16 29.64
N THR D 12 38.22 -2.96 28.76
CA THR D 12 38.80 -4.05 27.93
C THR D 12 39.34 -5.16 28.84
N GLU D 13 40.00 -4.82 29.94
CA GLU D 13 40.47 -5.77 30.96
C GLU D 13 39.31 -6.67 31.40
N ASP D 14 38.16 -6.07 31.72
CA ASP D 14 36.94 -6.79 32.17
C ASP D 14 36.46 -7.76 31.09
N TYR D 15 36.43 -7.38 29.81
CA TYR D 15 35.98 -8.30 28.74
C TYR D 15 36.96 -9.48 28.64
N PHE D 16 38.26 -9.21 28.70
CA PHE D 16 39.30 -10.26 28.50
C PHE D 16 39.37 -11.18 29.72
N ALA D 17 38.89 -10.75 30.88
CA ALA D 17 38.94 -11.53 32.14
C ALA D 17 37.68 -12.39 32.37
N GLN D 18 36.68 -12.31 31.49
CA GLN D 18 35.38 -13.00 31.72
C GLN D 18 35.59 -14.50 31.90
N GLN D 19 36.35 -15.13 31.00
CA GLN D 19 36.53 -16.61 31.02
C GLN D 19 37.28 -17.00 32.31
N ALA D 20 38.36 -16.31 32.67
CA ALA D 20 39.14 -16.56 33.90
C ALA D 20 38.23 -16.41 35.13
N LYS D 21 37.36 -15.39 35.16
CA LYS D 21 36.46 -15.11 36.30
C LYS D 21 35.21 -16.00 36.24
N GLN D 22 34.99 -16.73 35.14
CA GLN D 22 33.78 -17.58 34.90
C GLN D 22 32.50 -16.77 35.12
N ALA D 23 32.46 -15.53 34.63
CA ALA D 23 31.25 -14.66 34.68
C ALA D 23 31.31 -13.65 33.52
N VAL D 24 30.18 -13.44 32.87
CA VAL D 24 30.03 -12.41 31.81
C VAL D 24 29.93 -11.06 32.52
N THR D 25 30.34 -9.98 31.88
CA THR D 25 30.20 -8.61 32.44
C THR D 25 28.72 -8.29 32.54
N PRO D 26 28.31 -7.36 33.42
CA PRO D 26 26.91 -6.94 33.49
C PRO D 26 26.32 -6.50 32.14
N ASP D 27 27.08 -5.80 31.29
CA ASP D 27 26.56 -5.37 29.98
C ASP D 27 26.36 -6.57 29.03
N VAL D 28 27.21 -7.60 29.10
CA VAL D 28 26.99 -8.86 28.31
C VAL D 28 25.71 -9.53 28.83
N MET D 29 25.53 -9.62 30.14
CA MET D 29 24.29 -10.17 30.73
C MET D 29 23.10 -9.35 30.21
N ALA D 30 23.20 -8.00 30.13
CA ALA D 30 22.09 -7.14 29.67
C ALA D 30 21.81 -7.38 28.18
N GLN D 31 22.84 -7.68 27.40
CA GLN D 31 22.69 -8.09 25.97
C GLN D 31 21.91 -9.42 25.92
N LEU D 32 22.26 -10.39 26.75
CA LEU D 32 21.53 -11.70 26.81
C LEU D 32 20.08 -11.44 27.21
N ALA D 33 19.82 -10.47 28.10
CA ALA D 33 18.43 -10.08 28.46
C ALA D 33 17.71 -9.49 27.23
N TYR D 34 18.32 -8.58 26.48
CA TYR D 34 17.74 -8.10 25.21
C TYR D 34 17.38 -9.32 24.36
N MET D 35 18.29 -10.30 24.27
CA MET D 35 18.12 -11.46 23.35
C MET D 35 16.97 -12.38 23.81
N ASN D 36 16.66 -12.43 25.11
CA ASN D 36 15.81 -13.49 25.73
C ASN D 36 14.54 -12.99 26.46
N TYR D 37 14.45 -11.71 26.85
CA TYR D 37 13.56 -11.30 27.99
C TYR D 37 12.10 -11.11 27.54
N ILE D 38 11.85 -10.21 26.60
CA ILE D 38 10.47 -9.73 26.34
C ILE D 38 9.72 -10.75 25.47
N ASP D 39 8.51 -11.10 25.91
CA ASP D 39 7.55 -11.96 25.19
C ASP D 39 7.40 -11.52 23.73
N PHE D 40 7.53 -12.48 22.81
CA PHE D 40 7.17 -12.40 21.38
C PHE D 40 8.19 -11.62 20.55
N ILE D 41 8.76 -10.51 21.06
CA ILE D 41 9.60 -9.57 20.24
C ILE D 41 11.11 -9.78 20.50
N SER D 42 11.52 -10.54 21.52
CA SER D 42 12.96 -10.85 21.73
C SER D 42 13.39 -11.85 20.66
N PRO D 43 14.62 -11.71 20.10
CA PRO D 43 15.00 -12.55 18.97
C PRO D 43 14.99 -14.05 19.32
N PHE D 44 15.28 -14.43 20.56
CA PHE D 44 15.39 -15.84 21.00
C PHE D 44 14.19 -16.21 21.88
N TYR D 45 13.03 -15.65 21.58
CA TYR D 45 11.78 -15.96 22.31
C TYR D 45 11.28 -17.37 21.96
N SER D 46 11.32 -17.78 20.69
CA SER D 46 10.81 -19.12 20.30
C SER D 46 11.46 -19.67 19.04
N ARG D 47 11.33 -20.97 18.82
CA ARG D 47 11.78 -21.75 17.64
C ARG D 47 11.03 -21.37 16.40
N GLY D 48 9.83 -20.78 16.55
CA GLY D 48 8.91 -20.51 15.44
C GLY D 48 9.50 -19.57 14.41
N CYS D 49 8.86 -19.51 13.25
CA CYS D 49 9.31 -18.70 12.09
C CYS D 49 8.74 -17.28 12.25
N SER D 50 8.97 -16.70 13.42
CA SER D 50 8.59 -15.31 13.77
C SER D 50 9.87 -14.44 13.77
N PHE D 51 9.86 -13.31 13.06
CA PHE D 51 11.07 -12.47 12.88
C PHE D 51 10.81 -11.04 13.34
N GLU D 52 9.91 -10.87 14.30
CA GLU D 52 9.53 -9.54 14.85
C GLU D 52 10.79 -8.80 15.31
N ALA D 53 11.71 -9.48 15.97
CA ALA D 53 12.91 -8.84 16.56
C ALA D 53 13.70 -8.16 15.43
N TRP D 54 13.77 -8.80 14.28
CA TRP D 54 14.55 -8.33 13.12
C TRP D 54 13.77 -7.23 12.39
N GLU D 55 12.43 -7.34 12.34
CA GLU D 55 11.56 -6.29 11.76
C GLU D 55 11.78 -5.00 12.56
N LEU D 56 11.89 -5.07 13.89
CA LEU D 56 11.97 -3.88 14.76
C LEU D 56 13.33 -3.18 14.60
N LYS D 57 14.39 -3.93 14.33
CA LYS D 57 15.78 -3.44 14.09
C LYS D 57 15.98 -3.03 12.62
N HIS D 58 15.00 -3.26 11.75
CA HIS D 58 15.06 -2.98 10.30
C HIS D 58 16.19 -3.77 9.65
N THR D 59 16.41 -5.01 10.07
CA THR D 59 17.38 -5.92 9.42
C THR D 59 16.89 -6.22 8.00
N PRO D 60 17.67 -5.92 6.96
CA PRO D 60 17.33 -6.37 5.62
C PRO D 60 17.21 -7.89 5.57
N GLN D 61 16.25 -8.42 4.82
CA GLN D 61 16.02 -9.89 4.67
C GLN D 61 17.36 -10.60 4.45
N ARG D 62 18.19 -10.12 3.54
CA ARG D 62 19.46 -10.79 3.12
C ARG D 62 20.44 -10.90 4.29
N VAL D 63 20.28 -10.11 5.34
CA VAL D 63 21.25 -10.01 6.47
C VAL D 63 20.80 -10.89 7.66
N ILE D 64 19.53 -11.33 7.69
CA ILE D 64 18.98 -12.10 8.83
C ILE D 64 19.85 -13.33 9.09
N LYS D 65 20.26 -14.05 8.06
CA LYS D 65 21.06 -15.31 8.24
C LYS D 65 22.38 -14.98 8.98
N TYR D 66 22.98 -13.81 8.71
CA TYR D 66 24.29 -13.39 9.32
C TYR D 66 24.04 -12.96 10.76
N SER D 67 22.92 -12.27 11.04
CA SER D 67 22.54 -11.87 12.41
C SER D 67 22.42 -13.11 13.30
N ILE D 68 21.67 -14.10 12.83
CA ILE D 68 21.44 -15.36 13.60
C ILE D 68 22.81 -16.00 13.87
N ALA D 69 23.62 -16.15 12.82
CA ALA D 69 24.91 -16.88 12.93
C ALA D 69 25.79 -16.17 13.95
N PHE D 70 25.95 -14.85 13.82
CA PHE D 70 26.89 -14.11 14.70
C PHE D 70 26.40 -14.18 16.15
N TYR D 71 25.09 -14.10 16.39
CA TYR D 71 24.51 -14.35 17.73
C TYR D 71 24.89 -15.76 18.20
N ALA D 72 24.72 -16.77 17.35
CA ALA D 72 25.06 -18.17 17.70
C ALA D 72 26.53 -18.25 18.07
N TYR D 73 27.43 -17.55 17.36
CA TYR D 73 28.89 -17.65 17.61
C TYR D 73 29.18 -17.06 19.00
N GLY D 74 28.53 -15.95 19.36
CA GLY D 74 28.65 -15.36 20.70
C GLY D 74 28.12 -16.27 21.79
N LEU D 75 26.96 -16.90 21.54
CA LEU D 75 26.33 -17.80 22.53
C LEU D 75 27.27 -18.95 22.85
N ALA D 76 28.04 -19.43 21.88
CA ALA D 76 28.96 -20.58 22.06
C ALA D 76 30.07 -20.17 23.05
N SER D 77 30.56 -18.93 22.98
CA SER D 77 31.57 -18.39 23.92
C SER D 77 30.96 -18.17 25.31
N VAL D 78 29.70 -17.71 25.38
CA VAL D 78 29.00 -17.57 26.69
C VAL D 78 29.02 -18.91 27.40
N ALA D 79 28.75 -20.01 26.69
CA ALA D 79 28.71 -21.40 27.23
C ALA D 79 30.07 -21.74 27.88
N LEU D 80 31.15 -21.24 27.29
CA LEU D 80 32.54 -21.51 27.71
C LEU D 80 32.89 -20.61 28.91
N ILE D 81 32.38 -19.38 28.93
CA ILE D 81 32.70 -18.38 29.99
C ILE D 81 32.03 -18.80 31.31
N ASP D 82 30.71 -19.03 31.32
CA ASP D 82 29.97 -19.28 32.59
C ASP D 82 29.14 -20.55 32.46
N PRO D 83 29.56 -21.63 33.14
CA PRO D 83 28.82 -22.89 33.12
C PRO D 83 27.36 -22.75 33.54
N LYS D 84 27.04 -21.78 34.40
CA LYS D 84 25.67 -21.48 34.88
C LYS D 84 24.79 -20.99 33.73
N LEU D 85 25.38 -20.40 32.69
CA LEU D 85 24.62 -19.88 31.51
C LEU D 85 24.69 -20.88 30.35
N ARG D 86 25.35 -22.04 30.53
CA ARG D 86 25.58 -22.98 29.41
C ARG D 86 24.25 -23.52 28.90
N ALA D 87 23.32 -23.86 29.80
CA ALA D 87 22.01 -24.42 29.41
C ALA D 87 21.21 -23.34 28.65
N LEU D 88 21.22 -22.10 29.14
CA LEU D 88 20.57 -20.96 28.41
C LEU D 88 21.20 -20.77 27.02
N ALA D 89 22.53 -20.79 26.93
CA ALA D 89 23.23 -20.67 25.63
C ALA D 89 22.79 -21.81 24.71
N GLY D 90 22.74 -23.06 25.23
CA GLY D 90 22.27 -24.24 24.47
C GLY D 90 20.87 -24.05 23.92
N HIS D 91 19.97 -23.55 24.75
CA HIS D 91 18.56 -23.26 24.40
C HIS D 91 18.50 -22.21 23.29
N ASP D 92 19.27 -21.14 23.40
CA ASP D 92 19.28 -20.05 22.40
C ASP D 92 19.82 -20.63 21.07
N LEU D 93 20.84 -21.49 21.12
CA LEU D 93 21.43 -22.11 19.91
C LEU D 93 20.43 -23.05 19.23
N ASP D 94 19.61 -23.75 20.00
CA ASP D 94 18.50 -24.59 19.47
C ASP D 94 17.55 -23.69 18.66
N ILE D 95 17.17 -22.55 19.23
CA ILE D 95 16.30 -21.54 18.56
C ILE D 95 17.02 -20.99 17.34
N ALA D 96 18.31 -20.69 17.45
CA ALA D 96 19.09 -20.12 16.33
C ALA D 96 19.02 -21.09 15.15
N VAL D 97 19.25 -22.38 15.40
CA VAL D 97 19.23 -23.42 14.33
C VAL D 97 17.80 -23.50 13.76
N SER D 98 16.77 -23.54 14.61
CA SER D 98 15.36 -23.62 14.13
C SER D 98 15.06 -22.43 13.23
N LYS D 99 15.37 -21.21 13.69
CA LYS D 99 15.02 -19.99 12.93
C LYS D 99 15.81 -19.97 11.62
N MET D 100 17.06 -20.41 11.64
CA MET D 100 17.97 -20.39 10.48
C MET D 100 17.34 -21.17 9.32
N LYS D 101 16.52 -22.18 9.64
CA LYS D 101 15.87 -23.08 8.65
C LYS D 101 14.56 -22.47 8.13
N CYS D 102 14.07 -21.37 8.71
CA CYS D 102 12.80 -20.73 8.25
C CYS D 102 13.00 -20.12 6.86
N LYS D 103 11.99 -20.23 5.99
CA LYS D 103 12.08 -19.76 4.57
C LYS D 103 12.48 -18.28 4.53
N ARG D 104 11.99 -17.45 5.46
CA ARG D 104 12.27 -15.99 5.51
C ARG D 104 13.79 -15.75 5.49
N VAL D 105 14.56 -16.67 6.06
CA VAL D 105 16.05 -16.54 6.17
C VAL D 105 16.71 -16.81 4.81
N TRP D 106 16.24 -17.81 4.05
CA TRP D 106 16.96 -18.28 2.82
C TRP D 106 16.21 -17.91 1.54
N THR D 107 15.05 -17.26 1.64
CA THR D 107 14.14 -16.97 0.50
C THR D 107 14.87 -16.25 -0.63
N ASP D 108 15.89 -15.43 -0.33
CA ASP D 108 16.68 -14.70 -1.36
C ASP D 108 17.22 -15.69 -2.41
N TRP D 109 17.60 -16.90 -2.00
CA TRP D 109 18.15 -17.93 -2.93
C TRP D 109 17.16 -18.21 -4.05
N GLU D 110 15.93 -18.54 -3.70
CA GLU D 110 14.82 -18.80 -4.67
C GLU D 110 14.47 -17.51 -5.43
N GLU D 111 14.30 -16.38 -4.75
CA GLU D 111 13.81 -15.12 -5.37
C GLU D 111 14.83 -14.60 -6.41
N ASP D 112 16.13 -14.81 -6.21
CA ASP D 112 17.17 -14.40 -7.19
C ASP D 112 17.16 -15.37 -8.39
N GLY D 113 16.44 -16.49 -8.29
CA GLY D 113 16.30 -17.47 -9.38
C GLY D 113 17.35 -18.58 -9.33
N PHE D 114 18.00 -18.79 -8.18
CA PHE D 114 19.15 -19.72 -8.05
C PHE D 114 18.71 -21.14 -7.68
N GLY D 115 17.47 -21.32 -7.20
CA GLY D 115 16.91 -22.67 -6.95
C GLY D 115 15.95 -22.68 -5.77
N THR D 116 15.20 -23.77 -5.62
CA THR D 116 14.15 -23.93 -4.59
C THR D 116 14.75 -24.56 -3.32
N ASP D 117 15.91 -25.19 -3.43
CA ASP D 117 16.57 -25.90 -2.29
C ASP D 117 17.83 -25.14 -1.91
N PRO D 118 17.89 -24.51 -0.72
CA PRO D 118 19.02 -23.65 -0.37
C PRO D 118 20.31 -24.37 0.04
N ILE D 119 20.27 -25.70 0.16
CA ILE D 119 21.39 -26.58 0.63
C ILE D 119 22.02 -27.34 -0.55
N GLU D 120 21.24 -27.63 -1.59
CA GLU D 120 21.57 -28.63 -2.65
C GLU D 120 22.99 -28.39 -3.21
N LYS D 121 23.28 -27.16 -3.61
CA LYS D 121 24.56 -26.77 -4.24
C LYS D 121 24.76 -25.26 -4.04
N GLU D 122 26.01 -24.80 -4.07
CA GLU D 122 26.36 -23.37 -3.98
C GLU D 122 25.86 -22.80 -2.64
N ASN D 123 25.58 -21.48 -2.59
CA ASN D 123 24.91 -20.83 -1.45
C ASN D 123 25.69 -21.12 -0.13
N ILE D 124 27.01 -21.12 -0.20
CA ILE D 124 27.84 -21.42 1.00
C ILE D 124 27.63 -20.31 2.05
N MET D 125 27.28 -19.09 1.62
CA MET D 125 26.94 -17.95 2.52
C MET D 125 25.83 -18.35 3.50
N TYR D 126 24.89 -19.21 3.10
CA TYR D 126 23.81 -19.70 3.99
C TYR D 126 24.23 -21.02 4.69
N LYS D 127 24.61 -22.04 3.91
CA LYS D 127 24.72 -23.41 4.48
C LYS D 127 26.03 -23.58 5.25
N GLY D 128 27.06 -22.76 4.99
CA GLY D 128 28.27 -22.72 5.80
C GLY D 128 27.94 -22.33 7.23
N HIS D 129 27.19 -21.23 7.40
CA HIS D 129 26.74 -20.76 8.74
C HIS D 129 25.88 -21.85 9.39
N LEU D 130 24.92 -22.40 8.66
CA LEU D 130 24.01 -23.41 9.23
C LEU D 130 24.85 -24.61 9.72
N ASN D 131 25.82 -25.04 8.92
CA ASN D 131 26.64 -26.23 9.27
C ASN D 131 27.48 -25.89 10.50
N LEU D 132 28.03 -24.69 10.59
CA LEU D 132 28.85 -24.34 11.79
C LEU D 132 27.92 -24.28 13.01
N MET D 133 26.71 -23.74 12.84
CA MET D 133 25.71 -23.65 13.94
C MET D 133 25.26 -25.05 14.39
N TYR D 134 25.06 -26.01 13.49
CA TYR D 134 24.74 -27.42 13.86
C TYR D 134 25.82 -27.93 14.82
N GLY D 135 27.09 -27.67 14.49
CA GLY D 135 28.25 -28.14 15.25
C GLY D 135 28.33 -27.51 16.62
N LEU D 136 28.28 -26.18 16.66
CA LEU D 136 28.39 -25.40 17.92
C LEU D 136 27.23 -25.76 18.85
N TYR D 137 26.03 -25.96 18.33
CA TYR D 137 24.86 -26.41 19.15
C TYR D 137 25.24 -27.72 19.84
N GLN D 138 25.82 -28.65 19.09
CA GLN D 138 26.10 -30.02 19.61
C GLN D 138 27.27 -29.95 20.59
N LEU D 139 28.25 -29.09 20.35
CA LEU D 139 29.40 -28.93 21.27
C LEU D 139 28.91 -28.38 22.61
N VAL D 140 27.99 -27.41 22.58
CA VAL D 140 27.50 -26.73 23.80
C VAL D 140 26.62 -27.68 24.61
N THR D 141 25.72 -28.40 23.94
CA THR D 141 24.58 -29.12 24.58
C THR D 141 24.91 -30.61 24.77
N GLY D 142 25.71 -31.22 23.89
CA GLY D 142 25.81 -32.70 23.83
C GLY D 142 24.60 -33.36 23.17
N SER D 143 23.63 -32.59 22.68
CA SER D 143 22.39 -33.12 22.04
C SER D 143 22.62 -33.53 20.58
N ARG D 144 22.02 -34.66 20.18
CA ARG D 144 22.01 -35.21 18.79
C ARG D 144 20.76 -34.78 18.01
N ARG D 145 20.00 -33.83 18.53
CA ARG D 145 18.75 -33.31 17.93
C ARG D 145 18.94 -33.08 16.42
N TYR D 146 20.05 -32.49 15.99
CA TYR D 146 20.30 -32.06 14.59
C TYR D 146 21.38 -32.93 13.94
N GLU D 147 21.82 -34.01 14.56
CA GLU D 147 23.01 -34.77 14.06
C GLU D 147 22.74 -35.34 12.67
N ALA D 148 21.54 -35.88 12.41
CA ALA D 148 21.20 -36.46 11.10
C ALA D 148 21.38 -35.37 10.03
N GLU D 149 20.88 -34.16 10.28
CA GLU D 149 20.98 -33.03 9.32
C GLU D 149 22.43 -32.57 9.21
N HIS D 150 23.16 -32.58 10.33
CA HIS D 150 24.58 -32.17 10.41
C HIS D 150 25.44 -33.11 9.55
N ALA D 151 25.23 -34.42 9.69
CA ALA D 151 25.97 -35.46 8.94
C ALA D 151 25.72 -35.26 7.45
N HIS D 152 24.48 -34.94 7.08
CA HIS D 152 24.04 -34.75 5.67
C HIS D 152 24.73 -33.51 5.11
N LEU D 153 24.60 -32.38 5.80
CA LEU D 153 25.07 -31.07 5.28
C LEU D 153 26.60 -31.10 5.17
N THR D 154 27.27 -31.68 6.17
CA THR D 154 28.75 -31.80 6.18
C THR D 154 29.20 -32.55 4.92
N ARG D 155 28.49 -33.62 4.54
CA ARG D 155 28.86 -34.45 3.37
C ARG D 155 28.54 -33.72 2.07
N ILE D 156 27.46 -32.95 2.00
CA ILE D 156 27.17 -32.13 0.78
C ILE D 156 28.32 -31.12 0.58
N ILE D 157 28.77 -30.50 1.66
CA ILE D 157 29.87 -29.48 1.65
C ILE D 157 31.16 -30.17 1.21
N HIS D 158 31.52 -31.30 1.85
CA HIS D 158 32.73 -32.08 1.51
C HIS D 158 32.69 -32.46 0.03
N ASP D 159 31.55 -32.96 -0.46
CA ASP D 159 31.42 -33.48 -1.85
C ASP D 159 31.59 -32.31 -2.83
N GLU D 160 31.02 -31.15 -2.50
CA GLU D 160 31.03 -29.99 -3.43
C GLU D 160 32.46 -29.43 -3.54
N ILE D 161 33.18 -29.34 -2.43
CA ILE D 161 34.63 -28.98 -2.40
C ILE D 161 35.38 -29.95 -3.33
N ALA D 162 35.20 -31.26 -3.12
CA ALA D 162 35.95 -32.30 -3.85
C ALA D 162 35.66 -32.24 -5.35
N ALA D 163 34.44 -31.86 -5.75
CA ALA D 163 34.03 -31.79 -7.18
C ALA D 163 34.52 -30.50 -7.86
N ASN D 164 34.89 -29.44 -7.11
CA ASN D 164 35.24 -28.14 -7.73
C ASN D 164 36.71 -28.12 -8.13
N PRO D 165 37.02 -27.48 -9.29
CA PRO D 165 38.42 -27.28 -9.72
C PRO D 165 39.21 -26.25 -8.89
N PHE D 166 38.51 -25.32 -8.24
CA PHE D 166 39.07 -24.37 -7.25
C PHE D 166 38.79 -24.97 -5.87
N ALA D 167 39.58 -24.65 -4.85
CA ALA D 167 39.36 -25.09 -3.46
C ALA D 167 38.21 -24.29 -2.85
N GLY D 168 37.05 -24.91 -2.67
CA GLY D 168 35.92 -24.33 -1.92
C GLY D 168 34.62 -24.36 -2.69
N ILE D 169 33.70 -23.49 -2.30
CA ILE D 169 32.28 -23.47 -2.76
C ILE D 169 31.91 -22.01 -3.06
N VAL D 170 31.08 -21.79 -4.08
CA VAL D 170 30.56 -20.43 -4.43
C VAL D 170 29.35 -20.09 -3.54
N CYS D 171 29.01 -18.80 -3.51
CA CYS D 171 27.75 -18.27 -2.92
C CYS D 171 26.69 -18.26 -4.03
N GLU D 172 26.35 -17.08 -4.58
CA GLU D 172 25.65 -17.01 -5.88
C GLU D 172 26.48 -17.82 -6.88
N PRO D 173 25.85 -18.40 -7.92
CA PRO D 173 26.60 -19.00 -9.02
C PRO D 173 27.71 -18.07 -9.50
N ASP D 174 28.93 -18.60 -9.56
CA ASP D 174 30.11 -17.92 -10.14
C ASP D 174 30.64 -16.79 -9.24
N ASN D 175 30.19 -16.71 -7.97
CA ASN D 175 30.71 -15.74 -6.98
C ASN D 175 31.39 -16.48 -5.81
N TYR D 176 32.71 -16.40 -5.74
CA TYR D 176 33.53 -17.02 -4.68
C TYR D 176 34.03 -15.94 -3.72
N PHE D 177 33.74 -16.13 -2.43
CA PHE D 177 34.12 -15.22 -1.32
C PHE D 177 34.89 -16.01 -0.29
N VAL D 178 36.09 -15.56 0.05
CA VAL D 178 36.99 -16.26 1.01
C VAL D 178 36.35 -16.28 2.39
N GLN D 179 35.60 -15.24 2.78
CA GLN D 179 35.03 -15.15 4.16
C GLN D 179 33.95 -16.23 4.33
N CYS D 180 33.13 -16.47 3.30
CA CYS D 180 32.02 -17.46 3.33
C CYS D 180 32.62 -18.87 3.35
N ASN D 181 33.72 -19.09 2.63
CA ASN D 181 34.43 -20.40 2.65
C ASN D 181 35.02 -20.65 4.06
N SER D 182 35.58 -19.63 4.70
CA SER D 182 36.25 -19.78 6.01
C SER D 182 35.27 -20.36 7.01
N VAL D 183 34.00 -19.94 6.93
CA VAL D 183 32.89 -20.47 7.77
C VAL D 183 32.70 -21.96 7.46
N ALA D 184 32.56 -22.32 6.17
CA ALA D 184 32.38 -23.72 5.72
C ALA D 184 33.54 -24.61 6.20
N TYR D 185 34.79 -24.24 5.96
CA TYR D 185 35.96 -25.04 6.45
C TYR D 185 35.93 -25.13 7.97
N LEU D 186 35.63 -24.06 8.70
CA LEU D 186 35.61 -24.18 10.17
C LEU D 186 34.54 -25.21 10.57
N SER D 187 33.40 -25.24 9.86
CA SER D 187 32.31 -26.20 10.16
C SER D 187 32.84 -27.65 10.04
N LEU D 188 33.81 -27.91 9.17
CA LEU D 188 34.38 -29.27 8.97
C LEU D 188 35.24 -29.62 10.18
N TRP D 189 35.98 -28.66 10.73
CA TRP D 189 36.80 -28.86 11.95
C TRP D 189 35.88 -29.23 13.11
N VAL D 190 34.74 -28.54 13.24
CA VAL D 190 33.80 -28.78 14.35
C VAL D 190 33.17 -30.18 14.19
N TYR D 191 32.75 -30.56 12.97
CA TYR D 191 32.18 -31.91 12.70
C TYR D 191 33.24 -32.96 13.10
N ASP D 192 34.49 -32.79 12.67
CA ASP D 192 35.60 -33.72 13.00
C ASP D 192 35.79 -33.85 14.52
N ARG D 193 35.72 -32.74 15.26
CA ARG D 193 35.91 -32.77 16.72
C ARG D 193 34.79 -33.62 17.34
N LEU D 194 33.58 -33.53 16.80
CA LEU D 194 32.41 -34.25 17.37
C LEU D 194 32.45 -35.74 16.98
N HIS D 195 33.03 -36.10 15.85
CA HIS D 195 32.78 -37.41 15.18
C HIS D 195 34.07 -38.21 14.93
N GLY D 196 35.25 -37.63 15.11
CA GLY D 196 36.52 -38.34 14.86
C GLY D 196 36.83 -38.53 13.38
N THR D 197 36.20 -37.75 12.51
CA THR D 197 36.40 -37.80 11.03
C THR D 197 37.59 -36.92 10.64
N ASP D 198 37.91 -36.84 9.35
CA ASP D 198 39.03 -36.04 8.79
C ASP D 198 38.53 -35.15 7.64
N TYR D 199 37.31 -34.60 7.71
CA TYR D 199 36.81 -33.64 6.68
C TYR D 199 37.73 -32.41 6.60
N ARG D 200 38.36 -32.06 7.71
CA ARG D 200 39.22 -30.85 7.81
C ARG D 200 40.48 -31.01 6.96
N ALA D 201 40.79 -32.21 6.48
CA ALA D 201 42.00 -32.45 5.64
C ALA D 201 41.97 -31.58 4.39
N ALA D 202 40.79 -31.18 3.90
CA ALA D 202 40.66 -30.31 2.72
C ALA D 202 41.20 -28.88 2.98
N THR D 203 41.45 -28.51 4.24
CA THR D 203 41.81 -27.12 4.64
C THR D 203 43.14 -26.70 4.00
N ARG D 204 44.15 -27.59 3.97
CA ARG D 204 45.52 -27.24 3.48
C ARG D 204 45.39 -26.72 2.04
N ALA D 205 44.70 -27.46 1.18
CA ALA D 205 44.53 -27.09 -0.25
C ALA D 205 43.82 -25.74 -0.31
N TRP D 206 42.86 -25.47 0.59
CA TRP D 206 42.11 -24.20 0.61
C TRP D 206 43.06 -23.05 0.94
N LEU D 207 43.84 -23.17 2.01
CA LEU D 207 44.78 -22.12 2.46
C LEU D 207 45.81 -21.86 1.36
N ASP D 208 46.25 -22.90 0.62
CA ASP D 208 47.17 -22.72 -0.52
C ASP D 208 46.48 -21.92 -1.63
N PHE D 209 45.23 -22.25 -1.95
CA PHE D 209 44.46 -21.62 -3.05
C PHE D 209 44.24 -20.12 -2.74
N ILE D 210 43.79 -19.78 -1.52
CA ILE D 210 43.42 -18.37 -1.23
C ILE D 210 44.68 -17.50 -1.19
N GLN D 211 45.86 -18.08 -1.04
CA GLN D 211 47.15 -17.32 -0.96
C GLN D 211 47.72 -17.06 -2.34
N LYS D 212 47.10 -17.56 -3.41
CA LYS D 212 47.54 -17.25 -4.81
C LYS D 212 46.88 -15.92 -5.22
N ASP D 213 45.96 -15.93 -6.18
CA ASP D 213 45.46 -14.67 -6.78
C ASP D 213 44.50 -13.97 -5.79
N LEU D 214 44.02 -14.63 -4.73
CA LEU D 214 42.97 -14.03 -3.87
C LEU D 214 43.54 -13.14 -2.74
N ILE D 215 44.85 -13.16 -2.48
CA ILE D 215 45.46 -12.30 -1.43
C ILE D 215 46.53 -11.38 -2.04
N ASP D 216 46.68 -10.19 -1.48
CA ASP D 216 47.91 -9.36 -1.60
C ASP D 216 48.75 -9.62 -0.38
N PRO D 217 49.80 -10.49 -0.47
CA PRO D 217 50.54 -10.90 0.72
C PRO D 217 51.29 -9.74 1.39
N GLU D 218 51.72 -8.76 0.62
CA GLU D 218 52.50 -7.59 1.14
C GLU D 218 51.57 -6.74 2.03
N ARG D 219 50.31 -6.57 1.63
CA ARG D 219 49.33 -5.73 2.39
C ARG D 219 48.52 -6.59 3.37
N GLY D 220 48.66 -7.92 3.33
CA GLY D 220 47.94 -8.85 4.24
C GLY D 220 46.44 -8.72 4.07
N ALA D 221 45.97 -8.62 2.82
CA ALA D 221 44.56 -8.30 2.51
C ALA D 221 44.04 -9.15 1.37
N PHE D 222 42.83 -9.65 1.52
CA PHE D 222 42.12 -10.43 0.47
C PHE D 222 41.43 -9.49 -0.49
N TYR D 223 41.39 -9.87 -1.77
CA TYR D 223 40.57 -9.25 -2.81
C TYR D 223 39.11 -9.57 -2.51
N LEU D 224 38.23 -8.73 -3.02
CA LEU D 224 36.78 -8.77 -2.75
C LEU D 224 36.21 -10.16 -3.06
N SER D 225 36.53 -10.73 -4.22
CA SER D 225 35.86 -11.95 -4.72
C SER D 225 36.60 -12.51 -5.94
N TYR D 226 36.35 -13.79 -6.22
CA TYR D 226 36.88 -14.58 -7.36
C TYR D 226 35.69 -15.14 -8.15
N HIS D 227 35.82 -15.22 -9.47
CA HIS D 227 34.70 -15.60 -10.38
C HIS D 227 35.19 -16.67 -11.34
N PRO D 228 34.99 -17.97 -10.99
CA PRO D 228 35.63 -19.09 -11.69
C PRO D 228 35.43 -19.11 -13.20
N GLU D 229 34.25 -18.74 -13.71
CA GLU D 229 33.94 -18.78 -15.16
C GLU D 229 34.97 -17.96 -15.94
N SER D 230 35.23 -16.72 -15.53
CA SER D 230 36.21 -15.80 -16.16
C SER D 230 37.61 -16.01 -15.59
N GLY D 231 37.71 -16.57 -14.39
CA GLY D 231 38.92 -16.52 -13.54
C GLY D 231 39.22 -15.12 -13.01
N ALA D 232 38.30 -14.17 -13.12
CA ALA D 232 38.54 -12.77 -12.68
C ALA D 232 38.63 -12.75 -11.14
N VAL D 233 39.57 -11.96 -10.63
CA VAL D 233 39.59 -11.50 -9.22
C VAL D 233 39.31 -10.00 -9.20
N LYS D 234 38.27 -9.56 -8.50
CA LYS D 234 37.95 -8.10 -8.42
C LYS D 234 39.19 -7.42 -7.85
N PRO D 235 39.66 -6.34 -8.48
CA PRO D 235 40.94 -5.73 -8.12
C PRO D 235 40.92 -4.79 -6.91
N TRP D 236 39.94 -4.89 -6.01
CA TRP D 236 39.92 -4.08 -4.75
C TRP D 236 40.12 -5.04 -3.57
N ILE D 237 41.04 -4.69 -2.67
CA ILE D 237 41.22 -5.37 -1.36
C ILE D 237 40.12 -4.87 -0.41
N SER D 238 39.68 -5.74 0.51
CA SER D 238 38.55 -5.50 1.44
C SER D 238 38.96 -5.79 2.89
N ALA D 239 38.83 -4.80 3.75
CA ALA D 239 39.19 -4.91 5.19
C ALA D 239 38.20 -5.84 5.90
N TYR D 240 36.89 -5.65 5.74
CA TYR D 240 35.91 -6.51 6.46
C TYR D 240 36.06 -7.98 6.01
N THR D 241 36.26 -8.20 4.71
CA THR D 241 36.52 -9.54 4.13
C THR D 241 37.73 -10.16 4.86
N THR D 242 38.83 -9.41 4.96
CA THR D 242 40.11 -9.89 5.53
C THR D 242 39.97 -10.14 7.03
N ALA D 243 39.38 -9.20 7.77
CA ALA D 243 39.26 -9.31 9.25
C ALA D 243 38.47 -10.56 9.61
N TRP D 244 37.33 -10.77 8.96
CA TRP D 244 36.48 -11.96 9.20
C TRP D 244 37.28 -13.22 8.85
N THR D 245 37.87 -13.29 7.67
CA THR D 245 38.60 -14.49 7.18
C THR D 245 39.77 -14.80 8.12
N LEU D 246 40.63 -13.80 8.44
CA LEU D 246 41.78 -14.05 9.34
C LEU D 246 41.27 -14.50 10.71
N ALA D 247 40.13 -14.00 11.19
CA ALA D 247 39.61 -14.38 12.53
C ALA D 247 39.30 -15.89 12.55
N MET D 248 38.58 -16.37 11.54
CA MET D 248 38.13 -17.78 11.49
C MET D 248 39.31 -18.70 11.14
N VAL D 249 40.17 -18.29 10.22
CA VAL D 249 41.37 -19.10 9.88
C VAL D 249 42.25 -19.25 11.14
N HIS D 250 42.31 -18.25 12.01
CA HIS D 250 43.17 -18.30 13.22
C HIS D 250 42.82 -19.54 14.05
N GLY D 251 41.57 -20.00 13.99
CA GLY D 251 41.10 -21.21 14.68
C GLY D 251 41.57 -22.51 14.03
N MET D 252 41.98 -22.47 12.77
CA MET D 252 42.35 -23.67 11.99
C MET D 252 43.88 -23.71 11.77
N ASP D 253 44.47 -22.57 11.41
CA ASP D 253 45.93 -22.40 11.14
C ASP D 253 46.33 -21.08 11.77
N PRO D 254 46.63 -21.05 13.09
CA PRO D 254 47.01 -19.82 13.76
C PRO D 254 48.16 -19.07 13.06
N ALA D 255 49.18 -19.77 12.55
CA ALA D 255 50.38 -19.16 11.92
C ALA D 255 49.98 -18.32 10.69
N PHE D 256 49.02 -18.79 9.89
CA PHE D 256 48.51 -18.09 8.69
C PHE D 256 48.07 -16.67 9.09
N SER D 257 47.20 -16.58 10.09
CA SER D 257 46.61 -15.30 10.52
C SER D 257 47.67 -14.46 11.24
N GLU D 258 48.55 -15.08 12.03
CA GLU D 258 49.67 -14.37 12.72
C GLU D 258 50.59 -13.73 11.66
N ARG D 259 50.83 -14.39 10.53
CA ARG D 259 51.70 -13.88 9.42
C ARG D 259 51.12 -12.59 8.85
N TYR D 260 49.82 -12.54 8.58
CA TYR D 260 49.19 -11.43 7.83
C TYR D 260 48.68 -10.32 8.76
N TYR D 261 48.43 -10.60 10.04
CA TYR D 261 47.72 -9.66 10.95
C TYR D 261 48.44 -8.31 10.98
N PRO D 262 49.77 -8.24 11.21
CA PRO D 262 50.44 -6.95 11.28
C PRO D 262 50.32 -6.15 9.98
N ARG D 263 50.40 -6.82 8.83
CA ARG D 263 50.31 -6.16 7.50
C ARG D 263 48.89 -5.64 7.28
N PHE D 264 47.90 -6.44 7.67
CA PHE D 264 46.46 -6.06 7.69
C PHE D 264 46.31 -4.72 8.43
N LYS D 265 46.85 -4.63 9.66
CA LYS D 265 46.69 -3.43 10.49
C LYS D 265 47.36 -2.23 9.80
N GLN D 266 48.59 -2.41 9.29
CA GLN D 266 49.30 -1.32 8.60
C GLN D 266 48.48 -0.86 7.39
N THR D 267 47.89 -1.80 6.64
CA THR D 267 47.13 -1.48 5.41
C THR D 267 45.87 -0.66 5.74
N PHE D 268 45.10 -1.00 6.77
CA PHE D 268 43.69 -0.55 6.91
C PHE D 268 43.43 0.25 8.18
N VAL D 269 44.16 0.03 9.26
CA VAL D 269 43.73 0.57 10.59
C VAL D 269 44.26 1.98 10.78
N GLU D 270 43.37 2.93 11.04
CA GLU D 270 43.74 4.33 11.38
C GLU D 270 43.59 4.51 12.88
N VAL D 271 44.70 4.70 13.59
CA VAL D 271 44.68 5.11 15.03
C VAL D 271 44.50 6.63 15.07
N TYR D 272 43.62 7.13 15.94
CA TYR D 272 43.31 8.58 16.03
C TYR D 272 42.99 8.92 17.50
N ASP D 273 42.73 10.21 17.76
CA ASP D 273 42.41 10.72 19.12
C ASP D 273 43.53 10.34 20.09
N GLU D 274 44.77 10.66 19.74
CA GLU D 274 45.96 10.59 20.63
C GLU D 274 46.18 9.14 21.04
N GLY D 275 45.89 8.18 20.16
CA GLY D 275 46.05 6.75 20.45
C GLY D 275 44.88 6.12 21.18
N ARG D 276 43.81 6.86 21.51
CA ARG D 276 42.68 6.34 22.34
C ARG D 276 41.71 5.53 21.48
N LYS D 277 41.66 5.82 20.18
CA LYS D 277 40.63 5.29 19.24
C LYS D 277 41.25 4.76 17.95
N ALA D 278 40.51 3.93 17.23
CA ALA D 278 40.91 3.44 15.90
C ALA D 278 39.67 3.22 15.04
N ARG D 279 39.83 3.35 13.74
CA ARG D 279 38.75 3.08 12.78
C ARG D 279 39.39 2.50 11.52
N VAL D 280 38.65 1.67 10.80
CA VAL D 280 39.24 0.79 9.77
C VAL D 280 38.75 1.21 8.38
N ARG D 281 39.67 1.54 7.49
CA ARG D 281 39.38 1.80 6.05
C ARG D 281 38.95 0.47 5.41
N GLU D 282 37.92 0.49 4.56
CA GLU D 282 37.38 -0.73 3.90
C GLU D 282 38.28 -1.18 2.73
N THR D 283 38.93 -0.26 2.02
CA THR D 283 39.76 -0.59 0.83
C THR D 283 40.97 0.34 0.75
N ALA D 284 41.84 0.10 -0.21
CA ALA D 284 43.08 0.87 -0.46
C ALA D 284 42.73 2.19 -1.17
N GLY D 285 43.63 3.17 -1.16
CA GLY D 285 43.50 4.41 -1.95
C GLY D 285 42.35 5.31 -1.48
N THR D 286 42.05 5.29 -0.19
CA THR D 286 41.03 6.16 0.43
C THR D 286 41.49 6.47 1.86
N ASP D 287 41.05 7.62 2.40
CA ASP D 287 41.18 7.97 3.84
C ASP D 287 39.91 7.62 4.59
N ASP D 288 38.83 7.31 3.88
CA ASP D 288 37.48 7.10 4.46
C ASP D 288 37.45 5.79 5.24
N ALA D 289 36.89 5.82 6.45
CA ALA D 289 36.68 4.64 7.32
C ALA D 289 35.34 3.97 7.00
N ASP D 290 35.28 2.66 7.10
CA ASP D 290 34.00 1.90 7.16
C ASP D 290 33.14 2.17 5.92
N GLY D 291 33.77 2.27 4.76
CA GLY D 291 33.05 2.33 3.49
C GLY D 291 32.47 0.98 3.13
N GLY D 292 31.92 0.85 1.92
CA GLY D 292 31.30 -0.39 1.45
C GLY D 292 30.17 -0.80 2.35
N VAL D 293 30.15 -2.04 2.82
CA VAL D 293 29.05 -2.58 3.69
C VAL D 293 29.15 -1.95 5.09
N GLY D 294 30.24 -1.23 5.42
CA GLY D 294 30.33 -0.42 6.66
C GLY D 294 30.68 -1.25 7.87
N LEU D 295 31.33 -2.40 7.69
CA LEU D 295 31.55 -3.40 8.77
C LEU D 295 33.05 -3.62 9.05
N ALA D 296 33.93 -2.91 8.36
CA ALA D 296 35.38 -3.11 8.55
C ALA D 296 35.75 -2.99 10.04
N SER D 297 35.33 -1.94 10.75
CA SER D 297 35.70 -1.68 12.16
C SER D 297 35.13 -2.78 13.07
N ALA D 298 33.88 -3.19 12.85
CA ALA D 298 33.19 -4.21 13.67
C ALA D 298 33.87 -5.58 13.48
N PHE D 299 34.21 -5.97 12.25
CA PHE D 299 34.88 -7.28 12.04
C PHE D 299 36.32 -7.21 12.55
N THR D 300 36.96 -6.04 12.53
CA THR D 300 38.35 -5.90 13.05
C THR D 300 38.31 -5.99 14.58
N LEU D 301 37.23 -5.55 15.22
CA LEU D 301 37.05 -5.72 16.69
C LEU D 301 37.01 -7.22 16.99
N LEU D 302 36.27 -7.99 16.21
CA LEU D 302 36.31 -9.48 16.33
C LEU D 302 37.74 -10.01 16.10
N LEU D 303 38.44 -9.56 15.06
CA LEU D 303 39.82 -10.05 14.75
C LEU D 303 40.75 -9.72 15.93
N ALA D 304 40.68 -8.49 16.46
CA ALA D 304 41.51 -8.08 17.61
C ALA D 304 41.29 -9.01 18.80
N ARG D 305 40.04 -9.33 19.10
CA ARG D 305 39.68 -10.27 20.18
C ARG D 305 40.29 -11.64 19.86
N GLU D 306 40.12 -12.15 18.65
CA GLU D 306 40.63 -13.48 18.23
C GLU D 306 42.15 -13.51 18.39
N MET D 307 42.84 -12.43 18.05
CA MET D 307 44.32 -12.37 18.06
C MET D 307 44.84 -11.96 19.45
N GLY D 308 43.96 -11.59 20.38
CA GLY D 308 44.34 -11.23 21.75
C GLY D 308 45.00 -9.85 21.80
N ASP D 309 44.64 -8.96 20.87
CA ASP D 309 45.20 -7.60 20.74
C ASP D 309 44.33 -6.63 21.53
N GLN D 310 44.58 -6.54 22.84
CA GLN D 310 43.77 -5.70 23.75
C GLN D 310 43.85 -4.23 23.33
N GLN D 311 45.04 -3.75 22.92
CA GLN D 311 45.20 -2.32 22.57
C GLN D 311 44.27 -1.99 21.39
N LEU D 312 44.30 -2.77 20.31
CA LEU D 312 43.43 -2.48 19.14
C LEU D 312 41.96 -2.70 19.51
N PHE D 313 41.62 -3.75 20.27
CA PHE D 313 40.25 -3.99 20.73
C PHE D 313 39.69 -2.74 21.43
N ASP D 314 40.45 -2.21 22.39
CA ASP D 314 40.08 -1.02 23.18
C ASP D 314 39.86 0.18 22.25
N GLN D 315 40.76 0.41 21.32
CA GLN D 315 40.70 1.57 20.38
C GLN D 315 39.45 1.44 19.52
N LEU D 316 39.14 0.24 19.02
CA LEU D 316 37.99 0.05 18.11
C LEU D 316 36.71 0.22 18.93
N LEU D 317 36.65 -0.34 20.15
CA LEU D 317 35.39 -0.24 20.92
C LEU D 317 35.15 1.22 21.32
N ASN D 318 36.20 1.99 21.59
CA ASN D 318 36.12 3.44 21.90
C ASN D 318 35.56 4.20 20.70
N HIS D 319 35.84 3.76 19.48
CA HIS D 319 35.30 4.34 18.24
C HIS D 319 33.83 3.93 18.05
N LEU D 320 33.52 2.66 18.28
CA LEU D 320 32.21 2.06 17.88
C LEU D 320 31.11 2.33 18.90
N GLU D 321 31.39 2.14 20.19
CA GLU D 321 30.31 2.00 21.20
C GLU D 321 29.82 3.39 21.65
N PRO D 322 30.66 4.35 22.10
CA PRO D 322 30.15 5.62 22.62
C PRO D 322 29.15 6.34 21.71
N PRO D 323 29.43 6.54 20.39
CA PRO D 323 28.51 7.26 19.52
C PRO D 323 27.18 6.55 19.32
N ALA D 324 27.14 5.23 19.52
CA ALA D 324 25.92 4.40 19.41
C ALA D 324 25.00 4.59 20.63
N LYS D 325 25.50 5.25 21.67
CA LYS D 325 24.75 5.65 22.89
C LYS D 325 24.07 4.42 23.49
N PRO D 326 24.85 3.54 24.13
CA PRO D 326 24.27 2.39 24.84
C PRO D 326 23.53 2.86 26.10
N SER D 327 22.45 2.20 26.45
CA SER D 327 21.87 2.33 27.82
C SER D 327 21.32 0.97 28.26
N ILE D 328 21.34 0.76 29.56
CA ILE D 328 20.72 -0.44 30.21
C ILE D 328 19.46 0.04 30.94
N VAL D 329 18.31 -0.40 30.45
CA VAL D 329 16.98 -0.06 31.03
C VAL D 329 16.35 -1.38 31.48
N SER D 330 15.99 -1.51 32.75
CA SER D 330 15.40 -2.75 33.30
C SER D 330 16.35 -3.95 33.01
N ALA D 331 17.65 -3.75 33.20
CA ALA D 331 18.74 -4.77 33.11
C ALA D 331 18.85 -5.32 31.68
N SER D 332 18.46 -4.55 30.67
CA SER D 332 18.49 -4.97 29.26
C SER D 332 19.20 -3.91 28.42
N LEU D 333 20.12 -4.32 27.55
CA LEU D 333 20.98 -3.36 26.79
C LEU D 333 20.26 -2.91 25.52
N ARG D 334 20.33 -1.60 25.21
CA ARG D 334 19.85 -1.03 23.93
C ARG D 334 20.85 0.02 23.44
N TYR D 335 20.98 0.17 22.13
CA TYR D 335 21.79 1.21 21.47
C TYR D 335 20.81 2.16 20.78
N GLU D 336 20.89 3.46 21.08
CA GLU D 336 20.02 4.49 20.46
C GLU D 336 20.43 4.67 18.98
N HIS D 337 21.73 4.62 18.66
CA HIS D 337 22.28 4.98 17.32
C HIS D 337 23.24 3.90 16.82
N PRO D 338 22.79 2.65 16.56
CA PRO D 338 23.67 1.61 16.04
C PRO D 338 24.31 2.16 14.75
N GLY D 339 25.63 2.04 14.62
CA GLY D 339 26.40 2.70 13.55
C GLY D 339 26.40 1.90 12.25
N SER D 340 25.92 0.66 12.27
CA SER D 340 26.04 -0.28 11.14
C SER D 340 24.99 -1.37 11.23
N LEU D 341 24.88 -2.17 10.16
CA LEU D 341 24.17 -3.47 10.20
C LEU D 341 24.89 -4.35 11.20
N LEU D 342 24.17 -5.32 11.77
CA LEU D 342 24.76 -6.38 12.62
C LEU D 342 25.51 -5.77 13.82
N PHE D 343 25.07 -4.60 14.29
CA PHE D 343 25.83 -3.83 15.31
C PHE D 343 25.81 -4.55 16.66
N ASP D 344 24.64 -4.77 17.25
CA ASP D 344 24.57 -5.39 18.59
C ASP D 344 25.10 -6.84 18.48
N GLU D 345 24.91 -7.49 17.33
CA GLU D 345 25.40 -8.88 17.08
C GLU D 345 26.94 -8.91 17.20
N LEU D 346 27.63 -8.06 16.44
CA LEU D 346 29.10 -8.11 16.33
C LEU D 346 29.74 -7.55 17.60
N LEU D 347 29.15 -6.54 18.26
CA LEU D 347 29.73 -6.05 19.54
C LEU D 347 29.59 -7.12 20.64
N PHE D 348 28.46 -7.82 20.69
CA PHE D 348 28.21 -8.99 21.60
C PHE D 348 29.28 -10.05 21.36
N LEU D 349 29.42 -10.46 20.11
CA LEU D 349 30.37 -11.53 19.71
C LEU D 349 31.79 -11.13 20.14
N ALA D 350 32.25 -9.92 19.81
CA ALA D 350 33.63 -9.44 20.11
C ALA D 350 33.85 -9.39 21.63
N LYS D 351 32.83 -9.03 22.40
CA LYS D 351 32.95 -8.87 23.86
C LYS D 351 33.16 -10.23 24.53
N VAL D 352 32.52 -11.30 24.02
CA VAL D 352 32.55 -12.66 24.67
C VAL D 352 33.57 -13.58 24.01
N HIS D 353 33.98 -13.32 22.78
CA HIS D 353 34.64 -14.33 21.91
C HIS D 353 35.86 -14.97 22.59
N ALA D 354 35.82 -16.29 22.76
CA ALA D 354 36.85 -17.07 23.49
C ALA D 354 37.94 -17.52 22.52
N GLY D 355 37.76 -17.28 21.22
CA GLY D 355 38.67 -17.78 20.17
C GLY D 355 38.09 -19.01 19.48
N PHE D 356 38.17 -19.08 18.15
CA PHE D 356 37.56 -20.19 17.38
C PHE D 356 38.26 -21.50 17.77
N GLY D 357 39.55 -21.45 18.10
CA GLY D 357 40.26 -22.67 18.55
C GLY D 357 39.72 -23.17 19.85
N ALA D 358 39.38 -22.27 20.78
CA ALA D 358 38.85 -22.66 22.11
C ALA D 358 37.44 -23.23 21.93
N LEU D 359 36.67 -22.70 20.98
CA LEU D 359 35.30 -23.25 20.74
C LEU D 359 35.42 -24.68 20.19
N LEU D 360 36.35 -24.92 19.27
CA LEU D 360 36.67 -26.29 18.77
C LEU D 360 36.94 -27.26 19.91
N ARG D 361 37.60 -26.81 20.96
CA ARG D 361 38.08 -27.70 22.06
C ARG D 361 37.11 -27.65 23.24
N MET D 362 35.92 -27.07 23.07
CA MET D 362 34.94 -26.93 24.17
C MET D 362 34.81 -28.27 24.85
N PRO D 363 35.06 -28.36 26.17
CA PRO D 363 34.84 -29.61 26.90
C PRO D 363 33.34 -29.92 26.95
N PRO D 364 32.93 -31.20 27.10
CA PRO D 364 31.51 -31.55 27.10
C PRO D 364 30.81 -31.00 28.33
N PRO D 365 29.47 -30.87 28.26
CA PRO D 365 28.71 -30.33 29.39
C PRO D 365 28.69 -31.27 30.62
N ALA D 366 28.47 -30.70 31.81
CA ALA D 366 28.15 -31.43 33.05
C ALA D 366 26.84 -32.19 32.84
N ALA D 367 26.59 -33.25 33.60
CA ALA D 367 25.30 -33.98 33.63
C ALA D 367 24.28 -33.16 34.42
N MET E 1 43.85 19.10 -22.91
CA MET E 1 43.35 19.45 -21.53
C MET E 1 44.39 20.19 -20.67
N ALA E 2 45.45 19.47 -20.23
CA ALA E 2 46.49 19.79 -19.20
C ALA E 2 45.95 20.51 -17.95
N GLU E 3 45.14 21.57 -18.07
CA GLU E 3 44.58 22.26 -16.86
C GLU E 3 43.28 21.54 -16.46
N LEU E 4 43.10 21.23 -15.19
CA LEU E 4 41.88 20.57 -14.68
C LEU E 4 40.80 21.63 -14.46
N PRO E 5 39.71 21.63 -15.26
CA PRO E 5 38.66 22.65 -15.11
C PRO E 5 37.92 22.55 -13.79
N PRO E 6 37.26 23.62 -13.33
CA PRO E 6 36.55 23.58 -12.05
C PRO E 6 35.51 22.45 -12.00
N GLY E 7 35.44 21.75 -10.88
CA GLY E 7 34.48 20.66 -10.62
C GLY E 7 34.76 19.38 -11.40
N ARG E 8 35.83 19.32 -12.20
CA ARG E 8 36.15 18.12 -13.01
C ARG E 8 36.99 17.15 -12.17
N LEU E 9 36.87 15.84 -12.42
CA LEU E 9 37.65 14.78 -11.73
C LEU E 9 38.99 14.55 -12.45
N ALA E 10 39.03 14.62 -13.78
CA ALA E 10 40.25 14.38 -14.58
C ALA E 10 40.19 15.21 -15.87
N THR E 11 41.35 15.52 -16.43
CA THR E 11 41.44 16.35 -17.66
C THR E 11 40.93 15.54 -18.85
N THR E 12 40.45 16.23 -19.86
CA THR E 12 40.11 15.64 -21.17
C THR E 12 41.34 14.88 -21.72
N GLU E 13 42.53 15.46 -21.64
CA GLU E 13 43.78 14.84 -22.08
C GLU E 13 43.95 13.48 -21.38
N ASP E 14 43.72 13.41 -20.07
CA ASP E 14 43.81 12.15 -19.27
C ASP E 14 42.83 11.10 -19.79
N TYR E 15 41.58 11.45 -20.08
CA TYR E 15 40.60 10.47 -20.64
C TYR E 15 41.09 9.94 -21.99
N PHE E 16 41.58 10.83 -22.86
CA PHE E 16 41.95 10.45 -24.24
C PHE E 16 43.26 9.65 -24.24
N ALA E 17 44.06 9.74 -23.18
CA ALA E 17 45.38 9.05 -23.09
C ALA E 17 45.28 7.69 -22.38
N GLN E 18 44.09 7.28 -21.93
CA GLN E 18 43.94 6.02 -21.13
C GLN E 18 44.50 4.83 -21.91
N GLN E 19 44.12 4.67 -23.19
CA GLN E 19 44.51 3.50 -24.00
C GLN E 19 46.04 3.49 -24.19
N ALA E 20 46.64 4.63 -24.53
CA ALA E 20 48.10 4.78 -24.72
C ALA E 20 48.81 4.43 -23.40
N LYS E 21 48.30 4.87 -22.27
CA LYS E 21 48.92 4.62 -20.93
C LYS E 21 48.55 3.23 -20.42
N GLN E 22 47.63 2.52 -21.06
CA GLN E 22 47.10 1.20 -20.62
C GLN E 22 46.64 1.23 -19.17
N ALA E 23 45.94 2.30 -18.76
CA ALA E 23 45.37 2.44 -17.41
C ALA E 23 44.13 3.34 -17.48
N VAL E 24 43.07 2.96 -16.77
CA VAL E 24 41.88 3.84 -16.63
C VAL E 24 42.23 4.93 -15.62
N THR E 25 41.62 6.11 -15.70
CA THR E 25 41.83 7.19 -14.71
C THR E 25 41.27 6.73 -13.37
N PRO E 26 41.76 7.28 -12.24
CA PRO E 26 41.19 6.97 -10.92
C PRO E 26 39.67 7.10 -10.82
N ASP E 27 39.07 8.11 -11.45
CA ASP E 27 37.59 8.26 -11.38
C ASP E 27 36.89 7.16 -12.17
N VAL E 28 37.46 6.69 -13.29
CA VAL E 28 36.90 5.52 -14.05
C VAL E 28 37.01 4.28 -13.14
N MET E 29 38.15 4.08 -12.51
CA MET E 29 38.33 2.98 -11.54
C MET E 29 37.26 3.10 -10.44
N ALA E 30 36.96 4.30 -9.95
CA ALA E 30 35.96 4.50 -8.86
C ALA E 30 34.55 4.22 -9.38
N GLN E 31 34.28 4.50 -10.66
CA GLN E 31 33.01 4.11 -11.32
C GLN E 31 32.89 2.57 -11.37
N LEU E 32 33.98 1.88 -11.74
CA LEU E 32 34.01 0.39 -11.75
C LEU E 32 33.78 -0.12 -10.33
N ALA E 33 34.29 0.55 -9.31
CA ALA E 33 34.03 0.17 -7.89
C ALA E 33 32.55 0.36 -7.55
N TYR E 34 31.92 1.47 -7.92
CA TYR E 34 30.46 1.63 -7.77
C TYR E 34 29.78 0.41 -8.42
N MET E 35 30.21 0.03 -9.62
CA MET E 35 29.56 -1.04 -10.40
C MET E 35 29.75 -2.43 -9.76
N ASN E 36 30.82 -2.67 -9.00
CA ASN E 36 31.29 -4.02 -8.59
C ASN E 36 31.39 -4.25 -7.05
N TYR E 37 31.47 -3.21 -6.22
CA TYR E 37 32.08 -3.33 -4.86
C TYR E 37 31.08 -3.88 -3.82
N ILE E 38 29.97 -3.21 -3.60
CA ILE E 38 29.15 -3.46 -2.39
C ILE E 38 28.27 -4.69 -2.64
N ASP E 39 28.28 -5.62 -1.67
CA ASP E 39 27.45 -6.85 -1.66
C ASP E 39 25.98 -6.51 -1.95
N PHE E 40 25.39 -7.26 -2.87
CA PHE E 40 23.93 -7.37 -3.14
C PHE E 40 23.39 -6.17 -3.93
N ILE E 41 23.86 -4.93 -3.65
CA ILE E 41 23.27 -3.68 -4.21
C ILE E 41 24.08 -3.10 -5.37
N SER E 42 25.32 -3.56 -5.62
CA SER E 42 26.10 -3.10 -6.78
C SER E 42 25.47 -3.70 -8.04
N PRO E 43 25.38 -2.95 -9.17
CA PRO E 43 24.66 -3.46 -10.33
C PRO E 43 25.25 -4.76 -10.88
N PHE E 44 26.57 -4.95 -10.78
CA PHE E 44 27.29 -6.15 -11.33
C PHE E 44 27.72 -7.07 -10.18
N TYR E 45 26.87 -7.19 -9.16
CA TYR E 45 27.15 -8.10 -8.02
C TYR E 45 26.91 -9.54 -8.45
N SER E 46 25.84 -9.83 -9.20
CA SER E 46 25.53 -11.23 -9.56
C SER E 46 24.74 -11.34 -10.87
N ARG E 47 24.79 -12.54 -11.44
CA ARG E 47 24.06 -12.95 -12.67
C ARG E 47 22.55 -13.01 -12.41
N GLY E 48 22.13 -13.09 -11.15
CA GLY E 48 20.71 -13.30 -10.79
C GLY E 48 19.82 -12.17 -11.27
N CYS E 49 18.51 -12.41 -11.24
CA CYS E 49 17.47 -11.46 -11.69
C CYS E 49 17.12 -10.54 -10.52
N SER E 50 18.15 -9.97 -9.92
CA SER E 50 18.06 -8.97 -8.84
C SER E 50 18.38 -7.58 -9.39
N PHE E 51 17.53 -6.57 -9.14
CA PHE E 51 17.67 -5.23 -9.76
C PHE E 51 17.75 -4.15 -8.69
N GLU E 52 18.26 -4.50 -7.51
CA GLU E 52 18.37 -3.54 -6.37
C GLU E 52 19.09 -2.27 -6.82
N ALA E 53 20.16 -2.39 -7.60
CA ALA E 53 21.00 -1.24 -7.98
C ALA E 53 20.13 -0.22 -8.74
N TRP E 54 19.23 -0.72 -9.57
CA TRP E 54 18.35 0.10 -10.44
C TRP E 54 17.18 0.64 -9.61
N GLU E 55 16.69 -0.13 -8.63
CA GLU E 55 15.64 0.33 -7.69
C GLU E 55 16.20 1.54 -6.93
N LEU E 56 17.47 1.50 -6.50
CA LEU E 56 18.07 2.56 -5.65
C LEU E 56 18.28 3.85 -6.44
N LYS E 57 18.54 3.75 -7.76
CA LYS E 57 18.73 4.89 -8.68
C LYS E 57 17.38 5.37 -9.25
N HIS E 58 16.28 4.68 -8.94
CA HIS E 58 14.92 4.98 -9.44
C HIS E 58 14.88 4.89 -10.97
N THR E 59 15.60 3.95 -11.58
CA THR E 59 15.56 3.70 -13.03
C THR E 59 14.16 3.21 -13.42
N PRO E 60 13.44 3.92 -14.29
CA PRO E 60 12.16 3.41 -14.80
C PRO E 60 12.39 2.07 -15.49
N GLN E 61 11.45 1.13 -15.31
CA GLN E 61 11.53 -0.24 -15.88
C GLN E 61 11.97 -0.18 -17.34
N ARG E 62 11.35 0.68 -18.15
CA ARG E 62 11.58 0.74 -19.62
C ARG E 62 13.04 1.12 -19.95
N VAL E 63 13.78 1.68 -19.01
CA VAL E 63 15.14 2.26 -19.24
C VAL E 63 16.21 1.25 -18.80
N ILE E 64 15.85 0.23 -18.02
CA ILE E 64 16.84 -0.73 -17.45
C ILE E 64 17.64 -1.37 -18.60
N LYS E 65 16.99 -1.76 -19.70
CA LYS E 65 17.69 -2.43 -20.83
C LYS E 65 18.78 -1.50 -21.37
N TYR E 66 18.54 -0.19 -21.43
CA TYR E 66 19.51 0.81 -21.97
C TYR E 66 20.65 1.01 -20.97
N SER E 67 20.34 1.02 -19.66
CA SER E 67 21.38 1.15 -18.61
C SER E 67 22.37 -0.01 -18.73
N ILE E 68 21.84 -1.24 -18.83
CA ILE E 68 22.69 -2.45 -18.93
C ILE E 68 23.56 -2.34 -20.18
N ALA E 69 22.95 -2.03 -21.32
CA ALA E 69 23.66 -1.99 -22.61
C ALA E 69 24.77 -0.96 -22.54
N PHE E 70 24.48 0.26 -22.09
CA PHE E 70 25.49 1.35 -22.11
C PHE E 70 26.63 0.99 -21.15
N TYR E 71 26.36 0.40 -20.00
CA TYR E 71 27.42 -0.15 -19.10
C TYR E 71 28.25 -1.20 -19.87
N ALA E 72 27.58 -2.12 -20.58
CA ALA E 72 28.28 -3.17 -21.37
C ALA E 72 29.20 -2.50 -22.39
N TYR E 73 28.75 -1.43 -23.06
CA TYR E 73 29.55 -0.77 -24.12
C TYR E 73 30.81 -0.16 -23.50
N GLY E 74 30.68 0.45 -22.32
CA GLY E 74 31.83 0.99 -21.56
C GLY E 74 32.80 -0.12 -21.14
N LEU E 75 32.27 -1.24 -20.67
CA LEU E 75 33.11 -2.36 -20.18
C LEU E 75 33.95 -2.90 -21.33
N ALA E 76 33.44 -2.89 -22.57
CA ALA E 76 34.16 -3.42 -23.75
C ALA E 76 35.40 -2.55 -23.98
N SER E 77 35.28 -1.23 -23.83
CA SER E 77 36.43 -0.28 -23.97
C SER E 77 37.41 -0.45 -22.80
N VAL E 78 36.92 -0.70 -21.58
CA VAL E 78 37.82 -0.97 -20.42
C VAL E 78 38.74 -2.15 -20.77
N ALA E 79 38.21 -3.21 -21.39
CA ALA E 79 38.95 -4.43 -21.79
C ALA E 79 40.10 -4.05 -22.72
N LEU E 80 39.87 -3.04 -23.57
CA LEU E 80 40.83 -2.57 -24.60
C LEU E 80 41.85 -1.65 -23.94
N ILE E 81 41.45 -0.85 -22.96
CA ILE E 81 42.35 0.13 -22.27
C ILE E 81 43.37 -0.60 -21.41
N ASP E 82 42.94 -1.47 -20.50
CA ASP E 82 43.85 -2.10 -19.50
C ASP E 82 43.69 -3.61 -19.53
N PRO E 83 44.70 -4.34 -20.07
CA PRO E 83 44.68 -5.80 -20.09
C PRO E 83 44.45 -6.43 -18.71
N LYS E 84 44.92 -5.76 -17.65
CA LYS E 84 44.81 -6.21 -16.25
C LYS E 84 43.33 -6.20 -15.80
N LEU E 85 42.48 -5.38 -16.42
CA LEU E 85 41.04 -5.28 -16.08
C LEU E 85 40.21 -6.08 -17.08
N ARG E 86 40.82 -6.75 -18.05
CA ARG E 86 40.05 -7.39 -19.15
C ARG E 86 39.21 -8.55 -18.57
N ALA E 87 39.75 -9.32 -17.63
CA ALA E 87 39.03 -10.44 -17.01
C ALA E 87 37.82 -9.88 -16.23
N LEU E 88 38.00 -8.80 -15.47
CA LEU E 88 36.89 -8.13 -14.74
C LEU E 88 35.84 -7.64 -15.74
N ALA E 89 36.25 -7.00 -16.82
CA ALA E 89 35.32 -6.51 -17.86
C ALA E 89 34.53 -7.71 -18.43
N GLY E 90 35.22 -8.83 -18.71
CA GLY E 90 34.58 -10.08 -19.20
C GLY E 90 33.50 -10.56 -18.25
N HIS E 91 33.83 -10.63 -16.97
CA HIS E 91 32.92 -11.06 -15.89
C HIS E 91 31.70 -10.14 -15.83
N ASP E 92 31.90 -8.83 -15.88
CA ASP E 92 30.79 -7.85 -15.80
C ASP E 92 29.89 -8.04 -17.04
N LEU E 93 30.47 -8.28 -18.21
CA LEU E 93 29.70 -8.46 -19.47
C LEU E 93 28.89 -9.76 -19.42
N ASP E 94 29.42 -10.81 -18.78
CA ASP E 94 28.66 -12.08 -18.52
C ASP E 94 27.41 -11.75 -17.68
N ILE E 95 27.59 -10.97 -16.61
CA ILE E 95 26.47 -10.51 -15.75
C ILE E 95 25.52 -9.64 -16.56
N ALA E 96 26.06 -8.74 -17.39
CA ALA E 96 25.22 -7.81 -18.20
C ALA E 96 24.30 -8.66 -19.09
N VAL E 97 24.85 -9.66 -19.76
CA VAL E 97 24.07 -10.55 -20.66
C VAL E 97 23.03 -11.32 -19.82
N SER E 98 23.42 -11.90 -18.68
CA SER E 98 22.47 -12.66 -17.81
C SER E 98 21.31 -11.76 -17.41
N LYS E 99 21.62 -10.57 -16.90
CA LYS E 99 20.56 -9.66 -16.38
C LYS E 99 19.67 -9.21 -17.52
N MET E 100 20.25 -8.97 -18.70
CA MET E 100 19.52 -8.46 -19.89
C MET E 100 18.38 -9.41 -20.25
N LYS E 101 18.56 -10.71 -19.96
CA LYS E 101 17.57 -11.78 -20.28
C LYS E 101 16.50 -11.88 -19.19
N CYS E 102 16.63 -11.21 -18.06
CA CYS E 102 15.63 -11.30 -16.96
C CYS E 102 14.32 -10.65 -17.42
N LYS E 103 13.17 -11.22 -17.03
CA LYS E 103 11.84 -10.73 -17.46
C LYS E 103 11.67 -9.25 -17.08
N ARG E 104 12.19 -8.81 -15.92
CA ARG E 104 12.07 -7.40 -15.45
C ARG E 104 12.54 -6.44 -16.54
N VAL E 105 13.54 -6.84 -17.33
CA VAL E 105 14.16 -5.98 -18.37
C VAL E 105 13.24 -5.87 -19.59
N TRP E 106 12.55 -6.94 -20.00
CA TRP E 106 11.79 -6.95 -21.29
C TRP E 106 10.27 -6.98 -21.05
N THR E 107 9.81 -7.00 -19.80
CA THR E 107 8.38 -7.20 -19.43
C THR E 107 7.48 -6.19 -20.13
N ASP E 108 7.97 -4.97 -20.41
CA ASP E 108 7.20 -3.91 -21.12
C ASP E 108 6.63 -4.48 -22.43
N TRP E 109 7.37 -5.33 -23.13
CA TRP E 109 6.96 -5.90 -24.44
C TRP E 109 5.62 -6.63 -24.28
N GLU E 110 5.55 -7.56 -23.33
CA GLU E 110 4.33 -8.32 -23.00
C GLU E 110 3.23 -7.39 -22.45
N GLU E 111 3.56 -6.52 -21.49
CA GLU E 111 2.55 -5.67 -20.78
C GLU E 111 1.89 -4.70 -21.77
N ASP E 112 2.61 -4.20 -22.77
CA ASP E 112 2.04 -3.30 -23.81
C ASP E 112 1.11 -4.10 -24.76
N GLY E 113 1.17 -5.43 -24.69
CA GLY E 113 0.33 -6.32 -25.51
C GLY E 113 0.98 -6.72 -26.82
N PHE E 114 2.31 -6.58 -26.96
CA PHE E 114 3.03 -6.78 -28.24
C PHE E 114 3.47 -8.25 -28.41
N GLY E 115 3.51 -9.04 -27.33
CA GLY E 115 3.76 -10.49 -27.43
C GLY E 115 4.47 -11.01 -26.20
N THR E 116 4.51 -12.33 -26.07
CA THR E 116 5.06 -13.05 -24.89
C THR E 116 6.55 -13.34 -25.12
N ASP E 117 7.02 -13.30 -26.36
CA ASP E 117 8.44 -13.59 -26.70
C ASP E 117 9.12 -12.30 -27.18
N PRO E 118 10.10 -11.76 -26.42
CA PRO E 118 10.66 -10.45 -26.75
C PRO E 118 11.66 -10.44 -27.91
N ILE E 119 12.06 -11.61 -28.44
CA ILE E 119 13.03 -11.67 -29.58
C ILE E 119 12.36 -12.09 -30.90
N GLU E 120 11.19 -12.72 -30.85
CA GLU E 120 10.55 -13.40 -32.01
C GLU E 120 10.50 -12.47 -33.23
N LYS E 121 9.99 -11.26 -33.04
CA LYS E 121 9.82 -10.26 -34.12
C LYS E 121 9.79 -8.86 -33.50
N GLU E 122 10.14 -7.83 -34.28
CA GLU E 122 10.07 -6.41 -33.85
C GLU E 122 10.99 -6.20 -32.62
N ASN E 123 10.70 -5.20 -31.79
CA ASN E 123 11.39 -5.01 -30.47
C ASN E 123 12.91 -4.91 -30.68
N ILE E 124 13.35 -4.25 -31.75
CA ILE E 124 14.80 -4.10 -32.02
C ILE E 124 15.46 -3.28 -30.90
N MET E 125 14.72 -2.40 -30.24
CA MET E 125 15.20 -1.60 -29.06
C MET E 125 15.75 -2.54 -27.97
N TYR E 126 15.21 -3.74 -27.81
CA TYR E 126 15.70 -4.73 -26.83
C TYR E 126 16.71 -5.67 -27.49
N LYS E 127 16.34 -6.34 -28.58
CA LYS E 127 17.15 -7.50 -29.08
C LYS E 127 18.38 -7.01 -29.85
N GLY E 128 18.36 -5.78 -30.37
CA GLY E 128 19.55 -5.17 -30.97
C GLY E 128 20.64 -5.03 -29.93
N HIS E 129 20.31 -4.43 -28.77
CA HIS E 129 21.28 -4.29 -27.64
C HIS E 129 21.76 -5.68 -27.22
N LEU E 130 20.83 -6.62 -27.02
CA LEU E 130 21.20 -7.97 -26.55
C LEU E 130 22.19 -8.58 -27.55
N ASN E 131 21.90 -8.47 -28.85
CA ASN E 131 22.76 -9.10 -29.87
C ASN E 131 24.13 -8.42 -29.85
N LEU E 132 24.20 -7.10 -29.67
CA LEU E 132 25.52 -6.43 -29.64
C LEU E 132 26.27 -6.88 -28.39
N MET E 133 25.55 -7.02 -27.28
CA MET E 133 26.15 -7.47 -26.00
C MET E 133 26.67 -8.93 -26.12
N TYR E 134 25.95 -9.83 -26.79
CA TYR E 134 26.43 -11.22 -27.05
C TYR E 134 27.81 -11.14 -27.72
N GLY E 135 27.93 -10.28 -28.73
CA GLY E 135 29.15 -10.14 -29.52
C GLY E 135 30.29 -9.56 -28.73
N LEU E 136 30.06 -8.46 -28.04
CA LEU E 136 31.11 -7.75 -27.25
C LEU E 136 31.59 -8.66 -26.11
N TYR E 137 30.70 -9.42 -25.48
CA TYR E 137 31.08 -10.44 -24.47
C TYR E 137 32.11 -11.38 -25.10
N GLN E 138 31.82 -11.86 -26.31
CA GLN E 138 32.66 -12.93 -26.92
C GLN E 138 33.98 -12.31 -27.39
N LEU E 139 33.96 -11.06 -27.87
CA LEU E 139 35.21 -10.36 -28.29
C LEU E 139 36.14 -10.16 -27.10
N VAL E 140 35.57 -9.80 -25.94
CA VAL E 140 36.38 -9.50 -24.73
C VAL E 140 36.95 -10.81 -24.15
N THR E 141 36.15 -11.86 -24.07
CA THR E 141 36.42 -13.08 -23.25
C THR E 141 36.98 -14.20 -24.11
N GLY E 142 36.61 -14.31 -25.38
CA GLY E 142 36.87 -15.54 -26.17
C GLY E 142 35.93 -16.68 -25.81
N SER E 143 34.96 -16.49 -24.93
CA SER E 143 34.02 -17.55 -24.47
C SER E 143 32.85 -17.73 -25.45
N ARG E 144 32.48 -18.99 -25.68
CA ARG E 144 31.34 -19.45 -26.53
C ARG E 144 30.08 -19.68 -25.69
N ARG E 145 30.08 -19.29 -24.43
CA ARG E 145 28.97 -19.45 -23.46
C ARG E 145 27.63 -19.09 -24.13
N TYR E 146 27.56 -17.99 -24.88
CA TYR E 146 26.30 -17.45 -25.45
C TYR E 146 26.26 -17.62 -26.99
N GLU E 147 27.21 -18.33 -27.58
CA GLU E 147 27.32 -18.39 -29.06
C GLU E 147 26.07 -19.00 -29.70
N ALA E 148 25.49 -20.04 -29.12
CA ALA E 148 24.28 -20.69 -29.67
C ALA E 148 23.17 -19.63 -29.77
N GLU E 149 22.99 -18.84 -28.73
CA GLU E 149 21.93 -17.78 -28.65
C GLU E 149 22.30 -16.65 -29.61
N HIS E 150 23.59 -16.34 -29.72
CA HIS E 150 24.13 -15.28 -30.61
C HIS E 150 23.85 -15.64 -32.07
N ALA E 151 24.15 -16.87 -32.47
CA ALA E 151 23.94 -17.39 -33.83
C ALA E 151 22.45 -17.31 -34.18
N HIS E 152 21.59 -17.63 -33.21
CA HIS E 152 20.11 -17.66 -33.39
C HIS E 152 19.61 -16.22 -33.57
N LEU E 153 19.99 -15.33 -32.67
CA LEU E 153 19.44 -13.96 -32.60
C LEU E 153 19.91 -13.19 -33.84
N THR E 154 21.18 -13.40 -34.23
CA THR E 154 21.77 -12.73 -35.43
C THR E 154 20.95 -13.11 -36.67
N ARG E 155 20.53 -14.39 -36.76
CA ARG E 155 19.77 -14.89 -37.93
C ARG E 155 18.34 -14.34 -37.88
N ILE E 156 17.72 -14.23 -36.71
CA ILE E 156 16.36 -13.63 -36.61
C ILE E 156 16.41 -12.18 -37.12
N ILE E 157 17.45 -11.45 -36.73
CA ILE E 157 17.63 -10.02 -37.11
C ILE E 157 17.84 -9.95 -38.63
N HIS E 158 18.77 -10.75 -39.17
CA HIS E 158 19.07 -10.78 -40.62
C HIS E 158 17.79 -11.10 -41.39
N ASP E 159 17.04 -12.10 -40.96
CA ASP E 159 15.84 -12.58 -41.70
C ASP E 159 14.76 -11.48 -41.66
N GLU E 160 14.63 -10.79 -40.54
CA GLU E 160 13.55 -9.77 -40.39
C GLU E 160 13.86 -8.54 -41.26
N ILE E 161 15.14 -8.13 -41.31
CA ILE E 161 15.62 -7.07 -42.25
C ILE E 161 15.23 -7.48 -43.67
N ALA E 162 15.62 -8.69 -44.09
CA ALA E 162 15.45 -9.20 -45.47
C ALA E 162 13.95 -9.23 -45.83
N ALA E 163 13.06 -9.52 -44.88
CA ALA E 163 11.60 -9.63 -45.12
C ALA E 163 10.92 -8.26 -45.17
N ASN E 164 11.53 -7.20 -44.64
CA ASN E 164 10.86 -5.87 -44.54
C ASN E 164 11.04 -5.08 -45.85
N PRO E 165 10.00 -4.32 -46.27
CA PRO E 165 10.09 -3.45 -47.44
C PRO E 165 10.95 -2.18 -47.23
N PHE E 166 11.10 -1.74 -45.99
CA PHE E 166 12.03 -0.67 -45.57
C PHE E 166 13.31 -1.36 -45.07
N ALA E 167 14.46 -0.68 -45.09
CA ALA E 167 15.72 -1.23 -44.58
C ALA E 167 15.71 -1.14 -43.04
N GLY E 168 15.55 -2.26 -42.35
CA GLY E 168 15.71 -2.38 -40.89
C GLY E 168 14.54 -3.06 -40.21
N ILE E 169 14.38 -2.80 -38.92
CA ILE E 169 13.41 -3.49 -38.01
C ILE E 169 12.75 -2.41 -37.14
N VAL E 170 11.47 -2.61 -36.82
CA VAL E 170 10.69 -1.71 -35.92
C VAL E 170 10.99 -2.06 -34.44
N CYS E 171 10.66 -1.12 -33.56
CA CYS E 171 10.62 -1.31 -32.10
C CYS E 171 9.21 -1.82 -31.72
N GLU E 172 8.38 -0.98 -31.11
CA GLU E 172 6.93 -1.22 -31.08
C GLU E 172 6.47 -1.48 -32.52
N PRO E 173 5.41 -2.27 -32.74
CA PRO E 173 4.82 -2.38 -34.07
C PRO E 173 4.61 -0.98 -34.68
N ASP E 174 5.11 -0.81 -35.90
CA ASP E 174 4.88 0.40 -36.74
C ASP E 174 5.68 1.60 -36.23
N ASN E 175 6.64 1.42 -35.33
CA ASN E 175 7.58 2.49 -34.85
C ASN E 175 9.02 2.16 -35.27
N TYR E 176 9.55 2.89 -36.24
CA TYR E 176 10.93 2.74 -36.75
C TYR E 176 11.78 3.90 -36.21
N PHE E 177 12.88 3.56 -35.56
CA PHE E 177 13.86 4.49 -34.96
C PHE E 177 15.23 4.19 -35.53
N VAL E 178 15.89 5.19 -36.09
CA VAL E 178 17.23 5.00 -36.72
C VAL E 178 18.25 4.60 -35.64
N GLN E 179 18.13 5.12 -34.41
CA GLN E 179 19.14 4.87 -33.36
C GLN E 179 19.10 3.38 -32.95
N CYS E 180 17.91 2.78 -32.86
CA CYS E 180 17.73 1.36 -32.45
C CYS E 180 18.23 0.46 -33.57
N ASN E 181 18.01 0.86 -34.84
CA ASN E 181 18.55 0.10 -36.00
C ASN E 181 20.09 0.15 -36.00
N SER E 182 20.68 1.29 -35.66
CA SER E 182 22.16 1.46 -35.72
C SER E 182 22.81 0.42 -34.80
N VAL E 183 22.19 0.15 -33.65
CA VAL E 183 22.63 -0.89 -32.69
C VAL E 183 22.54 -2.27 -33.37
N ALA E 184 21.40 -2.61 -33.99
CA ALA E 184 21.18 -3.89 -34.69
C ALA E 184 22.23 -4.10 -35.79
N TYR E 185 22.41 -3.15 -36.69
CA TYR E 185 23.44 -3.27 -37.77
C TYR E 185 24.84 -3.40 -37.14
N LEU E 186 25.18 -2.64 -36.10
CA LEU E 186 26.53 -2.80 -35.50
C LEU E 186 26.68 -4.23 -34.99
N SER E 187 25.62 -4.81 -34.42
CA SER E 187 25.65 -6.20 -33.89
C SER E 187 26.01 -7.19 -35.01
N LEU E 188 25.64 -6.89 -36.25
CA LEU E 188 25.92 -7.78 -37.41
C LEU E 188 27.41 -7.69 -37.74
N TRP E 189 28.01 -6.49 -37.64
CA TRP E 189 29.46 -6.30 -37.87
C TRP E 189 30.24 -7.12 -36.83
N VAL E 190 29.79 -7.10 -35.58
CA VAL E 190 30.49 -7.83 -34.51
C VAL E 190 30.36 -9.34 -34.75
N TYR E 191 29.17 -9.83 -35.11
CA TYR E 191 28.97 -11.27 -35.44
C TYR E 191 29.92 -11.67 -36.59
N ASP E 192 29.98 -10.87 -37.65
CA ASP E 192 30.86 -11.13 -38.83
C ASP E 192 32.33 -11.17 -38.40
N ARG E 193 32.78 -10.26 -37.53
CA ARG E 193 34.20 -10.26 -37.07
C ARG E 193 34.48 -11.59 -36.35
N LEU E 194 33.53 -12.10 -35.58
CA LEU E 194 33.72 -13.34 -34.78
C LEU E 194 33.65 -14.59 -35.66
N HIS E 195 32.90 -14.56 -36.76
CA HIS E 195 32.45 -15.79 -37.46
C HIS E 195 32.85 -15.83 -38.93
N GLY E 196 33.34 -14.73 -39.50
CA GLY E 196 33.74 -14.70 -40.93
C GLY E 196 32.55 -14.66 -41.87
N THR E 197 31.37 -14.28 -41.38
CA THR E 197 30.11 -14.20 -42.18
C THR E 197 30.02 -12.82 -42.85
N ASP E 198 28.93 -12.56 -43.58
CA ASP E 198 28.70 -11.29 -44.32
C ASP E 198 27.30 -10.72 -43.98
N TYR E 199 26.83 -10.84 -42.74
CA TYR E 199 25.53 -10.25 -42.32
C TYR E 199 25.58 -8.72 -42.48
N ARG E 200 26.77 -8.14 -42.34
CA ARG E 200 26.97 -6.67 -42.41
C ARG E 200 26.69 -6.14 -43.82
N ALA E 201 26.56 -7.00 -44.83
CA ALA E 201 26.32 -6.57 -46.23
C ALA E 201 25.03 -5.77 -46.31
N ALA E 202 24.07 -6.00 -45.41
CA ALA E 202 22.76 -5.29 -45.40
C ALA E 202 22.94 -3.79 -45.04
N THR E 203 24.11 -3.40 -44.53
CA THR E 203 24.34 -2.04 -43.99
C THR E 203 24.20 -0.98 -45.09
N ARG E 204 24.74 -1.22 -46.29
CA ARG E 204 24.77 -0.22 -47.38
C ARG E 204 23.33 0.22 -47.69
N ALA E 205 22.43 -0.75 -47.89
CA ALA E 205 21.01 -0.47 -48.20
C ALA E 205 20.40 0.36 -47.05
N TRP E 206 20.78 0.07 -45.79
CA TRP E 206 20.27 0.80 -44.61
C TRP E 206 20.74 2.27 -44.65
N LEU E 207 22.03 2.51 -44.87
CA LEU E 207 22.62 3.87 -44.93
C LEU E 207 21.97 4.65 -46.08
N ASP E 208 21.65 3.99 -47.20
CA ASP E 208 20.94 4.65 -48.34
C ASP E 208 19.54 5.06 -47.89
N PHE E 209 18.82 4.16 -47.21
CA PHE E 209 17.42 4.36 -46.77
C PHE E 209 17.37 5.54 -45.78
N ILE E 210 18.22 5.56 -44.76
CA ILE E 210 18.10 6.59 -43.68
C ILE E 210 18.47 7.97 -44.23
N GLN E 211 19.17 8.06 -45.36
CA GLN E 211 19.57 9.37 -45.96
C GLN E 211 18.46 9.95 -46.84
N LYS E 212 17.36 9.22 -47.06
CA LYS E 212 16.19 9.75 -47.82
C LYS E 212 15.29 10.49 -46.82
N ASP E 213 14.09 9.99 -46.51
CA ASP E 213 13.09 10.81 -45.77
C ASP E 213 13.47 10.92 -44.29
N LEU E 214 14.41 10.12 -43.79
CA LEU E 214 14.69 10.09 -42.33
C LEU E 214 15.75 11.13 -41.90
N ILE E 215 16.45 11.78 -42.83
CA ILE E 215 17.46 12.82 -42.47
C ILE E 215 17.07 14.17 -43.10
N ASP E 216 17.39 15.26 -42.39
CA ASP E 216 17.51 16.62 -42.95
C ASP E 216 18.97 16.85 -43.30
N PRO E 217 19.38 16.75 -44.58
CA PRO E 217 20.78 16.87 -44.98
C PRO E 217 21.40 18.23 -44.66
N GLU E 218 20.61 19.31 -44.72
CA GLU E 218 21.13 20.69 -44.46
C GLU E 218 21.53 20.78 -42.98
N ARG E 219 20.74 20.20 -42.08
CA ARG E 219 20.96 20.31 -40.62
C ARG E 219 21.83 19.14 -40.11
N GLY E 220 22.07 18.12 -40.93
CA GLY E 220 22.79 16.89 -40.53
C GLY E 220 22.12 16.20 -39.34
N ALA E 221 20.78 16.11 -39.38
CA ALA E 221 19.96 15.64 -38.26
C ALA E 221 18.89 14.65 -38.73
N PHE E 222 18.67 13.61 -37.95
CA PHE E 222 17.59 12.62 -38.19
C PHE E 222 16.28 13.12 -37.58
N TYR E 223 15.18 12.83 -38.29
CA TYR E 223 13.80 12.95 -37.78
C TYR E 223 13.61 11.94 -36.65
N LEU E 224 12.64 12.22 -35.78
CA LEU E 224 12.36 11.43 -34.57
C LEU E 224 12.16 9.95 -34.93
N SER E 225 11.31 9.67 -35.91
CA SER E 225 10.82 8.29 -36.17
C SER E 225 10.08 8.23 -37.51
N TYR E 226 9.96 7.00 -38.02
CA TYR E 226 9.27 6.64 -39.29
C TYR E 226 8.22 5.56 -38.94
N HIS E 227 7.08 5.60 -39.61
CA HIS E 227 5.90 4.74 -39.29
C HIS E 227 5.39 4.11 -40.58
N PRO E 228 5.89 2.91 -40.93
CA PRO E 228 5.69 2.31 -42.26
C PRO E 228 4.23 2.23 -42.72
N GLU E 229 3.29 1.91 -41.83
CA GLU E 229 1.85 1.76 -42.19
C GLU E 229 1.33 3.02 -42.88
N SER E 230 1.58 4.20 -42.32
CA SER E 230 1.15 5.52 -42.84
C SER E 230 2.20 6.08 -43.82
N GLY E 231 3.45 5.62 -43.69
CA GLY E 231 4.64 6.26 -44.27
C GLY E 231 4.98 7.58 -43.58
N ALA E 232 4.38 7.90 -42.45
CA ALA E 232 4.63 9.19 -41.74
C ALA E 232 6.07 9.23 -41.23
N VAL E 233 6.70 10.38 -41.38
CA VAL E 233 7.95 10.74 -40.65
C VAL E 233 7.59 11.89 -39.70
N LYS E 234 7.81 11.72 -38.41
CA LYS E 234 7.50 12.79 -37.42
C LYS E 234 8.34 13.99 -37.84
N PRO E 235 7.73 15.19 -37.96
CA PRO E 235 8.42 16.33 -38.54
C PRO E 235 9.37 17.10 -37.60
N TRP E 236 9.86 16.48 -36.52
CA TRP E 236 10.84 17.11 -35.61
C TRP E 236 12.16 16.34 -35.72
N ILE E 237 13.26 17.08 -35.88
CA ILE E 237 14.63 16.53 -35.82
C ILE E 237 15.00 16.40 -34.34
N SER E 238 15.88 15.44 -34.04
CA SER E 238 16.25 15.03 -32.66
C SER E 238 17.77 14.93 -32.53
N ALA E 239 18.34 15.71 -31.59
CA ALA E 239 19.80 15.76 -31.36
C ALA E 239 20.26 14.45 -30.73
N TYR E 240 19.58 13.94 -29.70
CA TYR E 240 20.02 12.67 -29.04
C TYR E 240 19.95 11.52 -30.04
N THR E 241 18.88 11.45 -30.83
CA THR E 241 18.69 10.44 -31.90
C THR E 241 19.90 10.50 -32.83
N THR E 242 20.29 11.70 -33.26
CA THR E 242 21.36 11.92 -34.27
C THR E 242 22.72 11.59 -33.67
N ALA E 243 23.02 12.08 -32.47
CA ALA E 243 24.32 11.87 -31.81
C ALA E 243 24.58 10.39 -31.63
N TRP E 244 23.61 9.66 -31.11
CA TRP E 244 23.70 8.19 -30.91
C TRP E 244 23.92 7.51 -32.27
N THR E 245 23.08 7.79 -33.25
CA THR E 245 23.14 7.15 -34.60
C THR E 245 24.49 7.44 -35.26
N LEU E 246 24.93 8.70 -35.30
CA LEU E 246 26.23 9.06 -35.93
C LEU E 246 27.36 8.37 -35.15
N ALA E 247 27.27 8.21 -33.83
CA ALA E 247 28.36 7.58 -33.06
C ALA E 247 28.54 6.13 -33.52
N MET E 248 27.44 5.38 -33.61
CA MET E 248 27.50 3.94 -33.94
C MET E 248 27.80 3.75 -35.44
N VAL E 249 27.21 4.57 -36.30
CA VAL E 249 27.52 4.49 -37.76
C VAL E 249 29.01 4.75 -37.99
N HIS E 250 29.64 5.62 -37.21
CA HIS E 250 31.07 5.98 -37.40
C HIS E 250 31.93 4.70 -37.35
N GLY E 251 31.47 3.68 -36.62
CA GLY E 251 32.14 2.37 -36.54
C GLY E 251 31.95 1.50 -37.77
N MET E 252 30.95 1.79 -38.59
CA MET E 252 30.59 0.97 -39.77
C MET E 252 30.98 1.69 -41.06
N ASP E 253 30.68 2.98 -41.15
CA ASP E 253 30.97 3.87 -42.32
C ASP E 253 31.44 5.20 -41.76
N PRO E 254 32.75 5.33 -41.44
CA PRO E 254 33.28 6.57 -40.87
C PRO E 254 32.93 7.82 -41.69
N ALA E 255 32.97 7.74 -43.02
CA ALA E 255 32.73 8.89 -43.92
C ALA E 255 31.31 9.44 -43.73
N PHE E 256 30.30 8.57 -43.56
CA PHE E 256 28.89 8.96 -43.34
C PHE E 256 28.83 9.94 -42.16
N SER E 257 29.39 9.53 -41.02
CA SER E 257 29.33 10.36 -39.78
C SER E 257 30.20 11.61 -39.92
N GLU E 258 31.37 11.49 -40.56
CA GLU E 258 32.26 12.65 -40.82
C GLU E 258 31.54 13.70 -41.70
N ARG E 259 30.71 13.26 -42.66
CA ARG E 259 29.96 14.16 -43.57
C ARG E 259 28.97 15.02 -42.76
N TYR E 260 28.23 14.44 -41.82
CA TYR E 260 27.11 15.13 -41.13
C TYR E 260 27.56 15.81 -39.83
N TYR E 261 28.69 15.41 -39.25
CA TYR E 261 29.08 15.84 -37.87
C TYR E 261 29.12 17.37 -37.77
N PRO E 262 29.81 18.09 -38.69
CA PRO E 262 29.88 19.54 -38.60
C PRO E 262 28.49 20.21 -38.64
N ARG E 263 27.59 19.71 -39.49
CA ARG E 263 26.22 20.28 -39.63
C ARG E 263 25.42 20.00 -38.36
N PHE E 264 25.57 18.78 -37.82
CA PHE E 264 24.98 18.38 -36.53
C PHE E 264 25.35 19.43 -35.46
N LYS E 265 26.64 19.75 -35.34
CA LYS E 265 27.13 20.68 -34.29
C LYS E 265 26.53 22.07 -34.53
N GLN E 266 26.54 22.55 -35.78
CA GLN E 266 25.96 23.89 -36.11
C GLN E 266 24.47 23.89 -35.72
N THR E 267 23.75 22.82 -36.02
CA THR E 267 22.28 22.74 -35.77
C THR E 267 21.98 22.79 -34.28
N PHE E 268 22.71 22.05 -33.43
CA PHE E 268 22.23 21.74 -32.05
C PHE E 268 23.15 22.25 -30.94
N VAL E 269 24.45 22.41 -31.17
CA VAL E 269 25.40 22.61 -30.05
C VAL E 269 25.49 24.11 -29.73
N GLU E 270 25.22 24.47 -28.47
CA GLU E 270 25.39 25.86 -27.97
C GLU E 270 26.69 25.90 -27.16
N VAL E 271 27.69 26.60 -27.64
CA VAL E 271 28.92 26.91 -26.86
C VAL E 271 28.61 28.11 -25.95
N TYR E 272 28.99 28.06 -24.67
CA TYR E 272 28.68 29.15 -23.70
C TYR E 272 29.82 29.23 -22.69
N ASP E 273 29.73 30.20 -21.77
CA ASP E 273 30.73 30.45 -20.71
C ASP E 273 32.10 30.69 -21.36
N GLU E 274 32.17 31.61 -22.32
CA GLU E 274 33.44 32.10 -22.92
C GLU E 274 34.16 30.94 -23.60
N GLY E 275 33.44 30.00 -24.19
CA GLY E 275 34.04 28.83 -24.87
C GLY E 275 34.39 27.67 -23.95
N ARG E 276 34.15 27.75 -22.63
CA ARG E 276 34.58 26.71 -21.66
C ARG E 276 33.57 25.55 -21.64
N LYS E 277 32.30 25.82 -21.99
CA LYS E 277 31.16 24.87 -21.83
C LYS E 277 30.32 24.77 -23.11
N ALA E 278 29.57 23.69 -23.22
CA ALA E 278 28.61 23.50 -24.32
C ALA E 278 27.41 22.72 -23.83
N ARG E 279 26.25 22.99 -24.43
CA ARG E 279 25.03 22.22 -24.11
C ARG E 279 24.26 22.06 -25.40
N VAL E 280 23.46 21.00 -25.50
CA VAL E 280 22.91 20.56 -26.80
C VAL E 280 21.38 20.73 -26.77
N ARG E 281 20.86 21.51 -27.72
CA ARG E 281 19.40 21.63 -27.98
C ARG E 281 18.90 20.29 -28.53
N GLU E 282 17.73 19.82 -28.07
CA GLU E 282 17.20 18.48 -28.48
C GLU E 282 16.55 18.59 -29.88
N THR E 283 15.96 19.72 -30.24
CA THR E 283 15.23 19.87 -31.53
C THR E 283 15.42 21.29 -32.08
N ALA E 284 14.89 21.53 -33.27
CA ALA E 284 14.91 22.83 -33.99
C ALA E 284 13.89 23.79 -33.36
N GLY E 285 14.06 25.08 -33.61
CA GLY E 285 13.07 26.13 -33.25
C GLY E 285 12.97 26.34 -31.76
N THR E 286 14.05 26.14 -31.01
CA THR E 286 14.09 26.37 -29.54
C THR E 286 15.49 26.85 -29.18
N ASP E 287 15.60 27.59 -28.06
CA ASP E 287 16.88 27.95 -27.40
C ASP E 287 17.18 26.98 -26.27
N ASP E 288 16.17 26.19 -25.85
CA ASP E 288 16.24 25.31 -24.65
C ASP E 288 17.18 24.13 -24.94
N ALA E 289 18.06 23.84 -23.98
CA ALA E 289 18.98 22.69 -24.02
C ALA E 289 18.30 21.44 -23.45
N ASP E 290 18.60 20.26 -23.99
CA ASP E 290 18.31 18.97 -23.32
C ASP E 290 16.83 18.82 -23.03
N GLY E 291 15.97 19.28 -23.96
CA GLY E 291 14.53 18.96 -23.91
C GLY E 291 14.26 17.50 -24.23
N GLY E 292 12.99 17.13 -24.40
CA GLY E 292 12.59 15.76 -24.73
C GLY E 292 13.05 14.80 -23.64
N VAL E 293 13.75 13.73 -24.00
CA VAL E 293 14.21 12.70 -23.03
C VAL E 293 15.38 13.24 -22.21
N GLY E 294 15.96 14.39 -22.57
CA GLY E 294 16.99 15.09 -21.78
C GLY E 294 18.37 14.46 -21.91
N LEU E 295 18.65 13.83 -23.06
CA LEU E 295 19.90 13.05 -23.25
C LEU E 295 20.77 13.62 -24.38
N ALA E 296 20.35 14.70 -25.02
CA ALA E 296 21.09 15.29 -26.15
C ALA E 296 22.55 15.54 -25.74
N SER E 297 22.80 16.19 -24.60
CA SER E 297 24.18 16.59 -24.20
C SER E 297 25.02 15.33 -23.90
N ALA E 298 24.43 14.36 -23.20
CA ALA E 298 25.11 13.10 -22.81
C ALA E 298 25.46 12.28 -24.06
N PHE E 299 24.53 12.11 -25.00
CA PHE E 299 24.85 11.35 -26.24
C PHE E 299 25.83 12.13 -27.11
N THR E 300 25.82 13.46 -27.08
CA THR E 300 26.79 14.26 -27.88
C THR E 300 28.18 14.12 -27.27
N LEU E 301 28.27 13.93 -25.94
CA LEU E 301 29.57 13.66 -25.27
C LEU E 301 30.13 12.35 -25.84
N LEU E 302 29.29 11.33 -25.96
CA LEU E 302 29.68 10.06 -26.61
C LEU E 302 30.10 10.32 -28.06
N LEU E 303 29.33 11.07 -28.84
CA LEU E 303 29.66 11.34 -30.26
C LEU E 303 31.02 12.08 -30.34
N ALA E 304 31.24 13.10 -29.50
CA ALA E 304 32.50 13.86 -29.50
C ALA E 304 33.68 12.89 -29.28
N ARG E 305 33.55 11.99 -28.30
CA ARG E 305 34.57 10.95 -28.02
C ARG E 305 34.79 10.10 -29.29
N GLU E 306 33.72 9.60 -29.88
CA GLU E 306 33.77 8.73 -31.09
C GLU E 306 34.50 9.45 -32.23
N MET E 307 34.23 10.74 -32.39
CA MET E 307 34.77 11.55 -33.52
C MET E 307 36.14 12.13 -33.15
N GLY E 308 36.62 11.96 -31.92
CA GLY E 308 37.94 12.45 -31.51
C GLY E 308 37.95 13.96 -31.34
N ASP E 309 36.80 14.55 -30.99
CA ASP E 309 36.61 16.01 -30.83
C ASP E 309 36.86 16.36 -29.35
N GLN E 310 38.13 16.52 -28.97
CA GLN E 310 38.50 16.81 -27.56
C GLN E 310 37.88 18.15 -27.10
N GLN E 311 37.84 19.17 -27.95
CA GLN E 311 37.33 20.50 -27.57
C GLN E 311 35.84 20.36 -27.18
N LEU E 312 35.01 19.72 -28.03
CA LEU E 312 33.57 19.56 -27.69
C LEU E 312 33.41 18.62 -26.49
N PHE E 313 34.17 17.54 -26.41
CA PHE E 313 34.12 16.62 -25.25
C PHE E 313 34.33 17.42 -23.94
N ASP E 314 35.40 18.21 -23.89
CA ASP E 314 35.75 19.05 -22.73
C ASP E 314 34.59 20.00 -22.38
N GLN E 315 34.04 20.68 -23.37
CA GLN E 315 32.95 21.66 -23.17
C GLN E 315 31.72 20.96 -22.60
N LEU E 316 31.37 19.80 -23.14
CA LEU E 316 30.17 19.06 -22.70
C LEU E 316 30.39 18.55 -21.28
N LEU E 317 31.57 18.00 -20.98
CA LEU E 317 31.80 17.43 -19.63
C LEU E 317 31.80 18.56 -18.59
N ASN E 318 32.27 19.75 -18.96
CA ASN E 318 32.26 20.94 -18.07
C ASN E 318 30.82 21.35 -17.76
N HIS E 319 29.91 21.13 -18.70
CA HIS E 319 28.46 21.42 -18.53
C HIS E 319 27.81 20.33 -17.68
N LEU E 320 28.15 19.07 -17.93
CA LEU E 320 27.38 17.93 -17.38
C LEU E 320 27.86 17.56 -15.97
N GLU E 321 29.18 17.50 -15.73
CA GLU E 321 29.70 16.84 -14.52
C GLU E 321 29.66 17.76 -13.29
N PRO E 322 30.21 19.00 -13.31
CA PRO E 322 30.24 19.81 -12.09
C PRO E 322 28.89 19.96 -11.37
N PRO E 323 27.76 20.29 -12.06
CA PRO E 323 26.49 20.47 -11.38
C PRO E 323 25.96 19.19 -10.74
N ALA E 324 26.39 18.03 -11.25
CA ALA E 324 25.99 16.70 -10.73
C ALA E 324 26.71 16.38 -9.40
N LYS E 325 27.72 17.17 -9.05
CA LYS E 325 28.47 17.11 -7.76
C LYS E 325 28.98 15.68 -7.55
N PRO E 326 30.02 15.28 -8.33
CA PRO E 326 30.66 13.99 -8.11
C PRO E 326 31.44 13.99 -6.78
N SER E 327 31.47 12.86 -6.10
CA SER E 327 32.48 12.64 -5.03
C SER E 327 32.90 11.18 -5.06
N ILE E 328 34.14 10.95 -4.64
CA ILE E 328 34.71 9.59 -4.45
C ILE E 328 34.82 9.35 -2.94
N VAL E 329 34.02 8.42 -2.45
CA VAL E 329 34.00 8.03 -1.01
C VAL E 329 34.39 6.55 -0.96
N SER E 330 35.45 6.22 -0.21
CA SER E 330 35.94 4.82 -0.09
C SER E 330 36.25 4.28 -1.50
N ALA E 331 36.87 5.10 -2.34
CA ALA E 331 37.38 4.78 -3.71
C ALA E 331 36.23 4.38 -4.66
N SER E 332 35.02 4.90 -4.41
CA SER E 332 33.82 4.59 -5.22
C SER E 332 33.15 5.90 -5.62
N LEU E 333 32.78 6.03 -6.88
CA LEU E 333 32.22 7.30 -7.44
C LEU E 333 30.71 7.37 -7.18
N ARG E 334 30.22 8.53 -6.78
CA ARG E 334 28.77 8.83 -6.72
C ARG E 334 28.54 10.27 -7.19
N TYR E 335 27.38 10.52 -7.77
CA TYR E 335 26.87 11.84 -8.17
C TYR E 335 25.70 12.17 -7.22
N GLU E 336 25.76 13.31 -6.55
CA GLU E 336 24.68 13.79 -5.66
C GLU E 336 23.47 14.21 -6.51
N HIS E 337 23.68 14.82 -7.68
CA HIS E 337 22.60 15.41 -8.52
C HIS E 337 22.76 14.97 -9.97
N PRO E 338 22.54 13.68 -10.30
CA PRO E 338 22.58 13.22 -11.69
C PRO E 338 21.56 14.07 -12.45
N GLY E 339 21.95 14.61 -13.60
CA GLY E 339 21.13 15.59 -14.33
C GLY E 339 20.14 14.94 -15.28
N SER E 340 20.17 13.61 -15.44
CA SER E 340 19.36 12.91 -16.46
C SER E 340 19.23 11.43 -16.10
N LEU E 341 18.37 10.72 -16.83
CA LEU E 341 18.38 9.24 -16.88
C LEU E 341 19.74 8.82 -17.44
N LEU E 342 20.17 7.61 -17.11
CA LEU E 342 21.36 6.97 -17.71
C LEU E 342 22.62 7.83 -17.51
N PHE E 343 22.67 8.62 -16.45
CA PHE E 343 23.73 9.64 -16.24
C PHE E 343 25.07 8.96 -15.99
N ASP E 344 25.22 8.19 -14.91
CA ASP E 344 26.54 7.58 -14.59
C ASP E 344 26.92 6.60 -15.74
N GLU E 345 25.93 5.95 -16.36
CA GLU E 345 26.16 5.03 -17.50
C GLU E 345 26.83 5.76 -18.67
N LEU E 346 26.23 6.87 -19.12
CA LEU E 346 26.70 7.57 -20.36
C LEU E 346 27.98 8.35 -20.06
N LEU E 347 28.17 8.89 -18.85
CA LEU E 347 29.45 9.58 -18.52
C LEU E 347 30.60 8.57 -18.46
N PHE E 348 30.37 7.39 -17.89
CA PHE E 348 31.33 6.23 -17.86
C PHE E 348 31.70 5.88 -19.29
N LEU E 349 30.71 5.62 -20.12
CA LEU E 349 30.90 5.18 -21.52
C LEU E 349 31.74 6.24 -22.26
N ALA E 350 31.38 7.53 -22.19
CA ALA E 350 32.08 8.62 -22.91
C ALA E 350 33.53 8.73 -22.43
N LYS E 351 33.77 8.51 -21.14
CA LYS E 351 35.13 8.65 -20.57
C LYS E 351 36.06 7.56 -21.09
N VAL E 352 35.56 6.34 -21.30
CA VAL E 352 36.42 5.16 -21.68
C VAL E 352 36.37 4.88 -23.19
N HIS E 353 35.37 5.37 -23.91
CA HIS E 353 34.98 4.85 -25.26
C HIS E 353 36.18 4.89 -26.22
N ALA E 354 36.58 3.73 -26.74
CA ALA E 354 37.78 3.58 -27.59
C ALA E 354 37.40 3.76 -29.07
N GLY E 355 36.09 3.91 -29.36
CA GLY E 355 35.58 3.94 -30.73
C GLY E 355 34.99 2.61 -31.13
N PHE E 356 33.81 2.64 -31.77
CA PHE E 356 33.09 1.41 -32.17
C PHE E 356 33.96 0.61 -33.16
N GLY E 357 34.73 1.30 -34.00
CA GLY E 357 35.63 0.65 -34.95
C GLY E 357 36.71 -0.14 -34.21
N ALA E 358 37.26 0.43 -33.15
CA ALA E 358 38.33 -0.21 -32.36
C ALA E 358 37.76 -1.40 -31.59
N LEU E 359 36.51 -1.32 -31.13
CA LEU E 359 35.87 -2.48 -30.44
C LEU E 359 35.69 -3.64 -31.43
N LEU E 360 35.25 -3.35 -32.65
CA LEU E 360 35.15 -4.35 -33.75
C LEU E 360 36.49 -5.08 -33.95
N ARG E 361 37.60 -4.38 -33.81
CA ARG E 361 38.94 -4.94 -34.14
C ARG E 361 39.65 -5.40 -32.87
N MET E 362 38.94 -5.52 -31.75
CA MET E 362 39.55 -5.91 -30.47
C MET E 362 40.37 -7.17 -30.70
N PRO E 363 41.68 -7.15 -30.40
CA PRO E 363 42.49 -8.35 -30.52
C PRO E 363 42.05 -9.38 -29.48
N PRO E 364 42.26 -10.69 -29.72
CA PRO E 364 41.77 -11.72 -28.81
C PRO E 364 42.55 -11.70 -27.51
N PRO E 365 42.05 -12.37 -26.45
CA PRO E 365 42.80 -12.41 -25.18
C PRO E 365 44.02 -13.32 -25.28
C1 MLI F . -22.41 -1.36 -48.08
C2 MLI F . -22.85 -2.78 -47.68
C3 MLI F . -21.29 -0.80 -47.20
O6 MLI F . -21.98 -3.63 -47.45
O7 MLI F . -24.08 -3.02 -47.63
O8 MLI F . -21.49 -0.74 -45.99
O9 MLI F . -20.24 -0.40 -47.75
C1 MLI G . 31.20 -41.28 11.15
C2 MLI G . 30.44 -41.72 9.89
C3 MLI G . 30.55 -39.97 11.59
O6 MLI G . 29.18 -41.84 10.02
O7 MLI G . 31.09 -41.89 8.81
O8 MLI G . 30.27 -39.80 12.81
O9 MLI G . 30.24 -39.16 10.69
#